data_2VMI
# 
_entry.id   2VMI 
# 
_audit_conform.dict_name       mmcif_pdbx.dic 
_audit_conform.dict_version    5.398 
_audit_conform.dict_location   http://mmcif.pdb.org/dictionaries/ascii/mmcif_pdbx.dic 
# 
loop_
_database_2.database_id 
_database_2.database_code 
_database_2.pdbx_database_accession 
_database_2.pdbx_DOI 
PDB   2VMI         pdb_00002vmi 10.2210/pdb2vmi/pdb 
PDBE  EBI-35122    ?            ?                   
WWPDB D_1290035122 ?            ?                   
# 
loop_
_pdbx_audit_revision_history.ordinal 
_pdbx_audit_revision_history.data_content_type 
_pdbx_audit_revision_history.major_revision 
_pdbx_audit_revision_history.minor_revision 
_pdbx_audit_revision_history.revision_date 
1 'Structure model' 1 0 2008-02-19 
2 'Structure model' 1 1 2011-05-08 
3 'Structure model' 1 2 2011-07-13 
4 'Structure model' 1 3 2024-11-06 
# 
_pdbx_audit_revision_details.ordinal             1 
_pdbx_audit_revision_details.revision_ordinal    1 
_pdbx_audit_revision_details.data_content_type   'Structure model' 
_pdbx_audit_revision_details.provider            repository 
_pdbx_audit_revision_details.type                'Initial release' 
_pdbx_audit_revision_details.description         ? 
_pdbx_audit_revision_details.details             ? 
# 
loop_
_pdbx_audit_revision_group.ordinal 
_pdbx_audit_revision_group.revision_ordinal 
_pdbx_audit_revision_group.data_content_type 
_pdbx_audit_revision_group.group 
1 2 'Structure model' 'Version format compliance' 
2 3 'Structure model' 'Version format compliance' 
3 4 'Structure model' 'Data collection'           
4 4 'Structure model' 'Database references'       
5 4 'Structure model' 'Derived calculations'      
6 4 'Structure model' Other                       
7 4 'Structure model' 'Structure summary'         
# 
loop_
_pdbx_audit_revision_category.ordinal 
_pdbx_audit_revision_category.revision_ordinal 
_pdbx_audit_revision_category.data_content_type 
_pdbx_audit_revision_category.category 
1 4 'Structure model' chem_comp_atom            
2 4 'Structure model' chem_comp_bond            
3 4 'Structure model' database_2                
4 4 'Structure model' pdbx_database_status      
5 4 'Structure model' pdbx_entry_details        
6 4 'Structure model' pdbx_modification_feature 
7 4 'Structure model' pdbx_struct_conn_angle    
8 4 'Structure model' struct_conn               
# 
loop_
_pdbx_audit_revision_item.ordinal 
_pdbx_audit_revision_item.revision_ordinal 
_pdbx_audit_revision_item.data_content_type 
_pdbx_audit_revision_item.item 
1  4 'Structure model' '_database_2.pdbx_DOI'                        
2  4 'Structure model' '_database_2.pdbx_database_accession'         
3  4 'Structure model' '_pdbx_database_status.status_code_sf'        
4  4 'Structure model' '_pdbx_struct_conn_angle.ptnr1_auth_comp_id'  
5  4 'Structure model' '_pdbx_struct_conn_angle.ptnr1_auth_seq_id'   
6  4 'Structure model' '_pdbx_struct_conn_angle.ptnr1_label_asym_id' 
7  4 'Structure model' '_pdbx_struct_conn_angle.ptnr1_label_atom_id' 
8  4 'Structure model' '_pdbx_struct_conn_angle.ptnr1_label_comp_id' 
9  4 'Structure model' '_pdbx_struct_conn_angle.ptnr1_label_seq_id'  
10 4 'Structure model' '_pdbx_struct_conn_angle.ptnr3_auth_comp_id'  
11 4 'Structure model' '_pdbx_struct_conn_angle.ptnr3_auth_seq_id'   
12 4 'Structure model' '_pdbx_struct_conn_angle.ptnr3_label_asym_id' 
13 4 'Structure model' '_pdbx_struct_conn_angle.ptnr3_label_atom_id' 
14 4 'Structure model' '_pdbx_struct_conn_angle.ptnr3_label_comp_id' 
15 4 'Structure model' '_pdbx_struct_conn_angle.ptnr3_label_seq_id'  
16 4 'Structure model' '_pdbx_struct_conn_angle.value'               
17 4 'Structure model' '_struct_conn.pdbx_dist_value'                
18 4 'Structure model' '_struct_conn.pdbx_leaving_atom_flag'         
19 4 'Structure model' '_struct_conn.ptnr1_auth_comp_id'             
20 4 'Structure model' '_struct_conn.ptnr1_auth_seq_id'              
21 4 'Structure model' '_struct_conn.ptnr1_label_asym_id'            
22 4 'Structure model' '_struct_conn.ptnr1_label_atom_id'            
23 4 'Structure model' '_struct_conn.ptnr1_label_comp_id'            
24 4 'Structure model' '_struct_conn.ptnr1_label_seq_id'             
25 4 'Structure model' '_struct_conn.ptnr2_auth_comp_id'             
26 4 'Structure model' '_struct_conn.ptnr2_auth_seq_id'              
27 4 'Structure model' '_struct_conn.ptnr2_label_asym_id'            
28 4 'Structure model' '_struct_conn.ptnr2_label_atom_id'            
29 4 'Structure model' '_struct_conn.ptnr2_label_comp_id'            
30 4 'Structure model' '_struct_conn.ptnr2_label_seq_id'             
# 
_pdbx_database_status.status_code                     REL 
_pdbx_database_status.entry_id                        2VMI 
_pdbx_database_status.deposit_site                    PDBE 
_pdbx_database_status.process_site                    PDBE 
_pdbx_database_status.SG_entry                        . 
_pdbx_database_status.recvd_initial_deposition_date   2008-01-25 
_pdbx_database_status.pdb_format_compatible           Y 
_pdbx_database_status.status_code_sf                  REL 
_pdbx_database_status.status_code_mr                  ? 
_pdbx_database_status.status_code_cs                  ? 
_pdbx_database_status.methods_development_category    ? 
_pdbx_database_status.status_code_nmr_data            ? 
# 
loop_
_pdbx_database_related.db_name 
_pdbx_database_related.db_id 
_pdbx_database_related.content_type 
_pdbx_database_related.details 
PDB 2VMG unspecified 'THE STRUCTURE OF CBM51 FROM CLOSTRIDIUM PERFRINGENS GH95 IN COMPLEX WITH METHYL- GALACTOSE' 
PDB 2VMH unspecified 'THE STRUCTURE OF CBM51 FROM CLOSTRIDIUM PERFRINGENS GH95'                                   
# 
loop_
_audit_author.name 
_audit_author.pdbx_ordinal 
'Gregg, K.'      1 
'Finn, R.'       2 
'Abbott, D.W.'   3 
'Boraston, A.B.' 4 
# 
_citation.id                        primary 
_citation.title                     'Divergent Modes of Glycan Recognition by a New Family of Carbohydrate-Binding Modules' 
_citation.journal_abbrev            J.Biol.Chem. 
_citation.journal_volume            283 
_citation.page_first                12604 
_citation.page_last                 ? 
_citation.year                      2008 
_citation.journal_id_ASTM           JBCHA3 
_citation.country                   US 
_citation.journal_id_ISSN           0021-9258 
_citation.journal_id_CSD            0071 
_citation.book_publisher            ? 
_citation.pdbx_database_id_PubMed   18292090 
_citation.pdbx_database_id_DOI      10.1074/JBC.M709865200 
# 
loop_
_citation_author.citation_id 
_citation_author.name 
_citation_author.ordinal 
_citation_author.identifier_ORCID 
primary 'Gregg, K.'      1 ? 
primary 'Finn, R.'       2 ? 
primary 'Abbott, D.W.'   3 ? 
primary 'Boraston, A.B.' 4 ? 
# 
loop_
_entity.id 
_entity.type 
_entity.src_method 
_entity.pdbx_description 
_entity.formula_weight 
_entity.pdbx_number_of_molecules 
_entity.pdbx_ec 
_entity.pdbx_mutation 
_entity.pdbx_fragment 
_entity.details 
1 polymer     man 'FIBRONECTIN TYPE III DOMAIN PROTEIN' 16388.682 1   ? ? 'CARBOHYDRATE-BINDING MODULE, RESIDUES 900-1050' ? 
2 non-polymer syn 'CALCIUM ION'                         40.078    1   ? ? ?                                                ? 
3 water       nat water                                 18.015    132 ? ? ?                                                ? 
# 
_entity_name_com.entity_id   1 
_entity_name_com.name        GH95CBM51 
# 
_entity_poly.entity_id                      1 
_entity_poly.type                           'polypeptide(L)' 
_entity_poly.nstd_linkage                   no 
_entity_poly.nstd_monomer                   yes 
_entity_poly.pdbx_seq_one_letter_code       
;EKVAVETSVYLSELEWKSASTGYGEIQKDASCDGNTITLKGENGEKVSYDKGIGTHAHSEIVYSLEGLDYYDYFETFVGV
DQE(MSE)AGTVASISFEVYLDNEKVFDSGL(MSE)TGDTTQKHVKVPIAGKNTLKLVVKDGGDSIGSDHGSFGDAKLT
;
_entity_poly.pdbx_seq_one_letter_code_can   
;EKVAVETSVYLSELEWKSASTGYGEIQKDASCDGNTITLKGENGEKVSYDKGIGTHAHSEIVYSLEGLDYYDYFETFVGV
DQEMAGTVASISFEVYLDNEKVFDSGLMTGDTTQKHVKVPIAGKNTLKLVVKDGGDSIGSDHGSFGDAKLT
;
_entity_poly.pdbx_strand_id                 A 
_entity_poly.pdbx_target_identifier         ? 
# 
loop_
_pdbx_entity_nonpoly.entity_id 
_pdbx_entity_nonpoly.name 
_pdbx_entity_nonpoly.comp_id 
2 'CALCIUM ION' CA  
3 water         HOH 
# 
loop_
_entity_poly_seq.entity_id 
_entity_poly_seq.num 
_entity_poly_seq.mon_id 
_entity_poly_seq.hetero 
1 1   GLU n 
1 2   LYS n 
1 3   VAL n 
1 4   ALA n 
1 5   VAL n 
1 6   GLU n 
1 7   THR n 
1 8   SER n 
1 9   VAL n 
1 10  TYR n 
1 11  LEU n 
1 12  SER n 
1 13  GLU n 
1 14  LEU n 
1 15  GLU n 
1 16  TRP n 
1 17  LYS n 
1 18  SER n 
1 19  ALA n 
1 20  SER n 
1 21  THR n 
1 22  GLY n 
1 23  TYR n 
1 24  GLY n 
1 25  GLU n 
1 26  ILE n 
1 27  GLN n 
1 28  LYS n 
1 29  ASP n 
1 30  ALA n 
1 31  SER n 
1 32  CYS n 
1 33  ASP n 
1 34  GLY n 
1 35  ASN n 
1 36  THR n 
1 37  ILE n 
1 38  THR n 
1 39  LEU n 
1 40  LYS n 
1 41  GLY n 
1 42  GLU n 
1 43  ASN n 
1 44  GLY n 
1 45  GLU n 
1 46  LYS n 
1 47  VAL n 
1 48  SER n 
1 49  TYR n 
1 50  ASP n 
1 51  LYS n 
1 52  GLY n 
1 53  ILE n 
1 54  GLY n 
1 55  THR n 
1 56  HIS n 
1 57  ALA n 
1 58  HIS n 
1 59  SER n 
1 60  GLU n 
1 61  ILE n 
1 62  VAL n 
1 63  TYR n 
1 64  SER n 
1 65  LEU n 
1 66  GLU n 
1 67  GLY n 
1 68  LEU n 
1 69  ASP n 
1 70  TYR n 
1 71  TYR n 
1 72  ASP n 
1 73  TYR n 
1 74  PHE n 
1 75  GLU n 
1 76  THR n 
1 77  PHE n 
1 78  VAL n 
1 79  GLY n 
1 80  VAL n 
1 81  ASP n 
1 82  GLN n 
1 83  GLU n 
1 84  MSE n 
1 85  ALA n 
1 86  GLY n 
1 87  THR n 
1 88  VAL n 
1 89  ALA n 
1 90  SER n 
1 91  ILE n 
1 92  SER n 
1 93  PHE n 
1 94  GLU n 
1 95  VAL n 
1 96  TYR n 
1 97  LEU n 
1 98  ASP n 
1 99  ASN n 
1 100 GLU n 
1 101 LYS n 
1 102 VAL n 
1 103 PHE n 
1 104 ASP n 
1 105 SER n 
1 106 GLY n 
1 107 LEU n 
1 108 MSE n 
1 109 THR n 
1 110 GLY n 
1 111 ASP n 
1 112 THR n 
1 113 THR n 
1 114 GLN n 
1 115 LYS n 
1 116 HIS n 
1 117 VAL n 
1 118 LYS n 
1 119 VAL n 
1 120 PRO n 
1 121 ILE n 
1 122 ALA n 
1 123 GLY n 
1 124 LYS n 
1 125 ASN n 
1 126 THR n 
1 127 LEU n 
1 128 LYS n 
1 129 LEU n 
1 130 VAL n 
1 131 VAL n 
1 132 LYS n 
1 133 ASP n 
1 134 GLY n 
1 135 GLY n 
1 136 ASP n 
1 137 SER n 
1 138 ILE n 
1 139 GLY n 
1 140 SER n 
1 141 ASP n 
1 142 HIS n 
1 143 GLY n 
1 144 SER n 
1 145 PHE n 
1 146 GLY n 
1 147 ASP n 
1 148 ALA n 
1 149 LYS n 
1 150 LEU n 
1 151 THR n 
# 
_entity_src_gen.entity_id                          1 
_entity_src_gen.pdbx_src_id                        1 
_entity_src_gen.pdbx_alt_source_flag               sample 
_entity_src_gen.pdbx_seq_type                      ? 
_entity_src_gen.pdbx_beg_seq_num                   ? 
_entity_src_gen.pdbx_end_seq_num                   ? 
_entity_src_gen.gene_src_common_name               ? 
_entity_src_gen.gene_src_genus                     ? 
_entity_src_gen.pdbx_gene_src_gene                 ? 
_entity_src_gen.gene_src_species                   ? 
_entity_src_gen.gene_src_strain                    ? 
_entity_src_gen.gene_src_tissue                    ? 
_entity_src_gen.gene_src_tissue_fraction           ? 
_entity_src_gen.gene_src_details                   ? 
_entity_src_gen.pdbx_gene_src_fragment             ? 
_entity_src_gen.pdbx_gene_src_scientific_name      'CLOSTRIDIUM PERFRINGENS' 
_entity_src_gen.pdbx_gene_src_ncbi_taxonomy_id     1502 
_entity_src_gen.pdbx_gene_src_variant              ? 
_entity_src_gen.pdbx_gene_src_cell_line            ? 
_entity_src_gen.pdbx_gene_src_atcc                 13124 
_entity_src_gen.pdbx_gene_src_organ                ? 
_entity_src_gen.pdbx_gene_src_organelle            ? 
_entity_src_gen.pdbx_gene_src_cell                 ? 
_entity_src_gen.pdbx_gene_src_cellular_location    ? 
_entity_src_gen.host_org_common_name               ? 
_entity_src_gen.pdbx_host_org_scientific_name      'ESCHERICHIA COLI' 
_entity_src_gen.pdbx_host_org_ncbi_taxonomy_id     511693 
_entity_src_gen.host_org_genus                     ? 
_entity_src_gen.pdbx_host_org_gene                 ? 
_entity_src_gen.pdbx_host_org_organ                ? 
_entity_src_gen.host_org_species                   ? 
_entity_src_gen.pdbx_host_org_tissue               ? 
_entity_src_gen.pdbx_host_org_tissue_fraction      ? 
_entity_src_gen.pdbx_host_org_strain               BL21 
_entity_src_gen.pdbx_host_org_variant              ? 
_entity_src_gen.pdbx_host_org_cell_line            ? 
_entity_src_gen.pdbx_host_org_atcc                 ? 
_entity_src_gen.pdbx_host_org_culture_collection   ? 
_entity_src_gen.pdbx_host_org_cell                 ? 
_entity_src_gen.pdbx_host_org_organelle            ? 
_entity_src_gen.pdbx_host_org_cellular_location    ? 
_entity_src_gen.pdbx_host_org_vector_type          ? 
_entity_src_gen.pdbx_host_org_vector               ? 
_entity_src_gen.host_org_details                   ? 
_entity_src_gen.expression_system_id               ? 
_entity_src_gen.plasmid_name                       'PET 28A' 
_entity_src_gen.plasmid_details                    ? 
_entity_src_gen.pdbx_description                   ? 
# 
loop_
_chem_comp.id 
_chem_comp.type 
_chem_comp.mon_nstd_flag 
_chem_comp.name 
_chem_comp.pdbx_synonyms 
_chem_comp.formula 
_chem_comp.formula_weight 
ALA 'L-peptide linking' y ALANINE          ? 'C3 H7 N O2'     89.093  
ASN 'L-peptide linking' y ASPARAGINE       ? 'C4 H8 N2 O3'    132.118 
ASP 'L-peptide linking' y 'ASPARTIC ACID'  ? 'C4 H7 N O4'     133.103 
CA  non-polymer         . 'CALCIUM ION'    ? 'Ca 2'           40.078  
CYS 'L-peptide linking' y CYSTEINE         ? 'C3 H7 N O2 S'   121.158 
GLN 'L-peptide linking' y GLUTAMINE        ? 'C5 H10 N2 O3'   146.144 
GLU 'L-peptide linking' y 'GLUTAMIC ACID'  ? 'C5 H9 N O4'     147.129 
GLY 'peptide linking'   y GLYCINE          ? 'C2 H5 N O2'     75.067  
HIS 'L-peptide linking' y HISTIDINE        ? 'C6 H10 N3 O2 1' 156.162 
HOH non-polymer         . WATER            ? 'H2 O'           18.015  
ILE 'L-peptide linking' y ISOLEUCINE       ? 'C6 H13 N O2'    131.173 
LEU 'L-peptide linking' y LEUCINE          ? 'C6 H13 N O2'    131.173 
LYS 'L-peptide linking' y LYSINE           ? 'C6 H15 N2 O2 1' 147.195 
MSE 'L-peptide linking' n SELENOMETHIONINE ? 'C5 H11 N O2 Se' 196.106 
PHE 'L-peptide linking' y PHENYLALANINE    ? 'C9 H11 N O2'    165.189 
PRO 'L-peptide linking' y PROLINE          ? 'C5 H9 N O2'     115.130 
SER 'L-peptide linking' y SERINE           ? 'C3 H7 N O3'     105.093 
THR 'L-peptide linking' y THREONINE        ? 'C4 H9 N O3'     119.119 
TRP 'L-peptide linking' y TRYPTOPHAN       ? 'C11 H12 N2 O2'  204.225 
TYR 'L-peptide linking' y TYROSINE         ? 'C9 H11 N O3'    181.189 
VAL 'L-peptide linking' y VALINE           ? 'C5 H11 N O2'    117.146 
# 
loop_
_pdbx_poly_seq_scheme.asym_id 
_pdbx_poly_seq_scheme.entity_id 
_pdbx_poly_seq_scheme.seq_id 
_pdbx_poly_seq_scheme.mon_id 
_pdbx_poly_seq_scheme.ndb_seq_num 
_pdbx_poly_seq_scheme.pdb_seq_num 
_pdbx_poly_seq_scheme.auth_seq_num 
_pdbx_poly_seq_scheme.pdb_mon_id 
_pdbx_poly_seq_scheme.auth_mon_id 
_pdbx_poly_seq_scheme.pdb_strand_id 
_pdbx_poly_seq_scheme.pdb_ins_code 
_pdbx_poly_seq_scheme.hetero 
A 1 1   GLU 1   900  ?    ?   ?   A . n 
A 1 2   LYS 2   901  ?    ?   ?   A . n 
A 1 3   VAL 3   902  ?    ?   ?   A . n 
A 1 4   ALA 4   903  ?    ?   ?   A . n 
A 1 5   VAL 5   904  ?    ?   ?   A . n 
A 1 6   GLU 6   905  905  GLU GLU A . n 
A 1 7   THR 7   906  906  THR THR A . n 
A 1 8   SER 8   907  907  SER SER A . n 
A 1 9   VAL 9   908  908  VAL VAL A . n 
A 1 10  TYR 10  909  909  TYR TYR A . n 
A 1 11  LEU 11  910  910  LEU LEU A . n 
A 1 12  SER 12  911  911  SER SER A . n 
A 1 13  GLU 13  912  912  GLU GLU A . n 
A 1 14  LEU 14  913  913  LEU LEU A . n 
A 1 15  GLU 15  914  914  GLU GLU A . n 
A 1 16  TRP 16  915  915  TRP TRP A . n 
A 1 17  LYS 17  916  916  LYS LYS A . n 
A 1 18  SER 18  917  917  SER SER A . n 
A 1 19  ALA 19  918  918  ALA ALA A . n 
A 1 20  SER 20  919  919  SER SER A . n 
A 1 21  THR 21  920  920  THR THR A . n 
A 1 22  GLY 22  921  921  GLY GLY A . n 
A 1 23  TYR 23  922  922  TYR TYR A . n 
A 1 24  GLY 24  923  923  GLY GLY A . n 
A 1 25  GLU 25  924  924  GLU GLU A . n 
A 1 26  ILE 26  925  925  ILE ILE A . n 
A 1 27  GLN 27  926  926  GLN GLN A . n 
A 1 28  LYS 28  927  927  LYS LYS A . n 
A 1 29  ASP 29  928  928  ASP ASP A . n 
A 1 30  ALA 30  929  929  ALA ALA A . n 
A 1 31  SER 31  930  930  SER SER A . n 
A 1 32  CYS 32  931  931  CYS CYS A . n 
A 1 33  ASP 33  932  932  ASP ASP A . n 
A 1 34  GLY 34  933  933  GLY GLY A . n 
A 1 35  ASN 35  934  934  ASN ASN A . n 
A 1 36  THR 36  935  935  THR THR A . n 
A 1 37  ILE 37  936  936  ILE ILE A . n 
A 1 38  THR 38  937  937  THR THR A . n 
A 1 39  LEU 39  938  938  LEU LEU A . n 
A 1 40  LYS 40  939  939  LYS LYS A . n 
A 1 41  GLY 41  940  940  GLY GLY A . n 
A 1 42  GLU 42  941  941  GLU GLU A . n 
A 1 43  ASN 43  942  942  ASN ASN A . n 
A 1 44  GLY 44  943  943  GLY GLY A . n 
A 1 45  GLU 45  944  944  GLU GLU A . n 
A 1 46  LYS 46  945  945  LYS LYS A . n 
A 1 47  VAL 47  946  946  VAL VAL A . n 
A 1 48  SER 48  947  947  SER SER A . n 
A 1 49  TYR 49  948  948  TYR TYR A . n 
A 1 50  ASP 50  949  949  ASP ASP A . n 
A 1 51  LYS 51  950  950  LYS LYS A . n 
A 1 52  GLY 52  951  951  GLY GLY A . n 
A 1 53  ILE 53  952  952  ILE ILE A . n 
A 1 54  GLY 54  953  953  GLY GLY A . n 
A 1 55  THR 55  954  954  THR THR A . n 
A 1 56  HIS 56  955  955  HIS HIS A . n 
A 1 57  ALA 57  956  956  ALA ALA A . n 
A 1 58  HIS 58  957  957  HIS HIS A . n 
A 1 59  SER 59  958  958  SER SER A . n 
A 1 60  GLU 60  959  959  GLU GLU A . n 
A 1 61  ILE 61  960  960  ILE ILE A . n 
A 1 62  VAL 62  961  961  VAL VAL A . n 
A 1 63  TYR 63  962  962  TYR TYR A . n 
A 1 64  SER 64  963  963  SER SER A . n 
A 1 65  LEU 65  964  964  LEU LEU A . n 
A 1 66  GLU 66  965  965  GLU GLU A . n 
A 1 67  GLY 67  966  966  GLY GLY A . n 
A 1 68  LEU 68  967  967  LEU LEU A . n 
A 1 69  ASP 69  968  968  ASP ASP A . n 
A 1 70  TYR 70  969  969  TYR TYR A . n 
A 1 71  TYR 71  970  970  TYR TYR A . n 
A 1 72  ASP 72  971  971  ASP ASP A . n 
A 1 73  TYR 73  972  972  TYR TYR A . n 
A 1 74  PHE 74  973  973  PHE PHE A . n 
A 1 75  GLU 75  974  974  GLU GLU A . n 
A 1 76  THR 76  975  975  THR THR A . n 
A 1 77  PHE 77  976  976  PHE PHE A . n 
A 1 78  VAL 78  977  977  VAL VAL A . n 
A 1 79  GLY 79  978  978  GLY GLY A . n 
A 1 80  VAL 80  979  979  VAL VAL A . n 
A 1 81  ASP 81  980  980  ASP ASP A . n 
A 1 82  GLN 82  981  981  GLN GLN A . n 
A 1 83  GLU 83  982  982  GLU GLU A . n 
A 1 84  MSE 84  983  983  MSE MSE A . n 
A 1 85  ALA 85  984  984  ALA ALA A . n 
A 1 86  GLY 86  985  985  GLY GLY A . n 
A 1 87  THR 87  986  986  THR THR A . n 
A 1 88  VAL 88  987  987  VAL VAL A . n 
A 1 89  ALA 89  988  988  ALA ALA A . n 
A 1 90  SER 90  989  989  SER SER A . n 
A 1 91  ILE 91  990  990  ILE ILE A . n 
A 1 92  SER 92  991  991  SER SER A . n 
A 1 93  PHE 93  992  992  PHE PHE A . n 
A 1 94  GLU 94  993  993  GLU GLU A . n 
A 1 95  VAL 95  994  994  VAL VAL A . n 
A 1 96  TYR 96  995  995  TYR TYR A . n 
A 1 97  LEU 97  996  996  LEU LEU A . n 
A 1 98  ASP 98  997  997  ASP ASP A . n 
A 1 99  ASN 99  998  998  ASN ASN A . n 
A 1 100 GLU 100 999  999  GLU GLU A . n 
A 1 101 LYS 101 1000 1000 LYS LYS A . n 
A 1 102 VAL 102 1001 1001 VAL VAL A . n 
A 1 103 PHE 103 1002 1002 PHE PHE A . n 
A 1 104 ASP 104 1003 1003 ASP ASP A . n 
A 1 105 SER 105 1004 1004 SER SER A . n 
A 1 106 GLY 106 1005 1005 GLY GLY A . n 
A 1 107 LEU 107 1006 1006 LEU LEU A . n 
A 1 108 MSE 108 1007 1007 MSE MSE A . n 
A 1 109 THR 109 1008 1008 THR THR A . n 
A 1 110 GLY 110 1009 1009 GLY GLY A . n 
A 1 111 ASP 111 1010 1010 ASP ASP A . n 
A 1 112 THR 112 1011 1011 THR THR A . n 
A 1 113 THR 113 1012 1012 THR THR A . n 
A 1 114 GLN 114 1013 1013 GLN GLN A . n 
A 1 115 LYS 115 1014 1014 LYS LYS A . n 
A 1 116 HIS 116 1015 1015 HIS HIS A . n 
A 1 117 VAL 117 1016 1016 VAL VAL A . n 
A 1 118 LYS 118 1017 1017 LYS LYS A . n 
A 1 119 VAL 119 1018 1018 VAL VAL A . n 
A 1 120 PRO 120 1019 1019 PRO PRO A . n 
A 1 121 ILE 121 1020 1020 ILE ILE A . n 
A 1 122 ALA 122 1021 1021 ALA ALA A . n 
A 1 123 GLY 123 1022 1022 GLY GLY A . n 
A 1 124 LYS 124 1023 1023 LYS LYS A . n 
A 1 125 ASN 125 1024 1024 ASN ASN A . n 
A 1 126 THR 126 1025 1025 THR THR A . n 
A 1 127 LEU 127 1026 1026 LEU LEU A . n 
A 1 128 LYS 128 1027 1027 LYS LYS A . n 
A 1 129 LEU 129 1028 1028 LEU LEU A . n 
A 1 130 VAL 130 1029 1029 VAL VAL A . n 
A 1 131 VAL 131 1030 1030 VAL VAL A . n 
A 1 132 LYS 132 1031 1031 LYS LYS A . n 
A 1 133 ASP 133 1032 1032 ASP ASP A . n 
A 1 134 GLY 134 1033 1033 GLY GLY A . n 
A 1 135 GLY 135 1034 1034 GLY GLY A . n 
A 1 136 ASP 136 1035 1035 ASP ASP A . n 
A 1 137 SER 137 1036 1036 SER SER A . n 
A 1 138 ILE 138 1037 1037 ILE ILE A . n 
A 1 139 GLY 139 1038 1038 GLY GLY A . n 
A 1 140 SER 140 1039 1039 SER SER A . n 
A 1 141 ASP 141 1040 1040 ASP ASP A . n 
A 1 142 HIS 142 1041 1041 HIS HIS A . n 
A 1 143 GLY 143 1042 1042 GLY GLY A . n 
A 1 144 SER 144 1043 1043 SER SER A . n 
A 1 145 PHE 145 1044 1044 PHE PHE A . n 
A 1 146 GLY 146 1045 1045 GLY GLY A . n 
A 1 147 ASP 147 1046 1046 ASP ASP A . n 
A 1 148 ALA 148 1047 1047 ALA ALA A . n 
A 1 149 LYS 149 1048 1048 LYS LYS A . n 
A 1 150 LEU 150 1049 1049 LEU LEU A . n 
A 1 151 THR 151 1050 1050 THR THR A . n 
# 
loop_
_pdbx_nonpoly_scheme.asym_id 
_pdbx_nonpoly_scheme.entity_id 
_pdbx_nonpoly_scheme.mon_id 
_pdbx_nonpoly_scheme.ndb_seq_num 
_pdbx_nonpoly_scheme.pdb_seq_num 
_pdbx_nonpoly_scheme.auth_seq_num 
_pdbx_nonpoly_scheme.pdb_mon_id 
_pdbx_nonpoly_scheme.auth_mon_id 
_pdbx_nonpoly_scheme.pdb_strand_id 
_pdbx_nonpoly_scheme.pdb_ins_code 
B 2 CA  1   3050 3050 CA  CA  A . 
C 3 HOH 1   2001 2001 HOH HOH A . 
C 3 HOH 2   2002 2002 HOH HOH A . 
C 3 HOH 3   2003 2003 HOH HOH A . 
C 3 HOH 4   2004 2004 HOH HOH A . 
C 3 HOH 5   2005 2005 HOH HOH A . 
C 3 HOH 6   2006 2006 HOH HOH A . 
C 3 HOH 7   2007 2007 HOH HOH A . 
C 3 HOH 8   2008 2008 HOH HOH A . 
C 3 HOH 9   2009 2009 HOH HOH A . 
C 3 HOH 10  2010 2010 HOH HOH A . 
C 3 HOH 11  2011 2011 HOH HOH A . 
C 3 HOH 12  2012 2012 HOH HOH A . 
C 3 HOH 13  2013 2013 HOH HOH A . 
C 3 HOH 14  2014 2014 HOH HOH A . 
C 3 HOH 15  2015 2015 HOH HOH A . 
C 3 HOH 16  2016 2016 HOH HOH A . 
C 3 HOH 17  2017 2017 HOH HOH A . 
C 3 HOH 18  2018 2018 HOH HOH A . 
C 3 HOH 19  2019 2019 HOH HOH A . 
C 3 HOH 20  2020 2020 HOH HOH A . 
C 3 HOH 21  2021 2021 HOH HOH A . 
C 3 HOH 22  2022 2022 HOH HOH A . 
C 3 HOH 23  2023 2023 HOH HOH A . 
C 3 HOH 24  2024 2024 HOH HOH A . 
C 3 HOH 25  2025 2025 HOH HOH A . 
C 3 HOH 26  2026 2026 HOH HOH A . 
C 3 HOH 27  2027 2027 HOH HOH A . 
C 3 HOH 28  2028 2028 HOH HOH A . 
C 3 HOH 29  2029 2029 HOH HOH A . 
C 3 HOH 30  2030 2030 HOH HOH A . 
C 3 HOH 31  2031 2031 HOH HOH A . 
C 3 HOH 32  2032 2032 HOH HOH A . 
C 3 HOH 33  2033 2033 HOH HOH A . 
C 3 HOH 34  2034 2034 HOH HOH A . 
C 3 HOH 35  2035 2035 HOH HOH A . 
C 3 HOH 36  2036 2036 HOH HOH A . 
C 3 HOH 37  2037 2037 HOH HOH A . 
C 3 HOH 38  2038 2038 HOH HOH A . 
C 3 HOH 39  2039 2039 HOH HOH A . 
C 3 HOH 40  2040 2040 HOH HOH A . 
C 3 HOH 41  2041 2041 HOH HOH A . 
C 3 HOH 42  2042 2042 HOH HOH A . 
C 3 HOH 43  2043 2043 HOH HOH A . 
C 3 HOH 44  2044 2044 HOH HOH A . 
C 3 HOH 45  2045 2045 HOH HOH A . 
C 3 HOH 46  2046 2046 HOH HOH A . 
C 3 HOH 47  2047 2047 HOH HOH A . 
C 3 HOH 48  2048 2048 HOH HOH A . 
C 3 HOH 49  2049 2049 HOH HOH A . 
C 3 HOH 50  2050 2050 HOH HOH A . 
C 3 HOH 51  2051 2051 HOH HOH A . 
C 3 HOH 52  2052 2052 HOH HOH A . 
C 3 HOH 53  2053 2053 HOH HOH A . 
C 3 HOH 54  2054 2054 HOH HOH A . 
C 3 HOH 55  2055 2055 HOH HOH A . 
C 3 HOH 56  2056 2056 HOH HOH A . 
C 3 HOH 57  2057 2057 HOH HOH A . 
C 3 HOH 58  2058 2058 HOH HOH A . 
C 3 HOH 59  2059 2059 HOH HOH A . 
C 3 HOH 60  2060 2060 HOH HOH A . 
C 3 HOH 61  2061 2061 HOH HOH A . 
C 3 HOH 62  2062 2062 HOH HOH A . 
C 3 HOH 63  2063 2063 HOH HOH A . 
C 3 HOH 64  2064 2064 HOH HOH A . 
C 3 HOH 65  2065 2065 HOH HOH A . 
C 3 HOH 66  2066 2066 HOH HOH A . 
C 3 HOH 67  2067 2067 HOH HOH A . 
C 3 HOH 68  2068 2068 HOH HOH A . 
C 3 HOH 69  2069 2069 HOH HOH A . 
C 3 HOH 70  2070 2070 HOH HOH A . 
C 3 HOH 71  2071 2071 HOH HOH A . 
C 3 HOH 72  2072 2072 HOH HOH A . 
C 3 HOH 73  2073 2073 HOH HOH A . 
C 3 HOH 74  2074 2074 HOH HOH A . 
C 3 HOH 75  2075 2075 HOH HOH A . 
C 3 HOH 76  2076 2076 HOH HOH A . 
C 3 HOH 77  2077 2077 HOH HOH A . 
C 3 HOH 78  2078 2078 HOH HOH A . 
C 3 HOH 79  2079 2079 HOH HOH A . 
C 3 HOH 80  2080 2080 HOH HOH A . 
C 3 HOH 81  2081 2081 HOH HOH A . 
C 3 HOH 82  2082 2082 HOH HOH A . 
C 3 HOH 83  2083 2083 HOH HOH A . 
C 3 HOH 84  2084 2084 HOH HOH A . 
C 3 HOH 85  2085 2085 HOH HOH A . 
C 3 HOH 86  2086 2086 HOH HOH A . 
C 3 HOH 87  2087 2087 HOH HOH A . 
C 3 HOH 88  2088 2088 HOH HOH A . 
C 3 HOH 89  2089 2089 HOH HOH A . 
C 3 HOH 90  2090 2090 HOH HOH A . 
C 3 HOH 91  2091 2091 HOH HOH A . 
C 3 HOH 92  2092 2092 HOH HOH A . 
C 3 HOH 93  2093 2093 HOH HOH A . 
C 3 HOH 94  2094 2094 HOH HOH A . 
C 3 HOH 95  2095 2095 HOH HOH A . 
C 3 HOH 96  2096 2096 HOH HOH A . 
C 3 HOH 97  2097 2097 HOH HOH A . 
C 3 HOH 98  2098 2098 HOH HOH A . 
C 3 HOH 99  2099 2099 HOH HOH A . 
C 3 HOH 100 2100 2100 HOH HOH A . 
C 3 HOH 101 2101 2101 HOH HOH A . 
C 3 HOH 102 2102 2102 HOH HOH A . 
C 3 HOH 103 2103 2103 HOH HOH A . 
C 3 HOH 104 2104 2104 HOH HOH A . 
C 3 HOH 105 2105 2105 HOH HOH A . 
C 3 HOH 106 2106 2106 HOH HOH A . 
C 3 HOH 107 2107 2107 HOH HOH A . 
C 3 HOH 108 2108 2108 HOH HOH A . 
C 3 HOH 109 2109 2109 HOH HOH A . 
C 3 HOH 110 2110 2110 HOH HOH A . 
C 3 HOH 111 2111 2111 HOH HOH A . 
C 3 HOH 112 2112 2112 HOH HOH A . 
C 3 HOH 113 2113 2113 HOH HOH A . 
C 3 HOH 114 2114 2114 HOH HOH A . 
C 3 HOH 115 2115 2115 HOH HOH A . 
C 3 HOH 116 2116 2116 HOH HOH A . 
C 3 HOH 117 2117 2117 HOH HOH A . 
C 3 HOH 118 2118 2118 HOH HOH A . 
C 3 HOH 119 2119 2119 HOH HOH A . 
C 3 HOH 120 2120 2120 HOH HOH A . 
C 3 HOH 121 2121 2121 HOH HOH A . 
C 3 HOH 122 2122 2122 HOH HOH A . 
C 3 HOH 123 2123 2123 HOH HOH A . 
C 3 HOH 124 2124 2124 HOH HOH A . 
C 3 HOH 125 2125 2125 HOH HOH A . 
C 3 HOH 126 2126 2126 HOH HOH A . 
C 3 HOH 127 2127 2127 HOH HOH A . 
C 3 HOH 128 2128 2128 HOH HOH A . 
C 3 HOH 129 2129 2129 HOH HOH A . 
C 3 HOH 130 2130 2130 HOH HOH A . 
C 3 HOH 131 2131 2131 HOH HOH A . 
C 3 HOH 132 2132 2132 HOH HOH A . 
# 
_software.name             REFMAC 
_software.classification   refinement 
_software.version          5.2.0019 
_software.citation_id      ? 
_software.pdbx_ordinal     1 
# 
_cell.entry_id           2VMI 
_cell.length_a           76.721 
_cell.length_b           76.721 
_cell.length_c           51.771 
_cell.angle_alpha        90.00 
_cell.angle_beta         90.00 
_cell.angle_gamma        120.00 
_cell.Z_PDB              6 
_cell.pdbx_unique_axis   ? 
# 
_symmetry.entry_id                         2VMI 
_symmetry.space_group_name_H-M             'P 65' 
_symmetry.pdbx_full_space_group_name_H-M   ? 
_symmetry.cell_setting                     ? 
_symmetry.Int_Tables_number                170 
# 
_exptl.entry_id          2VMI 
_exptl.method            'X-RAY DIFFRACTION' 
_exptl.crystals_number   ? 
# 
_exptl_crystal.id                    1 
_exptl_crystal.density_meas          ? 
_exptl_crystal.density_Matthews      2.53 
_exptl_crystal.density_percent_sol   50.99 
_exptl_crystal.description           NONE 
# 
_diffrn.id                     1 
_diffrn.ambient_temp           113 
_diffrn.ambient_temp_details   ? 
_diffrn.crystal_id             1 
# 
_diffrn_radiation.diffrn_id                        1 
_diffrn_radiation.wavelength_id                    1 
_diffrn_radiation.pdbx_monochromatic_or_laue_m_l   M 
_diffrn_radiation.monochromator                    ? 
_diffrn_radiation.pdbx_diffrn_protocol             'SINGLE WAVELENGTH' 
_diffrn_radiation.pdbx_scattering_type             x-ray 
# 
_diffrn_radiation_wavelength.id           1 
_diffrn_radiation_wavelength.wavelength   1.5418 
_diffrn_radiation_wavelength.wt           1.0 
# 
_diffrn_source.diffrn_id                   1 
_diffrn_source.source                      'ROTATING ANODE' 
_diffrn_source.type                        ? 
_diffrn_source.pdbx_synchrotron_site       ? 
_diffrn_source.pdbx_synchrotron_beamline   ? 
_diffrn_source.pdbx_wavelength             1.5418 
_diffrn_source.pdbx_wavelength_list        ? 
# 
_reflns.pdbx_diffrn_id               1 
_reflns.pdbx_ordinal                 1 
_reflns.entry_id                     2VMI 
_reflns.observed_criterion_sigma_I   2.0 
_reflns.observed_criterion_sigma_F   ? 
_reflns.d_resolution_low             20.00 
_reflns.d_resolution_high            1.70 
_reflns.number_obs                   18188 
_reflns.number_all                   ? 
_reflns.percent_possible_obs         99.9 
_reflns.pdbx_Rmerge_I_obs            0.14 
_reflns.pdbx_Rsym_value              ? 
_reflns.pdbx_netI_over_sigmaI        15.50 
_reflns.B_iso_Wilson_estimate        ? 
_reflns.pdbx_redundancy              19.8 
# 
_reflns_shell.pdbx_diffrn_id         1 
_reflns_shell.pdbx_ordinal           1 
_reflns_shell.d_res_high             1.70 
_reflns_shell.d_res_low              1.76 
_reflns_shell.percent_possible_all   98.6 
_reflns_shell.Rmerge_I_obs           0.33 
_reflns_shell.pdbx_Rsym_value        ? 
_reflns_shell.meanI_over_sigI_obs    6.50 
_reflns_shell.pdbx_redundancy        10.3 
# 
_refine.pdbx_refine_id                           'X-RAY DIFFRACTION' 
_refine.entry_id                                 2VMI 
_refine.pdbx_diffrn_id                           1 
_refine.pdbx_TLS_residual_ADP_flag               ? 
_refine.ls_number_reflns_obs                     18188 
_refine.ls_number_reflns_all                     ? 
_refine.pdbx_ls_sigma_I                          ? 
_refine.pdbx_ls_sigma_F                          ? 
_refine.pdbx_data_cutoff_high_absF               ? 
_refine.pdbx_data_cutoff_low_absF                ? 
_refine.pdbx_data_cutoff_high_rms_absF           ? 
_refine.ls_d_res_low                             66.37 
_refine.ls_d_res_high                            1.70 
_refine.ls_percent_reflns_obs                    99.8 
_refine.ls_R_factor_obs                          0.151 
_refine.ls_R_factor_all                          ? 
_refine.ls_R_factor_R_work                       0.150 
_refine.ls_R_factor_R_free                       0.178 
_refine.ls_R_factor_R_free_error                 ? 
_refine.ls_R_factor_R_free_error_details         ? 
_refine.ls_percent_reflns_R_free                 5.100 
_refine.ls_number_reflns_R_free                  985 
_refine.ls_number_parameters                     ? 
_refine.ls_number_restraints                     ? 
_refine.occupancy_min                            ? 
_refine.occupancy_max                            ? 
_refine.correlation_coeff_Fo_to_Fc               0.962 
_refine.correlation_coeff_Fo_to_Fc_free          0.953 
_refine.B_iso_mean                               9.55 
_refine.aniso_B[1][1]                            -0.02000 
_refine.aniso_B[2][2]                            -0.02000 
_refine.aniso_B[3][3]                            0.03000 
_refine.aniso_B[1][2]                            -0.01000 
_refine.aniso_B[1][3]                            0.00000 
_refine.aniso_B[2][3]                            0.00000 
_refine.solvent_model_details                    MASK 
_refine.solvent_model_param_ksol                 ? 
_refine.solvent_model_param_bsol                 ? 
_refine.pdbx_solvent_vdw_probe_radii             1.40 
_refine.pdbx_solvent_ion_probe_radii             0.80 
_refine.pdbx_solvent_shrinkage_radii             0.80 
_refine.pdbx_ls_cross_valid_method               THROUGHOUT 
_refine.details                                  'HYDROGENS HAVE BEEN ADDED IN THE RIDING POSITIONS.' 
_refine.pdbx_starting_model                      NONE 
_refine.pdbx_method_to_determine_struct          SAD 
_refine.pdbx_isotropic_thermal_model             ? 
_refine.pdbx_stereochemistry_target_values       'MAXIMUM LIKELIHOOD' 
_refine.pdbx_stereochem_target_val_spec_case     ? 
_refine.pdbx_R_Free_selection_details            RANDOM 
_refine.pdbx_overall_ESU_R                       0.080 
_refine.pdbx_overall_ESU_R_Free                  0.080 
_refine.overall_SU_ML                            0.049 
_refine.pdbx_overall_phase_error                 ? 
_refine.overall_SU_B                             1.433 
_refine.overall_SU_R_Cruickshank_DPI             ? 
_refine.pdbx_overall_SU_R_free_Cruickshank_DPI   ? 
_refine.pdbx_overall_SU_R_Blow_DPI               ? 
_refine.pdbx_overall_SU_R_free_Blow_DPI          ? 
# 
_refine_hist.pdbx_refine_id                   'X-RAY DIFFRACTION' 
_refine_hist.cycle_id                         LAST 
_refine_hist.pdbx_number_atoms_protein        1109 
_refine_hist.pdbx_number_atoms_nucleic_acid   0 
_refine_hist.pdbx_number_atoms_ligand         1 
_refine_hist.number_atoms_solvent             132 
_refine_hist.number_atoms_total               1242 
_refine_hist.d_res_high                       1.70 
_refine_hist.d_res_low                        66.37 
# 
loop_
_refine_ls_restr.type 
_refine_ls_restr.dev_ideal 
_refine_ls_restr.dev_ideal_target 
_refine_ls_restr.weight 
_refine_ls_restr.number 
_refine_ls_restr.pdbx_refine_id 
_refine_ls_restr.pdbx_restraint_function 
r_bond_refined_d             0.020  0.022  ? 1128 'X-RAY DIFFRACTION' ? 
r_bond_other_d               0.001  0.020  ? 724  'X-RAY DIFFRACTION' ? 
r_angle_refined_deg          1.602  1.954  ? 1523 'X-RAY DIFFRACTION' ? 
r_angle_other_deg            0.904  3.000  ? 1787 'X-RAY DIFFRACTION' ? 
r_dihedral_angle_1_deg       7.272  5.000  ? 145  'X-RAY DIFFRACTION' ? 
r_dihedral_angle_2_deg       35.476 26.400 ? 50   'X-RAY DIFFRACTION' ? 
r_dihedral_angle_3_deg       11.418 15.000 ? 192  'X-RAY DIFFRACTION' ? 
r_dihedral_angle_4_deg       ?      ?      ? ?    'X-RAY DIFFRACTION' ? 
r_chiral_restr               0.104  0.200  ? 169  'X-RAY DIFFRACTION' ? 
r_gen_planes_refined         0.007  0.020  ? 1281 'X-RAY DIFFRACTION' ? 
r_gen_planes_other           0.001  0.020  ? 214  'X-RAY DIFFRACTION' ? 
r_nbd_refined                0.202  0.200  ? 197  'X-RAY DIFFRACTION' ? 
r_nbd_other                  0.199  0.200  ? 727  'X-RAY DIFFRACTION' ? 
r_nbtor_refined              0.178  0.200  ? 545  'X-RAY DIFFRACTION' ? 
r_nbtor_other                0.089  0.200  ? 571  'X-RAY DIFFRACTION' ? 
r_xyhbond_nbd_refined        0.130  0.200  ? 83   'X-RAY DIFFRACTION' ? 
r_xyhbond_nbd_other          ?      ?      ? ?    'X-RAY DIFFRACTION' ? 
r_metal_ion_refined          ?      ?      ? ?    'X-RAY DIFFRACTION' ? 
r_metal_ion_other            ?      ?      ? ?    'X-RAY DIFFRACTION' ? 
r_symmetry_vdw_refined       0.079  0.200  ? 5    'X-RAY DIFFRACTION' ? 
r_symmetry_vdw_other         0.220  0.200  ? 13   'X-RAY DIFFRACTION' ? 
r_symmetry_hbond_refined     0.193  0.200  ? 13   'X-RAY DIFFRACTION' ? 
r_symmetry_hbond_other       ?      ?      ? ?    'X-RAY DIFFRACTION' ? 
r_symmetry_metal_ion_refined ?      ?      ? ?    'X-RAY DIFFRACTION' ? 
r_symmetry_metal_ion_other   ?      ?      ? ?    'X-RAY DIFFRACTION' ? 
r_mcbond_it                  1.262  1.500  ? 735  'X-RAY DIFFRACTION' ? 
r_mcbond_other               ?      ?      ? ?    'X-RAY DIFFRACTION' ? 
r_mcangle_it                 1.896  2.000  ? 1140 'X-RAY DIFFRACTION' ? 
r_mcangle_other              ?      ?      ? ?    'X-RAY DIFFRACTION' ? 
r_scbond_it                  3.526  3.000  ? 454  'X-RAY DIFFRACTION' ? 
r_scbond_other               ?      ?      ? ?    'X-RAY DIFFRACTION' ? 
r_scangle_it                 4.749  4.500  ? 383  'X-RAY DIFFRACTION' ? 
r_scangle_other              ?      ?      ? ?    'X-RAY DIFFRACTION' ? 
r_long_range_B_refined       ?      ?      ? ?    'X-RAY DIFFRACTION' ? 
r_long_range_B_other         ?      ?      ? ?    'X-RAY DIFFRACTION' ? 
r_rigid_bond_restr           ?      ?      ? ?    'X-RAY DIFFRACTION' ? 
r_sphericity_free            ?      ?      ? ?    'X-RAY DIFFRACTION' ? 
r_sphericity_bonded          ?      ?      ? ?    'X-RAY DIFFRACTION' ? 
# 
_refine_ls_shell.pdbx_refine_id                   'X-RAY DIFFRACTION' 
_refine_ls_shell.pdbx_total_number_of_bins_used   20 
_refine_ls_shell.d_res_high                       1.70 
_refine_ls_shell.d_res_low                        1.74 
_refine_ls_shell.number_reflns_R_work             1313 
_refine_ls_shell.R_factor_R_work                  0.1810 
_refine_ls_shell.percent_reflns_obs               ? 
_refine_ls_shell.R_factor_R_free                  0.2380 
_refine_ls_shell.R_factor_R_free_error            ? 
_refine_ls_shell.percent_reflns_R_free            ? 
_refine_ls_shell.number_reflns_R_free             79 
_refine_ls_shell.number_reflns_all                ? 
_refine_ls_shell.R_factor_all                     ? 
# 
_struct.entry_id                  2VMI 
_struct.title                     'The structure of seleno-methionine labelled CBM51 from Clostridium perfringens GH95' 
_struct.pdbx_model_details        ? 
_struct.pdbx_CASP_flag            ? 
_struct.pdbx_model_type_details   ? 
# 
_struct_keywords.entry_id        2VMI 
_struct_keywords.pdbx_keywords   'SUGAR BINDING PROTEIN' 
_struct_keywords.text            
'CARBOHYDRATE-BINDING MODULE, SUGAR-BINDING PROTEIN, GALACTOSE, FUCOSIDASE, CLOSTRIDIUM PERFRINGENS, SUGAR BINDING PROTEIN' 
# 
loop_
_struct_asym.id 
_struct_asym.pdbx_blank_PDB_chainid_flag 
_struct_asym.pdbx_modified 
_struct_asym.entity_id 
_struct_asym.details 
A N N 1 ? 
B N N 2 ? 
C N N 3 ? 
# 
_struct_ref.id                         1 
_struct_ref.db_name                    UNP 
_struct_ref.db_code                    Q0TP83_CLOP1 
_struct_ref.entity_id                  1 
_struct_ref.pdbx_seq_one_letter_code   ? 
_struct_ref.pdbx_align_begin           ? 
_struct_ref.pdbx_db_accession          Q0TP83 
_struct_ref.pdbx_db_isoform            ? 
# 
_struct_ref_seq.align_id                      1 
_struct_ref_seq.ref_id                        1 
_struct_ref_seq.pdbx_PDB_id_code              2VMI 
_struct_ref_seq.pdbx_strand_id                A 
_struct_ref_seq.seq_align_beg                 1 
_struct_ref_seq.pdbx_seq_align_beg_ins_code   ? 
_struct_ref_seq.seq_align_end                 151 
_struct_ref_seq.pdbx_seq_align_end_ins_code   ? 
_struct_ref_seq.pdbx_db_accession             Q0TP83 
_struct_ref_seq.db_align_beg                  900 
_struct_ref_seq.pdbx_db_align_beg_ins_code    ? 
_struct_ref_seq.db_align_end                  1050 
_struct_ref_seq.pdbx_db_align_end_ins_code    ? 
_struct_ref_seq.pdbx_auth_seq_align_beg       900 
_struct_ref_seq.pdbx_auth_seq_align_end       1050 
# 
_pdbx_struct_assembly.id                   1 
_pdbx_struct_assembly.details              author_and_software_defined_assembly 
_pdbx_struct_assembly.method_details       PQS 
_pdbx_struct_assembly.oligomeric_details   monomeric 
_pdbx_struct_assembly.oligomeric_count     1 
# 
_pdbx_struct_assembly_gen.assembly_id       1 
_pdbx_struct_assembly_gen.oper_expression   1 
_pdbx_struct_assembly_gen.asym_id_list      A,B,C 
# 
_pdbx_struct_oper_list.id                   1 
_pdbx_struct_oper_list.type                 'identity operation' 
_pdbx_struct_oper_list.name                 1_555 
_pdbx_struct_oper_list.symmetry_operation   x,y,z 
_pdbx_struct_oper_list.matrix[1][1]         1.0000000000 
_pdbx_struct_oper_list.matrix[1][2]         0.0000000000 
_pdbx_struct_oper_list.matrix[1][3]         0.0000000000 
_pdbx_struct_oper_list.vector[1]            0.0000000000 
_pdbx_struct_oper_list.matrix[2][1]         0.0000000000 
_pdbx_struct_oper_list.matrix[2][2]         1.0000000000 
_pdbx_struct_oper_list.matrix[2][3]         0.0000000000 
_pdbx_struct_oper_list.vector[2]            0.0000000000 
_pdbx_struct_oper_list.matrix[3][1]         0.0000000000 
_pdbx_struct_oper_list.matrix[3][2]         0.0000000000 
_pdbx_struct_oper_list.matrix[3][3]         1.0000000000 
_pdbx_struct_oper_list.vector[3]            0.0000000000 
# 
_struct_biol.id   1 
# 
loop_
_struct_conf.conf_type_id 
_struct_conf.id 
_struct_conf.pdbx_PDB_helix_id 
_struct_conf.beg_label_comp_id 
_struct_conf.beg_label_asym_id 
_struct_conf.beg_label_seq_id 
_struct_conf.pdbx_beg_PDB_ins_code 
_struct_conf.end_label_comp_id 
_struct_conf.end_label_asym_id 
_struct_conf.end_label_seq_id 
_struct_conf.pdbx_end_PDB_ins_code 
_struct_conf.beg_auth_comp_id 
_struct_conf.beg_auth_asym_id 
_struct_conf.beg_auth_seq_id 
_struct_conf.end_auth_comp_id 
_struct_conf.end_auth_asym_id 
_struct_conf.end_auth_seq_id 
_struct_conf.pdbx_PDB_helix_class 
_struct_conf.details 
_struct_conf.pdbx_PDB_helix_length 
HELX_P HELX_P1 1 SER A 12 ? LEU A 14 ? SER A 911 LEU A 913 5 ? 3 
HELX_P HELX_P2 2 GLN A 82 ? ALA A 85 ? GLN A 981 ALA A 984 5 ? 4 
# 
_struct_conf_type.id          HELX_P 
_struct_conf_type.criteria    ? 
_struct_conf_type.reference   ? 
# 
loop_
_struct_conn.id 
_struct_conn.conn_type_id 
_struct_conn.pdbx_leaving_atom_flag 
_struct_conn.pdbx_PDB_id 
_struct_conn.ptnr1_label_asym_id 
_struct_conn.ptnr1_label_comp_id 
_struct_conn.ptnr1_label_seq_id 
_struct_conn.ptnr1_label_atom_id 
_struct_conn.pdbx_ptnr1_label_alt_id 
_struct_conn.pdbx_ptnr1_PDB_ins_code 
_struct_conn.pdbx_ptnr1_standard_comp_id 
_struct_conn.ptnr1_symmetry 
_struct_conn.ptnr2_label_asym_id 
_struct_conn.ptnr2_label_comp_id 
_struct_conn.ptnr2_label_seq_id 
_struct_conn.ptnr2_label_atom_id 
_struct_conn.pdbx_ptnr2_label_alt_id 
_struct_conn.pdbx_ptnr2_PDB_ins_code 
_struct_conn.ptnr1_auth_asym_id 
_struct_conn.ptnr1_auth_comp_id 
_struct_conn.ptnr1_auth_seq_id 
_struct_conn.ptnr2_auth_asym_id 
_struct_conn.ptnr2_auth_comp_id 
_struct_conn.ptnr2_auth_seq_id 
_struct_conn.ptnr2_symmetry 
_struct_conn.pdbx_ptnr3_label_atom_id 
_struct_conn.pdbx_ptnr3_label_seq_id 
_struct_conn.pdbx_ptnr3_label_comp_id 
_struct_conn.pdbx_ptnr3_label_asym_id 
_struct_conn.pdbx_ptnr3_label_alt_id 
_struct_conn.pdbx_ptnr3_PDB_ins_code 
_struct_conn.details 
_struct_conn.pdbx_dist_value 
_struct_conn.pdbx_value_order 
_struct_conn.pdbx_role 
covale1 covale both ? A GLU 83  C   ? ? ? 1_555 A MSE 84  N  ? ? A GLU 982  A MSE 983  1_555 ? ? ? ? ? ? ? 1.348 ? ? 
covale2 covale both ? A MSE 84  C   ? ? ? 1_555 A ALA 85  N  ? ? A MSE 983  A ALA 984  1_555 ? ? ? ? ? ? ? 1.341 ? ? 
covale3 covale both ? A LEU 107 C   ? ? ? 1_555 A MSE 108 N  ? ? A LEU 1006 A MSE 1007 1_555 ? ? ? ? ? ? ? 1.342 ? ? 
covale4 covale both ? A MSE 108 C   ? ? ? 1_555 A THR 109 N  ? ? A MSE 1007 A THR 1008 1_555 ? ? ? ? ? ? ? 1.329 ? ? 
metalc1 metalc ?    ? A SER 90  OG  ? ? ? 1_555 B CA  .   CA ? ? A SER 989  A CA  3050 1_555 ? ? ? ? ? ? ? 2.526 ? ? 
metalc2 metalc ?    ? A SER 90  O   ? ? ? 1_555 B CA  .   CA ? ? A SER 989  A CA  3050 1_555 ? ? ? ? ? ? ? 2.429 ? ? 
metalc3 metalc ?    ? A ASP 133 O   ? ? ? 1_555 B CA  .   CA ? ? A ASP 1032 A CA  3050 1_555 ? ? ? ? ? ? ? 2.395 ? ? 
metalc4 metalc ?    ? A ASP 136 OD1 ? ? ? 1_555 B CA  .   CA ? ? A ASP 1035 A CA  3050 1_555 ? ? ? ? ? ? ? 2.399 ? ? 
metalc5 metalc ?    ? A SER 137 O   ? ? ? 1_555 B CA  .   CA ? ? A SER 1036 A CA  3050 1_555 ? ? ? ? ? ? ? 2.425 ? ? 
metalc6 metalc ?    ? A ASP 141 OD1 ? ? ? 1_555 B CA  .   CA ? ? A ASP 1040 A CA  3050 1_555 ? ? ? ? ? ? ? 2.569 ? ? 
metalc7 metalc ?    ? A ASP 141 OD2 ? ? ? 1_555 B CA  .   CA ? ? A ASP 1040 A CA  3050 1_555 ? ? ? ? ? ? ? 2.504 ? ? 
metalc8 metalc ?    ? C HOH .   O   ? ? ? 1_555 B CA  .   CA ? ? A HOH 2124 A CA  3050 1_555 ? ? ? ? ? ? ? 2.484 ? ? 
# 
loop_
_struct_conn_type.id 
_struct_conn_type.criteria 
_struct_conn_type.reference 
covale ? ? 
metalc ? ? 
# 
loop_
_pdbx_struct_conn_angle.id 
_pdbx_struct_conn_angle.ptnr1_label_atom_id 
_pdbx_struct_conn_angle.ptnr1_label_alt_id 
_pdbx_struct_conn_angle.ptnr1_label_asym_id 
_pdbx_struct_conn_angle.ptnr1_label_comp_id 
_pdbx_struct_conn_angle.ptnr1_label_seq_id 
_pdbx_struct_conn_angle.ptnr1_auth_atom_id 
_pdbx_struct_conn_angle.ptnr1_auth_asym_id 
_pdbx_struct_conn_angle.ptnr1_auth_comp_id 
_pdbx_struct_conn_angle.ptnr1_auth_seq_id 
_pdbx_struct_conn_angle.ptnr1_PDB_ins_code 
_pdbx_struct_conn_angle.ptnr1_symmetry 
_pdbx_struct_conn_angle.ptnr2_label_atom_id 
_pdbx_struct_conn_angle.ptnr2_label_alt_id 
_pdbx_struct_conn_angle.ptnr2_label_asym_id 
_pdbx_struct_conn_angle.ptnr2_label_comp_id 
_pdbx_struct_conn_angle.ptnr2_label_seq_id 
_pdbx_struct_conn_angle.ptnr2_auth_atom_id 
_pdbx_struct_conn_angle.ptnr2_auth_asym_id 
_pdbx_struct_conn_angle.ptnr2_auth_comp_id 
_pdbx_struct_conn_angle.ptnr2_auth_seq_id 
_pdbx_struct_conn_angle.ptnr2_PDB_ins_code 
_pdbx_struct_conn_angle.ptnr2_symmetry 
_pdbx_struct_conn_angle.ptnr3_label_atom_id 
_pdbx_struct_conn_angle.ptnr3_label_alt_id 
_pdbx_struct_conn_angle.ptnr3_label_asym_id 
_pdbx_struct_conn_angle.ptnr3_label_comp_id 
_pdbx_struct_conn_angle.ptnr3_label_seq_id 
_pdbx_struct_conn_angle.ptnr3_auth_atom_id 
_pdbx_struct_conn_angle.ptnr3_auth_asym_id 
_pdbx_struct_conn_angle.ptnr3_auth_comp_id 
_pdbx_struct_conn_angle.ptnr3_auth_seq_id 
_pdbx_struct_conn_angle.ptnr3_PDB_ins_code 
_pdbx_struct_conn_angle.ptnr3_symmetry 
_pdbx_struct_conn_angle.value 
_pdbx_struct_conn_angle.value_esd 
1  OG  ? A SER 90  ? A SER 989  ? 1_555 CA ? B CA . ? A CA 3050 ? 1_555 O   ? A SER 90  ? A SER 989  ? 1_555 71.7  ? 
2  OG  ? A SER 90  ? A SER 989  ? 1_555 CA ? B CA . ? A CA 3050 ? 1_555 O   ? A ASP 133 ? A ASP 1032 ? 1_555 102.2 ? 
3  O   ? A SER 90  ? A SER 989  ? 1_555 CA ? B CA . ? A CA 3050 ? 1_555 O   ? A ASP 133 ? A ASP 1032 ? 1_555 73.1  ? 
4  OG  ? A SER 90  ? A SER 989  ? 1_555 CA ? B CA . ? A CA 3050 ? 1_555 OD1 ? A ASP 136 ? A ASP 1035 ? 1_555 70.9  ? 
5  O   ? A SER 90  ? A SER 989  ? 1_555 CA ? B CA . ? A CA 3050 ? 1_555 OD1 ? A ASP 136 ? A ASP 1035 ? 1_555 120.9 ? 
6  O   ? A ASP 133 ? A ASP 1032 ? 1_555 CA ? B CA . ? A CA 3050 ? 1_555 OD1 ? A ASP 136 ? A ASP 1035 ? 1_555 72.2  ? 
7  OG  ? A SER 90  ? A SER 989  ? 1_555 CA ? B CA . ? A CA 3050 ? 1_555 O   ? A SER 137 ? A SER 1036 ? 1_555 138.4 ? 
8  O   ? A SER 90  ? A SER 989  ? 1_555 CA ? B CA . ? A CA 3050 ? 1_555 O   ? A SER 137 ? A SER 1036 ? 1_555 148.6 ? 
9  O   ? A ASP 133 ? A ASP 1032 ? 1_555 CA ? B CA . ? A CA 3050 ? 1_555 O   ? A SER 137 ? A SER 1036 ? 1_555 88.5  ? 
10 OD1 ? A ASP 136 ? A ASP 1035 ? 1_555 CA ? B CA . ? A CA 3050 ? 1_555 O   ? A SER 137 ? A SER 1036 ? 1_555 74.6  ? 
11 OG  ? A SER 90  ? A SER 989  ? 1_555 CA ? B CA . ? A CA 3050 ? 1_555 OD1 ? A ASP 141 ? A ASP 1040 ? 1_555 100.7 ? 
12 O   ? A SER 90  ? A SER 989  ? 1_555 CA ? B CA . ? A CA 3050 ? 1_555 OD1 ? A ASP 141 ? A ASP 1040 ? 1_555 71.9  ? 
13 O   ? A ASP 133 ? A ASP 1032 ? 1_555 CA ? B CA . ? A CA 3050 ? 1_555 OD1 ? A ASP 141 ? A ASP 1040 ? 1_555 129.0 ? 
14 OD1 ? A ASP 136 ? A ASP 1035 ? 1_555 CA ? B CA . ? A CA 3050 ? 1_555 OD1 ? A ASP 141 ? A ASP 1040 ? 1_555 158.8 ? 
15 O   ? A SER 137 ? A SER 1036 ? 1_555 CA ? B CA . ? A CA 3050 ? 1_555 OD1 ? A ASP 141 ? A ASP 1040 ? 1_555 103.2 ? 
16 OG  ? A SER 90  ? A SER 989  ? 1_555 CA ? B CA . ? A CA 3050 ? 1_555 OD2 ? A ASP 141 ? A ASP 1040 ? 1_555 144.0 ? 
17 O   ? A SER 90  ? A SER 989  ? 1_555 CA ? B CA . ? A CA 3050 ? 1_555 OD2 ? A ASP 141 ? A ASP 1040 ? 1_555 76.6  ? 
18 O   ? A ASP 133 ? A ASP 1032 ? 1_555 CA ? B CA . ? A CA 3050 ? 1_555 OD2 ? A ASP 141 ? A ASP 1040 ? 1_555 84.2  ? 
19 OD1 ? A ASP 136 ? A ASP 1035 ? 1_555 CA ? B CA . ? A CA 3050 ? 1_555 OD2 ? A ASP 141 ? A ASP 1040 ? 1_555 142.8 ? 
20 O   ? A SER 137 ? A SER 1036 ? 1_555 CA ? B CA . ? A CA 3050 ? 1_555 OD2 ? A ASP 141 ? A ASP 1040 ? 1_555 76.4  ? 
21 OD1 ? A ASP 141 ? A ASP 1040 ? 1_555 CA ? B CA . ? A CA 3050 ? 1_555 OD2 ? A ASP 141 ? A ASP 1040 ? 1_555 52.4  ? 
22 OG  ? A SER 90  ? A SER 989  ? 1_555 CA ? B CA . ? A CA 3050 ? 1_555 O   ? C HOH .   ? A HOH 2124 ? 1_555 73.7  ? 
23 O   ? A SER 90  ? A SER 989  ? 1_555 CA ? B CA . ? A CA 3050 ? 1_555 O   ? C HOH .   ? A HOH 2124 ? 1_555 125.0 ? 
24 O   ? A ASP 133 ? A ASP 1032 ? 1_555 CA ? B CA . ? A CA 3050 ? 1_555 O   ? C HOH .   ? A HOH 2124 ? 1_555 156.5 ? 
25 OD1 ? A ASP 136 ? A ASP 1035 ? 1_555 CA ? B CA . ? A CA 3050 ? 1_555 O   ? C HOH .   ? A HOH 2124 ? 1_555 84.7  ? 
26 O   ? A SER 137 ? A SER 1036 ? 1_555 CA ? B CA . ? A CA 3050 ? 1_555 O   ? C HOH .   ? A HOH 2124 ? 1_555 80.8  ? 
27 OD1 ? A ASP 141 ? A ASP 1040 ? 1_555 CA ? B CA . ? A CA 3050 ? 1_555 O   ? C HOH .   ? A HOH 2124 ? 1_555 74.1  ? 
28 OD2 ? A ASP 141 ? A ASP 1040 ? 1_555 CA ? B CA . ? A CA 3050 ? 1_555 O   ? C HOH .   ? A HOH 2124 ? 1_555 113.1 ? 
# 
loop_
_pdbx_modification_feature.ordinal 
_pdbx_modification_feature.label_comp_id 
_pdbx_modification_feature.label_asym_id 
_pdbx_modification_feature.label_seq_id 
_pdbx_modification_feature.label_alt_id 
_pdbx_modification_feature.modified_residue_label_comp_id 
_pdbx_modification_feature.modified_residue_label_asym_id 
_pdbx_modification_feature.modified_residue_label_seq_id 
_pdbx_modification_feature.modified_residue_label_alt_id 
_pdbx_modification_feature.auth_comp_id 
_pdbx_modification_feature.auth_asym_id 
_pdbx_modification_feature.auth_seq_id 
_pdbx_modification_feature.PDB_ins_code 
_pdbx_modification_feature.symmetry 
_pdbx_modification_feature.modified_residue_auth_comp_id 
_pdbx_modification_feature.modified_residue_auth_asym_id 
_pdbx_modification_feature.modified_residue_auth_seq_id 
_pdbx_modification_feature.modified_residue_PDB_ins_code 
_pdbx_modification_feature.modified_residue_symmetry 
_pdbx_modification_feature.comp_id_linking_atom 
_pdbx_modification_feature.modified_residue_id_linking_atom 
_pdbx_modification_feature.modified_residue_id 
_pdbx_modification_feature.ref_pcm_id 
_pdbx_modification_feature.ref_comp_id 
_pdbx_modification_feature.type 
_pdbx_modification_feature.category 
1 MSE A 84  ? . . . . MSE A 983  ? 1_555 . . . . . . . MET 1 MSE Selenomethionine 'Named protein modification' 
2 MSE A 108 ? . . . . MSE A 1007 ? 1_555 . . . . . . . MET 1 MSE Selenomethionine 'Named protein modification' 
# 
_struct_mon_prot_cis.pdbx_id                1 
_struct_mon_prot_cis.label_comp_id          ALA 
_struct_mon_prot_cis.label_seq_id           57 
_struct_mon_prot_cis.label_asym_id          A 
_struct_mon_prot_cis.label_alt_id           . 
_struct_mon_prot_cis.pdbx_PDB_ins_code      ? 
_struct_mon_prot_cis.auth_comp_id           ALA 
_struct_mon_prot_cis.auth_seq_id            956 
_struct_mon_prot_cis.auth_asym_id           A 
_struct_mon_prot_cis.pdbx_label_comp_id_2   HIS 
_struct_mon_prot_cis.pdbx_label_seq_id_2    58 
_struct_mon_prot_cis.pdbx_label_asym_id_2   A 
_struct_mon_prot_cis.pdbx_PDB_ins_code_2    ? 
_struct_mon_prot_cis.pdbx_auth_comp_id_2    HIS 
_struct_mon_prot_cis.pdbx_auth_seq_id_2     957 
_struct_mon_prot_cis.pdbx_auth_asym_id_2    A 
_struct_mon_prot_cis.pdbx_PDB_model_num     1 
_struct_mon_prot_cis.pdbx_omega_angle       -12.52 
# 
loop_
_struct_sheet.id 
_struct_sheet.type 
_struct_sheet.number_strands 
_struct_sheet.details 
AA ? 4 ? 
AB ? 4 ? 
AC ? 5 ? 
AD ? 5 ? 
AE ? 2 ? 
# 
loop_
_struct_sheet_order.sheet_id 
_struct_sheet_order.range_id_1 
_struct_sheet_order.range_id_2 
_struct_sheet_order.offset 
_struct_sheet_order.sense 
AA 1 2 ? anti-parallel 
AA 2 3 ? anti-parallel 
AA 3 4 ? anti-parallel 
AB 1 2 ? anti-parallel 
AB 2 3 ? anti-parallel 
AB 3 4 ? anti-parallel 
AC 1 2 ? anti-parallel 
AC 2 3 ? anti-parallel 
AC 3 4 ? anti-parallel 
AC 4 5 ? anti-parallel 
AD 1 2 ? anti-parallel 
AD 2 3 ? anti-parallel 
AD 3 4 ? anti-parallel 
AD 4 5 ? anti-parallel 
AE 1 2 ? anti-parallel 
# 
loop_
_struct_sheet_range.sheet_id 
_struct_sheet_range.id 
_struct_sheet_range.beg_label_comp_id 
_struct_sheet_range.beg_label_asym_id 
_struct_sheet_range.beg_label_seq_id 
_struct_sheet_range.pdbx_beg_PDB_ins_code 
_struct_sheet_range.end_label_comp_id 
_struct_sheet_range.end_label_asym_id 
_struct_sheet_range.end_label_seq_id 
_struct_sheet_range.pdbx_end_PDB_ins_code 
_struct_sheet_range.beg_auth_comp_id 
_struct_sheet_range.beg_auth_asym_id 
_struct_sheet_range.beg_auth_seq_id 
_struct_sheet_range.end_auth_comp_id 
_struct_sheet_range.end_auth_asym_id 
_struct_sheet_range.end_auth_seq_id 
AA 1 VAL A 9   ? TYR A 10  ? VAL A 908  TYR A 909  
AA 2 HIS A 142 ? THR A 151 ? HIS A 1041 THR A 1050 
AA 3 GLY A 52  ? HIS A 56  ? GLY A 951  HIS A 955  
AA 4 GLN A 27  ? LYS A 28  ? GLN A 926  LYS A 927  
AB 1 VAL A 9   ? TYR A 10  ? VAL A 908  TYR A 909  
AB 2 HIS A 142 ? THR A 151 ? HIS A 1041 THR A 1050 
AB 3 TYR A 73  ? VAL A 80  ? TYR A 972  VAL A 979  
AB 4 LYS A 115 ? PRO A 120 ? LYS A 1014 PRO A 1019 
AC 1 SER A 18  ? SER A 20  ? SER A 917  SER A 919  
AC 2 SER A 59  ? SER A 64  ? SER A 958  SER A 963  
AC 3 THR A 126 ? LYS A 132 ? THR A 1025 LYS A 1031 
AC 4 SER A 90  ? LEU A 97  ? SER A 989  LEU A 996  
AC 5 MSE A 108 ? THR A 109 ? MSE A 1007 THR A 1008 
AD 1 SER A 18  ? SER A 20  ? SER A 917  SER A 919  
AD 2 SER A 59  ? SER A 64  ? SER A 958  SER A 963  
AD 3 THR A 126 ? LYS A 132 ? THR A 1025 LYS A 1031 
AD 4 SER A 90  ? LEU A 97  ? SER A 989  LEU A 996  
AD 5 GLU A 100 ? ASP A 104 ? GLU A 999  ASP A 1003 
AE 1 ILE A 37  ? LYS A 40  ? ILE A 936  LYS A 939  
AE 2 LYS A 46  ? TYR A 49  ? LYS A 945  TYR A 948  
# 
loop_
_pdbx_struct_sheet_hbond.sheet_id 
_pdbx_struct_sheet_hbond.range_id_1 
_pdbx_struct_sheet_hbond.range_id_2 
_pdbx_struct_sheet_hbond.range_1_label_atom_id 
_pdbx_struct_sheet_hbond.range_1_label_comp_id 
_pdbx_struct_sheet_hbond.range_1_label_asym_id 
_pdbx_struct_sheet_hbond.range_1_label_seq_id 
_pdbx_struct_sheet_hbond.range_1_PDB_ins_code 
_pdbx_struct_sheet_hbond.range_1_auth_atom_id 
_pdbx_struct_sheet_hbond.range_1_auth_comp_id 
_pdbx_struct_sheet_hbond.range_1_auth_asym_id 
_pdbx_struct_sheet_hbond.range_1_auth_seq_id 
_pdbx_struct_sheet_hbond.range_2_label_atom_id 
_pdbx_struct_sheet_hbond.range_2_label_comp_id 
_pdbx_struct_sheet_hbond.range_2_label_asym_id 
_pdbx_struct_sheet_hbond.range_2_label_seq_id 
_pdbx_struct_sheet_hbond.range_2_PDB_ins_code 
_pdbx_struct_sheet_hbond.range_2_auth_atom_id 
_pdbx_struct_sheet_hbond.range_2_auth_comp_id 
_pdbx_struct_sheet_hbond.range_2_auth_asym_id 
_pdbx_struct_sheet_hbond.range_2_auth_seq_id 
AA 1 2 N VAL A 9   ? N VAL A 908  O LEU A 150 ? O LEU A 1049 
AA 2 3 N PHE A 145 ? N PHE A 1044 O ILE A 53  ? O ILE A 952  
AA 3 4 N GLY A 54  ? N GLY A 953  O GLN A 27  ? O GLN A 926  
AB 1 2 N VAL A 9   ? N VAL A 908  O LEU A 150 ? O LEU A 1049 
AB 2 3 N THR A 151 ? N THR A 1050 O TYR A 73  ? O TYR A 972  
AB 3 4 N VAL A 78  ? N VAL A 977  O LYS A 115 ? O LYS A 1014 
AC 1 2 N SER A 20  ? N SER A 919  O GLU A 60  ? O GLU A 959  
AC 2 3 N TYR A 63  ? N TYR A 962  O LEU A 127 ? O LEU A 1026 
AC 3 4 N LYS A 132 ? N LYS A 1031 O SER A 92  ? O SER A 991  
AC 4 5 N ILE A 91  ? N ILE A 990  O MSE A 108 ? O MSE A 1007 
AD 1 2 N SER A 20  ? N SER A 919  O GLU A 60  ? O GLU A 959  
AD 2 3 N TYR A 63  ? N TYR A 962  O LEU A 127 ? O LEU A 1026 
AD 3 4 N LYS A 132 ? N LYS A 1031 O SER A 92  ? O SER A 991  
AD 4 5 N LEU A 97  ? N LEU A 996  O GLU A 100 ? O GLU A 999  
AE 1 2 N LEU A 39  ? N LEU A 938  O VAL A 47  ? O VAL A 946  
# 
_struct_site.id                   AC1 
_struct_site.pdbx_evidence_code   Software 
_struct_site.pdbx_auth_asym_id    ? 
_struct_site.pdbx_auth_comp_id    ? 
_struct_site.pdbx_auth_seq_id     ? 
_struct_site.pdbx_auth_ins_code   ? 
_struct_site.pdbx_num_residues    6 
_struct_site.details              'BINDING SITE FOR RESIDUE CA A3050' 
# 
loop_
_struct_site_gen.id 
_struct_site_gen.site_id 
_struct_site_gen.pdbx_num_res 
_struct_site_gen.label_comp_id 
_struct_site_gen.label_asym_id 
_struct_site_gen.label_seq_id 
_struct_site_gen.pdbx_auth_ins_code 
_struct_site_gen.auth_comp_id 
_struct_site_gen.auth_asym_id 
_struct_site_gen.auth_seq_id 
_struct_site_gen.label_atom_id 
_struct_site_gen.label_alt_id 
_struct_site_gen.symmetry 
_struct_site_gen.details 
1 AC1 6 SER A 90  ? SER A 989  . ? 1_555 ? 
2 AC1 6 ASP A 133 ? ASP A 1032 . ? 1_555 ? 
3 AC1 6 ASP A 136 ? ASP A 1035 . ? 1_555 ? 
4 AC1 6 SER A 137 ? SER A 1036 . ? 1_555 ? 
5 AC1 6 ASP A 141 ? ASP A 1040 . ? 1_555 ? 
6 AC1 6 HOH C .   ? HOH A 2124 . ? 1_555 ? 
# 
_pdbx_entry_details.entry_id                   2VMI 
_pdbx_entry_details.compound_details           ? 
_pdbx_entry_details.source_details             ? 
_pdbx_entry_details.nonpolymer_details         ? 
_pdbx_entry_details.sequence_details           ? 
_pdbx_entry_details.has_ligand_of_interest     ? 
_pdbx_entry_details.has_protein_modification   Y 
# 
loop_
_pdbx_validate_torsion.id 
_pdbx_validate_torsion.PDB_model_num 
_pdbx_validate_torsion.auth_comp_id 
_pdbx_validate_torsion.auth_asym_id 
_pdbx_validate_torsion.auth_seq_id 
_pdbx_validate_torsion.PDB_ins_code 
_pdbx_validate_torsion.label_alt_id 
_pdbx_validate_torsion.phi 
_pdbx_validate_torsion.psi 
1 1 ASP A 997  ? ? 45.37   -128.42 
2 1 ASP A 1035 ? ? -116.44 -88.46  
# 
loop_
_pdbx_struct_mod_residue.id 
_pdbx_struct_mod_residue.label_asym_id 
_pdbx_struct_mod_residue.label_comp_id 
_pdbx_struct_mod_residue.label_seq_id 
_pdbx_struct_mod_residue.auth_asym_id 
_pdbx_struct_mod_residue.auth_comp_id 
_pdbx_struct_mod_residue.auth_seq_id 
_pdbx_struct_mod_residue.PDB_ins_code 
_pdbx_struct_mod_residue.parent_comp_id 
_pdbx_struct_mod_residue.details 
1 A MSE 84  A MSE 983  ? MET SELENOMETHIONINE 
2 A MSE 108 A MSE 1007 ? MET SELENOMETHIONINE 
# 
_pdbx_database_remark.id     700 
_pdbx_database_remark.text   
;
SHEET
THE SHEET STRUCTURE OF THIS MOLECULE IS BIFURCATED. IN
ORDER TO REPRESENT THIS FEATURE IN THE SHEET RECORDS BELOW,
TWO SHEETS ARE DEFINED.
;
# 
loop_
_pdbx_unobs_or_zero_occ_residues.id 
_pdbx_unobs_or_zero_occ_residues.PDB_model_num 
_pdbx_unobs_or_zero_occ_residues.polymer_flag 
_pdbx_unobs_or_zero_occ_residues.occupancy_flag 
_pdbx_unobs_or_zero_occ_residues.auth_asym_id 
_pdbx_unobs_or_zero_occ_residues.auth_comp_id 
_pdbx_unobs_or_zero_occ_residues.auth_seq_id 
_pdbx_unobs_or_zero_occ_residues.PDB_ins_code 
_pdbx_unobs_or_zero_occ_residues.label_asym_id 
_pdbx_unobs_or_zero_occ_residues.label_comp_id 
_pdbx_unobs_or_zero_occ_residues.label_seq_id 
1 1 Y 1 A GLU 900 ? A GLU 1 
2 1 Y 1 A LYS 901 ? A LYS 2 
3 1 Y 1 A VAL 902 ? A VAL 3 
4 1 Y 1 A ALA 903 ? A ALA 4 
5 1 Y 1 A VAL 904 ? A VAL 5 
# 
loop_
_chem_comp_atom.comp_id 
_chem_comp_atom.atom_id 
_chem_comp_atom.type_symbol 
_chem_comp_atom.pdbx_aromatic_flag 
_chem_comp_atom.pdbx_stereo_config 
_chem_comp_atom.pdbx_ordinal 
ALA N    N  N N 1   
ALA CA   C  N S 2   
ALA C    C  N N 3   
ALA O    O  N N 4   
ALA CB   C  N N 5   
ALA OXT  O  N N 6   
ALA H    H  N N 7   
ALA H2   H  N N 8   
ALA HA   H  N N 9   
ALA HB1  H  N N 10  
ALA HB2  H  N N 11  
ALA HB3  H  N N 12  
ALA HXT  H  N N 13  
ASN N    N  N N 14  
ASN CA   C  N S 15  
ASN C    C  N N 16  
ASN O    O  N N 17  
ASN CB   C  N N 18  
ASN CG   C  N N 19  
ASN OD1  O  N N 20  
ASN ND2  N  N N 21  
ASN OXT  O  N N 22  
ASN H    H  N N 23  
ASN H2   H  N N 24  
ASN HA   H  N N 25  
ASN HB2  H  N N 26  
ASN HB3  H  N N 27  
ASN HD21 H  N N 28  
ASN HD22 H  N N 29  
ASN HXT  H  N N 30  
ASP N    N  N N 31  
ASP CA   C  N S 32  
ASP C    C  N N 33  
ASP O    O  N N 34  
ASP CB   C  N N 35  
ASP CG   C  N N 36  
ASP OD1  O  N N 37  
ASP OD2  O  N N 38  
ASP OXT  O  N N 39  
ASP H    H  N N 40  
ASP H2   H  N N 41  
ASP HA   H  N N 42  
ASP HB2  H  N N 43  
ASP HB3  H  N N 44  
ASP HD2  H  N N 45  
ASP HXT  H  N N 46  
CA  CA   CA N N 47  
CYS N    N  N N 48  
CYS CA   C  N R 49  
CYS C    C  N N 50  
CYS O    O  N N 51  
CYS CB   C  N N 52  
CYS SG   S  N N 53  
CYS OXT  O  N N 54  
CYS H    H  N N 55  
CYS H2   H  N N 56  
CYS HA   H  N N 57  
CYS HB2  H  N N 58  
CYS HB3  H  N N 59  
CYS HG   H  N N 60  
CYS HXT  H  N N 61  
GLN N    N  N N 62  
GLN CA   C  N S 63  
GLN C    C  N N 64  
GLN O    O  N N 65  
GLN CB   C  N N 66  
GLN CG   C  N N 67  
GLN CD   C  N N 68  
GLN OE1  O  N N 69  
GLN NE2  N  N N 70  
GLN OXT  O  N N 71  
GLN H    H  N N 72  
GLN H2   H  N N 73  
GLN HA   H  N N 74  
GLN HB2  H  N N 75  
GLN HB3  H  N N 76  
GLN HG2  H  N N 77  
GLN HG3  H  N N 78  
GLN HE21 H  N N 79  
GLN HE22 H  N N 80  
GLN HXT  H  N N 81  
GLU N    N  N N 82  
GLU CA   C  N S 83  
GLU C    C  N N 84  
GLU O    O  N N 85  
GLU CB   C  N N 86  
GLU CG   C  N N 87  
GLU CD   C  N N 88  
GLU OE1  O  N N 89  
GLU OE2  O  N N 90  
GLU OXT  O  N N 91  
GLU H    H  N N 92  
GLU H2   H  N N 93  
GLU HA   H  N N 94  
GLU HB2  H  N N 95  
GLU HB3  H  N N 96  
GLU HG2  H  N N 97  
GLU HG3  H  N N 98  
GLU HE2  H  N N 99  
GLU HXT  H  N N 100 
GLY N    N  N N 101 
GLY CA   C  N N 102 
GLY C    C  N N 103 
GLY O    O  N N 104 
GLY OXT  O  N N 105 
GLY H    H  N N 106 
GLY H2   H  N N 107 
GLY HA2  H  N N 108 
GLY HA3  H  N N 109 
GLY HXT  H  N N 110 
HIS N    N  N N 111 
HIS CA   C  N S 112 
HIS C    C  N N 113 
HIS O    O  N N 114 
HIS CB   C  N N 115 
HIS CG   C  Y N 116 
HIS ND1  N  Y N 117 
HIS CD2  C  Y N 118 
HIS CE1  C  Y N 119 
HIS NE2  N  Y N 120 
HIS OXT  O  N N 121 
HIS H    H  N N 122 
HIS H2   H  N N 123 
HIS HA   H  N N 124 
HIS HB2  H  N N 125 
HIS HB3  H  N N 126 
HIS HD1  H  N N 127 
HIS HD2  H  N N 128 
HIS HE1  H  N N 129 
HIS HE2  H  N N 130 
HIS HXT  H  N N 131 
HOH O    O  N N 132 
HOH H1   H  N N 133 
HOH H2   H  N N 134 
ILE N    N  N N 135 
ILE CA   C  N S 136 
ILE C    C  N N 137 
ILE O    O  N N 138 
ILE CB   C  N S 139 
ILE CG1  C  N N 140 
ILE CG2  C  N N 141 
ILE CD1  C  N N 142 
ILE OXT  O  N N 143 
ILE H    H  N N 144 
ILE H2   H  N N 145 
ILE HA   H  N N 146 
ILE HB   H  N N 147 
ILE HG12 H  N N 148 
ILE HG13 H  N N 149 
ILE HG21 H  N N 150 
ILE HG22 H  N N 151 
ILE HG23 H  N N 152 
ILE HD11 H  N N 153 
ILE HD12 H  N N 154 
ILE HD13 H  N N 155 
ILE HXT  H  N N 156 
LEU N    N  N N 157 
LEU CA   C  N S 158 
LEU C    C  N N 159 
LEU O    O  N N 160 
LEU CB   C  N N 161 
LEU CG   C  N N 162 
LEU CD1  C  N N 163 
LEU CD2  C  N N 164 
LEU OXT  O  N N 165 
LEU H    H  N N 166 
LEU H2   H  N N 167 
LEU HA   H  N N 168 
LEU HB2  H  N N 169 
LEU HB3  H  N N 170 
LEU HG   H  N N 171 
LEU HD11 H  N N 172 
LEU HD12 H  N N 173 
LEU HD13 H  N N 174 
LEU HD21 H  N N 175 
LEU HD22 H  N N 176 
LEU HD23 H  N N 177 
LEU HXT  H  N N 178 
LYS N    N  N N 179 
LYS CA   C  N S 180 
LYS C    C  N N 181 
LYS O    O  N N 182 
LYS CB   C  N N 183 
LYS CG   C  N N 184 
LYS CD   C  N N 185 
LYS CE   C  N N 186 
LYS NZ   N  N N 187 
LYS OXT  O  N N 188 
LYS H    H  N N 189 
LYS H2   H  N N 190 
LYS HA   H  N N 191 
LYS HB2  H  N N 192 
LYS HB3  H  N N 193 
LYS HG2  H  N N 194 
LYS HG3  H  N N 195 
LYS HD2  H  N N 196 
LYS HD3  H  N N 197 
LYS HE2  H  N N 198 
LYS HE3  H  N N 199 
LYS HZ1  H  N N 200 
LYS HZ2  H  N N 201 
LYS HZ3  H  N N 202 
LYS HXT  H  N N 203 
MSE N    N  N N 204 
MSE CA   C  N S 205 
MSE C    C  N N 206 
MSE O    O  N N 207 
MSE OXT  O  N N 208 
MSE CB   C  N N 209 
MSE CG   C  N N 210 
MSE SE   SE N N 211 
MSE CE   C  N N 212 
MSE H    H  N N 213 
MSE H2   H  N N 214 
MSE HA   H  N N 215 
MSE HXT  H  N N 216 
MSE HB2  H  N N 217 
MSE HB3  H  N N 218 
MSE HG2  H  N N 219 
MSE HG3  H  N N 220 
MSE HE1  H  N N 221 
MSE HE2  H  N N 222 
MSE HE3  H  N N 223 
PHE N    N  N N 224 
PHE CA   C  N S 225 
PHE C    C  N N 226 
PHE O    O  N N 227 
PHE CB   C  N N 228 
PHE CG   C  Y N 229 
PHE CD1  C  Y N 230 
PHE CD2  C  Y N 231 
PHE CE1  C  Y N 232 
PHE CE2  C  Y N 233 
PHE CZ   C  Y N 234 
PHE OXT  O  N N 235 
PHE H    H  N N 236 
PHE H2   H  N N 237 
PHE HA   H  N N 238 
PHE HB2  H  N N 239 
PHE HB3  H  N N 240 
PHE HD1  H  N N 241 
PHE HD2  H  N N 242 
PHE HE1  H  N N 243 
PHE HE2  H  N N 244 
PHE HZ   H  N N 245 
PHE HXT  H  N N 246 
PRO N    N  N N 247 
PRO CA   C  N S 248 
PRO C    C  N N 249 
PRO O    O  N N 250 
PRO CB   C  N N 251 
PRO CG   C  N N 252 
PRO CD   C  N N 253 
PRO OXT  O  N N 254 
PRO H    H  N N 255 
PRO HA   H  N N 256 
PRO HB2  H  N N 257 
PRO HB3  H  N N 258 
PRO HG2  H  N N 259 
PRO HG3  H  N N 260 
PRO HD2  H  N N 261 
PRO HD3  H  N N 262 
PRO HXT  H  N N 263 
SER N    N  N N 264 
SER CA   C  N S 265 
SER C    C  N N 266 
SER O    O  N N 267 
SER CB   C  N N 268 
SER OG   O  N N 269 
SER OXT  O  N N 270 
SER H    H  N N 271 
SER H2   H  N N 272 
SER HA   H  N N 273 
SER HB2  H  N N 274 
SER HB3  H  N N 275 
SER HG   H  N N 276 
SER HXT  H  N N 277 
THR N    N  N N 278 
THR CA   C  N S 279 
THR C    C  N N 280 
THR O    O  N N 281 
THR CB   C  N R 282 
THR OG1  O  N N 283 
THR CG2  C  N N 284 
THR OXT  O  N N 285 
THR H    H  N N 286 
THR H2   H  N N 287 
THR HA   H  N N 288 
THR HB   H  N N 289 
THR HG1  H  N N 290 
THR HG21 H  N N 291 
THR HG22 H  N N 292 
THR HG23 H  N N 293 
THR HXT  H  N N 294 
TRP N    N  N N 295 
TRP CA   C  N S 296 
TRP C    C  N N 297 
TRP O    O  N N 298 
TRP CB   C  N N 299 
TRP CG   C  Y N 300 
TRP CD1  C  Y N 301 
TRP CD2  C  Y N 302 
TRP NE1  N  Y N 303 
TRP CE2  C  Y N 304 
TRP CE3  C  Y N 305 
TRP CZ2  C  Y N 306 
TRP CZ3  C  Y N 307 
TRP CH2  C  Y N 308 
TRP OXT  O  N N 309 
TRP H    H  N N 310 
TRP H2   H  N N 311 
TRP HA   H  N N 312 
TRP HB2  H  N N 313 
TRP HB3  H  N N 314 
TRP HD1  H  N N 315 
TRP HE1  H  N N 316 
TRP HE3  H  N N 317 
TRP HZ2  H  N N 318 
TRP HZ3  H  N N 319 
TRP HH2  H  N N 320 
TRP HXT  H  N N 321 
TYR N    N  N N 322 
TYR CA   C  N S 323 
TYR C    C  N N 324 
TYR O    O  N N 325 
TYR CB   C  N N 326 
TYR CG   C  Y N 327 
TYR CD1  C  Y N 328 
TYR CD2  C  Y N 329 
TYR CE1  C  Y N 330 
TYR CE2  C  Y N 331 
TYR CZ   C  Y N 332 
TYR OH   O  N N 333 
TYR OXT  O  N N 334 
TYR H    H  N N 335 
TYR H2   H  N N 336 
TYR HA   H  N N 337 
TYR HB2  H  N N 338 
TYR HB3  H  N N 339 
TYR HD1  H  N N 340 
TYR HD2  H  N N 341 
TYR HE1  H  N N 342 
TYR HE2  H  N N 343 
TYR HH   H  N N 344 
TYR HXT  H  N N 345 
VAL N    N  N N 346 
VAL CA   C  N S 347 
VAL C    C  N N 348 
VAL O    O  N N 349 
VAL CB   C  N N 350 
VAL CG1  C  N N 351 
VAL CG2  C  N N 352 
VAL OXT  O  N N 353 
VAL H    H  N N 354 
VAL H2   H  N N 355 
VAL HA   H  N N 356 
VAL HB   H  N N 357 
VAL HG11 H  N N 358 
VAL HG12 H  N N 359 
VAL HG13 H  N N 360 
VAL HG21 H  N N 361 
VAL HG22 H  N N 362 
VAL HG23 H  N N 363 
VAL HXT  H  N N 364 
# 
loop_
_chem_comp_bond.comp_id 
_chem_comp_bond.atom_id_1 
_chem_comp_bond.atom_id_2 
_chem_comp_bond.value_order 
_chem_comp_bond.pdbx_aromatic_flag 
_chem_comp_bond.pdbx_stereo_config 
_chem_comp_bond.pdbx_ordinal 
ALA N   CA   sing N N 1   
ALA N   H    sing N N 2   
ALA N   H2   sing N N 3   
ALA CA  C    sing N N 4   
ALA CA  CB   sing N N 5   
ALA CA  HA   sing N N 6   
ALA C   O    doub N N 7   
ALA C   OXT  sing N N 8   
ALA CB  HB1  sing N N 9   
ALA CB  HB2  sing N N 10  
ALA CB  HB3  sing N N 11  
ALA OXT HXT  sing N N 12  
ASN N   CA   sing N N 13  
ASN N   H    sing N N 14  
ASN N   H2   sing N N 15  
ASN CA  C    sing N N 16  
ASN CA  CB   sing N N 17  
ASN CA  HA   sing N N 18  
ASN C   O    doub N N 19  
ASN C   OXT  sing N N 20  
ASN CB  CG   sing N N 21  
ASN CB  HB2  sing N N 22  
ASN CB  HB3  sing N N 23  
ASN CG  OD1  doub N N 24  
ASN CG  ND2  sing N N 25  
ASN ND2 HD21 sing N N 26  
ASN ND2 HD22 sing N N 27  
ASN OXT HXT  sing N N 28  
ASP N   CA   sing N N 29  
ASP N   H    sing N N 30  
ASP N   H2   sing N N 31  
ASP CA  C    sing N N 32  
ASP CA  CB   sing N N 33  
ASP CA  HA   sing N N 34  
ASP C   O    doub N N 35  
ASP C   OXT  sing N N 36  
ASP CB  CG   sing N N 37  
ASP CB  HB2  sing N N 38  
ASP CB  HB3  sing N N 39  
ASP CG  OD1  doub N N 40  
ASP CG  OD2  sing N N 41  
ASP OD2 HD2  sing N N 42  
ASP OXT HXT  sing N N 43  
CYS N   CA   sing N N 44  
CYS N   H    sing N N 45  
CYS N   H2   sing N N 46  
CYS CA  C    sing N N 47  
CYS CA  CB   sing N N 48  
CYS CA  HA   sing N N 49  
CYS C   O    doub N N 50  
CYS C   OXT  sing N N 51  
CYS CB  SG   sing N N 52  
CYS CB  HB2  sing N N 53  
CYS CB  HB3  sing N N 54  
CYS SG  HG   sing N N 55  
CYS OXT HXT  sing N N 56  
GLN N   CA   sing N N 57  
GLN N   H    sing N N 58  
GLN N   H2   sing N N 59  
GLN CA  C    sing N N 60  
GLN CA  CB   sing N N 61  
GLN CA  HA   sing N N 62  
GLN C   O    doub N N 63  
GLN C   OXT  sing N N 64  
GLN CB  CG   sing N N 65  
GLN CB  HB2  sing N N 66  
GLN CB  HB3  sing N N 67  
GLN CG  CD   sing N N 68  
GLN CG  HG2  sing N N 69  
GLN CG  HG3  sing N N 70  
GLN CD  OE1  doub N N 71  
GLN CD  NE2  sing N N 72  
GLN NE2 HE21 sing N N 73  
GLN NE2 HE22 sing N N 74  
GLN OXT HXT  sing N N 75  
GLU N   CA   sing N N 76  
GLU N   H    sing N N 77  
GLU N   H2   sing N N 78  
GLU CA  C    sing N N 79  
GLU CA  CB   sing N N 80  
GLU CA  HA   sing N N 81  
GLU C   O    doub N N 82  
GLU C   OXT  sing N N 83  
GLU CB  CG   sing N N 84  
GLU CB  HB2  sing N N 85  
GLU CB  HB3  sing N N 86  
GLU CG  CD   sing N N 87  
GLU CG  HG2  sing N N 88  
GLU CG  HG3  sing N N 89  
GLU CD  OE1  doub N N 90  
GLU CD  OE2  sing N N 91  
GLU OE2 HE2  sing N N 92  
GLU OXT HXT  sing N N 93  
GLY N   CA   sing N N 94  
GLY N   H    sing N N 95  
GLY N   H2   sing N N 96  
GLY CA  C    sing N N 97  
GLY CA  HA2  sing N N 98  
GLY CA  HA3  sing N N 99  
GLY C   O    doub N N 100 
GLY C   OXT  sing N N 101 
GLY OXT HXT  sing N N 102 
HIS N   CA   sing N N 103 
HIS N   H    sing N N 104 
HIS N   H2   sing N N 105 
HIS CA  C    sing N N 106 
HIS CA  CB   sing N N 107 
HIS CA  HA   sing N N 108 
HIS C   O    doub N N 109 
HIS C   OXT  sing N N 110 
HIS CB  CG   sing N N 111 
HIS CB  HB2  sing N N 112 
HIS CB  HB3  sing N N 113 
HIS CG  ND1  sing Y N 114 
HIS CG  CD2  doub Y N 115 
HIS ND1 CE1  doub Y N 116 
HIS ND1 HD1  sing N N 117 
HIS CD2 NE2  sing Y N 118 
HIS CD2 HD2  sing N N 119 
HIS CE1 NE2  sing Y N 120 
HIS CE1 HE1  sing N N 121 
HIS NE2 HE2  sing N N 122 
HIS OXT HXT  sing N N 123 
HOH O   H1   sing N N 124 
HOH O   H2   sing N N 125 
ILE N   CA   sing N N 126 
ILE N   H    sing N N 127 
ILE N   H2   sing N N 128 
ILE CA  C    sing N N 129 
ILE CA  CB   sing N N 130 
ILE CA  HA   sing N N 131 
ILE C   O    doub N N 132 
ILE C   OXT  sing N N 133 
ILE CB  CG1  sing N N 134 
ILE CB  CG2  sing N N 135 
ILE CB  HB   sing N N 136 
ILE CG1 CD1  sing N N 137 
ILE CG1 HG12 sing N N 138 
ILE CG1 HG13 sing N N 139 
ILE CG2 HG21 sing N N 140 
ILE CG2 HG22 sing N N 141 
ILE CG2 HG23 sing N N 142 
ILE CD1 HD11 sing N N 143 
ILE CD1 HD12 sing N N 144 
ILE CD1 HD13 sing N N 145 
ILE OXT HXT  sing N N 146 
LEU N   CA   sing N N 147 
LEU N   H    sing N N 148 
LEU N   H2   sing N N 149 
LEU CA  C    sing N N 150 
LEU CA  CB   sing N N 151 
LEU CA  HA   sing N N 152 
LEU C   O    doub N N 153 
LEU C   OXT  sing N N 154 
LEU CB  CG   sing N N 155 
LEU CB  HB2  sing N N 156 
LEU CB  HB3  sing N N 157 
LEU CG  CD1  sing N N 158 
LEU CG  CD2  sing N N 159 
LEU CG  HG   sing N N 160 
LEU CD1 HD11 sing N N 161 
LEU CD1 HD12 sing N N 162 
LEU CD1 HD13 sing N N 163 
LEU CD2 HD21 sing N N 164 
LEU CD2 HD22 sing N N 165 
LEU CD2 HD23 sing N N 166 
LEU OXT HXT  sing N N 167 
LYS N   CA   sing N N 168 
LYS N   H    sing N N 169 
LYS N   H2   sing N N 170 
LYS CA  C    sing N N 171 
LYS CA  CB   sing N N 172 
LYS CA  HA   sing N N 173 
LYS C   O    doub N N 174 
LYS C   OXT  sing N N 175 
LYS CB  CG   sing N N 176 
LYS CB  HB2  sing N N 177 
LYS CB  HB3  sing N N 178 
LYS CG  CD   sing N N 179 
LYS CG  HG2  sing N N 180 
LYS CG  HG3  sing N N 181 
LYS CD  CE   sing N N 182 
LYS CD  HD2  sing N N 183 
LYS CD  HD3  sing N N 184 
LYS CE  NZ   sing N N 185 
LYS CE  HE2  sing N N 186 
LYS CE  HE3  sing N N 187 
LYS NZ  HZ1  sing N N 188 
LYS NZ  HZ2  sing N N 189 
LYS NZ  HZ3  sing N N 190 
LYS OXT HXT  sing N N 191 
MSE N   CA   sing N N 192 
MSE N   H    sing N N 193 
MSE N   H2   sing N N 194 
MSE CA  C    sing N N 195 
MSE CA  CB   sing N N 196 
MSE CA  HA   sing N N 197 
MSE C   O    doub N N 198 
MSE C   OXT  sing N N 199 
MSE OXT HXT  sing N N 200 
MSE CB  CG   sing N N 201 
MSE CB  HB2  sing N N 202 
MSE CB  HB3  sing N N 203 
MSE CG  SE   sing N N 204 
MSE CG  HG2  sing N N 205 
MSE CG  HG3  sing N N 206 
MSE SE  CE   sing N N 207 
MSE CE  HE1  sing N N 208 
MSE CE  HE2  sing N N 209 
MSE CE  HE3  sing N N 210 
PHE N   CA   sing N N 211 
PHE N   H    sing N N 212 
PHE N   H2   sing N N 213 
PHE CA  C    sing N N 214 
PHE CA  CB   sing N N 215 
PHE CA  HA   sing N N 216 
PHE C   O    doub N N 217 
PHE C   OXT  sing N N 218 
PHE CB  CG   sing N N 219 
PHE CB  HB2  sing N N 220 
PHE CB  HB3  sing N N 221 
PHE CG  CD1  doub Y N 222 
PHE CG  CD2  sing Y N 223 
PHE CD1 CE1  sing Y N 224 
PHE CD1 HD1  sing N N 225 
PHE CD2 CE2  doub Y N 226 
PHE CD2 HD2  sing N N 227 
PHE CE1 CZ   doub Y N 228 
PHE CE1 HE1  sing N N 229 
PHE CE2 CZ   sing Y N 230 
PHE CE2 HE2  sing N N 231 
PHE CZ  HZ   sing N N 232 
PHE OXT HXT  sing N N 233 
PRO N   CA   sing N N 234 
PRO N   CD   sing N N 235 
PRO N   H    sing N N 236 
PRO CA  C    sing N N 237 
PRO CA  CB   sing N N 238 
PRO CA  HA   sing N N 239 
PRO C   O    doub N N 240 
PRO C   OXT  sing N N 241 
PRO CB  CG   sing N N 242 
PRO CB  HB2  sing N N 243 
PRO CB  HB3  sing N N 244 
PRO CG  CD   sing N N 245 
PRO CG  HG2  sing N N 246 
PRO CG  HG3  sing N N 247 
PRO CD  HD2  sing N N 248 
PRO CD  HD3  sing N N 249 
PRO OXT HXT  sing N N 250 
SER N   CA   sing N N 251 
SER N   H    sing N N 252 
SER N   H2   sing N N 253 
SER CA  C    sing N N 254 
SER CA  CB   sing N N 255 
SER CA  HA   sing N N 256 
SER C   O    doub N N 257 
SER C   OXT  sing N N 258 
SER CB  OG   sing N N 259 
SER CB  HB2  sing N N 260 
SER CB  HB3  sing N N 261 
SER OG  HG   sing N N 262 
SER OXT HXT  sing N N 263 
THR N   CA   sing N N 264 
THR N   H    sing N N 265 
THR N   H2   sing N N 266 
THR CA  C    sing N N 267 
THR CA  CB   sing N N 268 
THR CA  HA   sing N N 269 
THR C   O    doub N N 270 
THR C   OXT  sing N N 271 
THR CB  OG1  sing N N 272 
THR CB  CG2  sing N N 273 
THR CB  HB   sing N N 274 
THR OG1 HG1  sing N N 275 
THR CG2 HG21 sing N N 276 
THR CG2 HG22 sing N N 277 
THR CG2 HG23 sing N N 278 
THR OXT HXT  sing N N 279 
TRP N   CA   sing N N 280 
TRP N   H    sing N N 281 
TRP N   H2   sing N N 282 
TRP CA  C    sing N N 283 
TRP CA  CB   sing N N 284 
TRP CA  HA   sing N N 285 
TRP C   O    doub N N 286 
TRP C   OXT  sing N N 287 
TRP CB  CG   sing N N 288 
TRP CB  HB2  sing N N 289 
TRP CB  HB3  sing N N 290 
TRP CG  CD1  doub Y N 291 
TRP CG  CD2  sing Y N 292 
TRP CD1 NE1  sing Y N 293 
TRP CD1 HD1  sing N N 294 
TRP CD2 CE2  doub Y N 295 
TRP CD2 CE3  sing Y N 296 
TRP NE1 CE2  sing Y N 297 
TRP NE1 HE1  sing N N 298 
TRP CE2 CZ2  sing Y N 299 
TRP CE3 CZ3  doub Y N 300 
TRP CE3 HE3  sing N N 301 
TRP CZ2 CH2  doub Y N 302 
TRP CZ2 HZ2  sing N N 303 
TRP CZ3 CH2  sing Y N 304 
TRP CZ3 HZ3  sing N N 305 
TRP CH2 HH2  sing N N 306 
TRP OXT HXT  sing N N 307 
TYR N   CA   sing N N 308 
TYR N   H    sing N N 309 
TYR N   H2   sing N N 310 
TYR CA  C    sing N N 311 
TYR CA  CB   sing N N 312 
TYR CA  HA   sing N N 313 
TYR C   O    doub N N 314 
TYR C   OXT  sing N N 315 
TYR CB  CG   sing N N 316 
TYR CB  HB2  sing N N 317 
TYR CB  HB3  sing N N 318 
TYR CG  CD1  doub Y N 319 
TYR CG  CD2  sing Y N 320 
TYR CD1 CE1  sing Y N 321 
TYR CD1 HD1  sing N N 322 
TYR CD2 CE2  doub Y N 323 
TYR CD2 HD2  sing N N 324 
TYR CE1 CZ   doub Y N 325 
TYR CE1 HE1  sing N N 326 
TYR CE2 CZ   sing Y N 327 
TYR CE2 HE2  sing N N 328 
TYR CZ  OH   sing N N 329 
TYR OH  HH   sing N N 330 
TYR OXT HXT  sing N N 331 
VAL N   CA   sing N N 332 
VAL N   H    sing N N 333 
VAL N   H2   sing N N 334 
VAL CA  C    sing N N 335 
VAL CA  CB   sing N N 336 
VAL CA  HA   sing N N 337 
VAL C   O    doub N N 338 
VAL C   OXT  sing N N 339 
VAL CB  CG1  sing N N 340 
VAL CB  CG2  sing N N 341 
VAL CB  HB   sing N N 342 
VAL CG1 HG11 sing N N 343 
VAL CG1 HG12 sing N N 344 
VAL CG1 HG13 sing N N 345 
VAL CG2 HG21 sing N N 346 
VAL CG2 HG22 sing N N 347 
VAL CG2 HG23 sing N N 348 
VAL OXT HXT  sing N N 349 
# 
_atom_sites.entry_id                    2VMI 
_atom_sites.fract_transf_matrix[1][1]   -0.00733745 
_atom_sites.fract_transf_matrix[1][2]   -0.00917649 
_atom_sites.fract_transf_matrix[1][3]   -0.00940557 
_atom_sites.fract_transf_matrix[2][1]   -0.00157301 
_atom_sites.fract_transf_matrix[2][2]   -0.01457585 
_atom_sites.fract_transf_matrix[2][3]   0.00340630 
_atom_sites.fract_transf_matrix[3][1]   -0.01657648 
_atom_sites.fract_transf_matrix[3][2]   0.00391771 
_atom_sites.fract_transf_matrix[3][3]   0.00910931 
_atom_sites.fract_transf_vector[1]      0.985548 
_atom_sites.fract_transf_vector[2]      0.421463 
_atom_sites.fract_transf_vector[3]      0.067518 
# 
loop_
_atom_type.symbol 
C  
CA 
N  
O  
S  
SE 
# 
loop_
_atom_site.group_PDB 
_atom_site.id 
_atom_site.type_symbol 
_atom_site.label_atom_id 
_atom_site.label_alt_id 
_atom_site.label_comp_id 
_atom_site.label_asym_id 
_atom_site.label_entity_id 
_atom_site.label_seq_id 
_atom_site.pdbx_PDB_ins_code 
_atom_site.Cartn_x 
_atom_site.Cartn_y 
_atom_site.Cartn_z 
_atom_site.occupancy 
_atom_site.B_iso_or_equiv 
_atom_site.pdbx_formal_charge 
_atom_site.auth_seq_id 
_atom_site.auth_comp_id 
_atom_site.auth_asym_id 
_atom_site.auth_atom_id 
_atom_site.pdbx_PDB_model_num 
ATOM   1    N  N   . GLU A 1 6   ? 14.093  -8.539  14.751  1.00 20.11 ? 905  GLU A N   1 
ATOM   2    C  CA  . GLU A 1 6   ? 13.805  -8.795  13.299  1.00 18.01 ? 905  GLU A CA  1 
ATOM   3    C  C   . GLU A 1 6   ? 14.529  -7.795  12.406  1.00 16.07 ? 905  GLU A C   1 
ATOM   4    O  O   . GLU A 1 6   ? 14.507  -6.591  12.657  1.00 14.69 ? 905  GLU A O   1 
ATOM   5    C  CB  . GLU A 1 6   ? 12.308  -8.707  13.024  1.00 19.37 ? 905  GLU A CB  1 
ATOM   6    C  CG  . GLU A 1 6   ? 11.506  -9.841  13.627  1.00 20.52 ? 905  GLU A CG  1 
ATOM   7    C  CD  . GLU A 1 6   ? 9.991   -9.662  13.397  1.00 23.43 ? 905  GLU A CD  1 
ATOM   8    O  OE1 . GLU A 1 6   ? 9.557   -9.599  12.240  1.00 23.71 ? 905  GLU A OE1 1 
ATOM   9    O  OE2 . GLU A 1 6   ? 9.245   -9.552  14.394  1.00 33.06 ? 905  GLU A OE2 1 
ATOM   10   N  N   . THR A 1 7   ? 15.220  -8.297  11.386  1.00 13.63 ? 906  THR A N   1 
ATOM   11   C  CA  . THR A 1 7   ? 15.992  -7.455  10.501  1.00 12.81 ? 906  THR A CA  1 
ATOM   12   C  C   . THR A 1 7   ? 15.086  -6.565  9.630   1.00 12.06 ? 906  THR A C   1 
ATOM   13   O  O   . THR A 1 7   ? 15.460  -5.464  9.217   1.00 11.43 ? 906  THR A O   1 
ATOM   14   C  CB  . THR A 1 7   ? 16.931  -8.355  9.616   1.00 12.87 ? 906  THR A CB  1 
ATOM   15   O  OG1 . THR A 1 7   ? 17.761  -9.140  10.488  1.00 13.96 ? 906  THR A OG1 1 
ATOM   16   C  CG2 . THR A 1 7   ? 17.767  -7.549  8.689   1.00 12.68 ? 906  THR A CG2 1 
ATOM   17   N  N   . SER A 1 8   ? 13.893  -7.081  9.342   1.00 10.66 ? 907  SER A N   1 
ATOM   18   C  CA  . SER A 1 8   ? 12.813  -6.285  8.748   1.00 9.75  ? 907  SER A CA  1 
ATOM   19   C  C   . SER A 1 8   ? 11.490  -6.774  9.323   1.00 9.10  ? 907  SER A C   1 
ATOM   20   O  O   . SER A 1 8   ? 11.390  -7.922  9.759   1.00 10.68 ? 907  SER A O   1 
ATOM   21   C  CB  . SER A 1 8   ? 12.795  -6.368  7.216   1.00 10.93 ? 907  SER A CB  1 
ATOM   22   O  OG  . SER A 1 8   ? 12.396  -7.661  6.766   1.00 12.30 ? 907  SER A OG  1 
ATOM   23   N  N   . VAL A 1 9   ? 10.501  -5.908  9.333   1.00 7.99  ? 908  VAL A N   1 
ATOM   24   C  CA  . VAL A 1 9   ? 9.187   -6.215  9.901   1.00 9.45  ? 908  VAL A CA  1 
ATOM   25   C  C   . VAL A 1 9   ? 8.153   -5.849  8.839   1.00 8.26  ? 908  VAL A C   1 
ATOM   26   O  O   . VAL A 1 9   ? 8.051   -4.684  8.448   1.00 8.95  ? 908  VAL A O   1 
ATOM   27   C  CB  . VAL A 1 9   ? 8.882   -5.397  11.203  1.00 10.62 ? 908  VAL A CB  1 
ATOM   28   C  CG1 . VAL A 1 9   ? 7.493   -5.754  11.738  1.00 14.66 ? 908  VAL A CG1 1 
ATOM   29   C  CG2 . VAL A 1 9   ? 9.920   -5.631  12.312  1.00 14.02 ? 908  VAL A CG2 1 
ATOM   30   N  N   . TYR A 1 10  ? 7.401   -6.832  8.359   1.00 8.69  ? 909  TYR A N   1 
ATOM   31   C  CA  . TYR A 1 10  ? 6.364   -6.557  7.389   1.00 8.83  ? 909  TYR A CA  1 
ATOM   32   C  C   . TYR A 1 10  ? 5.208   -5.871  8.100   1.00 7.88  ? 909  TYR A C   1 
ATOM   33   O  O   . TYR A 1 10  ? 4.896   -6.190  9.221   1.00 9.19  ? 909  TYR A O   1 
ATOM   34   C  CB  . TYR A 1 10  ? 5.892   -7.866  6.720   1.00 9.68  ? 909  TYR A CB  1 
ATOM   35   C  CG  . TYR A 1 10  ? 7.008   -8.462  5.881   1.00 9.10  ? 909  TYR A CG  1 
ATOM   36   C  CD1 . TYR A 1 10  ? 7.231   -8.019  4.594   1.00 10.74 ? 909  TYR A CD1 1 
ATOM   37   C  CD2 . TYR A 1 10  ? 7.844   -9.400  6.403   1.00 10.82 ? 909  TYR A CD2 1 
ATOM   38   C  CE1 . TYR A 1 10  ? 8.295   -8.514  3.842   1.00 12.41 ? 909  TYR A CE1 1 
ATOM   39   C  CE2 . TYR A 1 10  ? 8.909   -9.910  5.672   1.00 14.14 ? 909  TYR A CE2 1 
ATOM   40   C  CZ  . TYR A 1 10  ? 9.116   -9.474  4.388   1.00 13.33 ? 909  TYR A CZ  1 
ATOM   41   O  OH  . TYR A 1 10  ? 10.171  -9.973  3.647   1.00 14.51 ? 909  TYR A OH  1 
ATOM   42   N  N   . LEU A 1 11  ? 4.583   -4.894  7.446   1.00 7.87  ? 910  LEU A N   1 
ATOM   43   C  CA  . LEU A 1 11  ? 3.395   -4.285  8.028   1.00 8.28  ? 910  LEU A CA  1 
ATOM   44   C  C   . LEU A 1 11  ? 2.336   -5.284  8.398   1.00 9.74  ? 910  LEU A C   1 
ATOM   45   O  O   . LEU A 1 11  ? 1.576   -5.082  9.363   1.00 10.59 ? 910  LEU A O   1 
ATOM   46   C  CB  . LEU A 1 11  ? 2.806   -3.271  7.069   1.00 8.22  ? 910  LEU A CB  1 
ATOM   47   C  CG  . LEU A 1 11  ? 3.681   -2.047  6.829   1.00 9.77  ? 910  LEU A CG  1 
ATOM   48   C  CD1 . LEU A 1 11  ? 2.830   -0.991  6.070   1.00 11.51 ? 910  LEU A CD1 1 
ATOM   49   C  CD2 . LEU A 1 11  ? 4.287   -1.466  8.060   1.00 12.27 ? 910  LEU A CD2 1 
ATOM   50   N  N   . SER A 1 12  ? 2.240   -6.357  7.640   1.00 9.74  ? 911  SER A N   1 
ATOM   51   C  CA  . SER A 1 12  ? 1.259   -7.394  7.942   1.00 11.15 ? 911  SER A CA  1 
ATOM   52   C  C   . SER A 1 12  ? 1.510   -8.135  9.256   1.00 13.15 ? 911  SER A C   1 
ATOM   53   O  O   . SER A 1 12  ? 0.606   -8.830  9.754   1.00 14.68 ? 911  SER A O   1 
ATOM   54   C  CB  . SER A 1 12  ? 1.169   -8.368  6.771   1.00 11.34 ? 911  SER A CB  1 
ATOM   55   O  OG  . SER A 1 12  ? 2.454   -8.852  6.397   1.00 11.21 ? 911  SER A OG  1 
ATOM   56   N  N   . GLU A 1 13  ? 2.688   -7.938  9.850   1.00 12.88 ? 912  GLU A N   1 
ATOM   57   C  CA  . GLU A 1 13  ? 2.999   -8.428  11.205  1.00 14.34 ? 912  GLU A CA  1 
ATOM   58   C  C   . GLU A 1 13  ? 2.543   -7.509  12.333  1.00 14.44 ? 912  GLU A C   1 
ATOM   59   O  O   . GLU A 1 13  ? 2.561   -7.897  13.505  1.00 15.56 ? 912  GLU A O   1 
ATOM   60   C  CB  . GLU A 1 13  ? 4.505   -8.606  11.367  1.00 15.53 ? 912  GLU A CB  1 
ATOM   61   C  CG  . GLU A 1 13  ? 5.154   -9.578  10.462  1.00 16.62 ? 912  GLU A CG  1 
ATOM   62   C  CD  . GLU A 1 13  ? 6.645   -9.664  10.764  1.00 21.09 ? 912  GLU A CD  1 
ATOM   63   O  OE1 . GLU A 1 13  ? 7.015   -9.862  11.971  1.00 23.82 ? 912  GLU A OE1 1 
ATOM   64   O  OE2 . GLU A 1 13  ? 7.433   -9.498  9.813   1.00 15.41 ? 912  GLU A OE2 1 
ATOM   65   N  N   . LEU A 1 14  ? 2.214   -6.270  11.985  1.00 13.85 ? 913  LEU A N   1 
ATOM   66   C  CA  . LEU A 1 14  ? 1.905   -5.196  12.931  1.00 14.20 ? 913  LEU A CA  1 
ATOM   67   C  C   . LEU A 1 14  ? 0.419   -5.023  13.062  1.00 14.64 ? 913  LEU A C   1 
ATOM   68   O  O   . LEU A 1 14  ? -0.347  -5.363  12.151  1.00 16.72 ? 913  LEU A O   1 
ATOM   69   C  CB  . LEU A 1 14  ? 2.520   -3.894  12.444  1.00 13.35 ? 913  LEU A CB  1 
ATOM   70   C  CG  . LEU A 1 14  ? 4.036   -3.890  12.257  1.00 14.66 ? 913  LEU A CG  1 
ATOM   71   C  CD1 . LEU A 1 14  ? 4.542   -2.505  11.800  1.00 17.56 ? 913  LEU A CD1 1 
ATOM   72   C  CD2 . LEU A 1 14  ? 4.808   -4.408  13.512  1.00 16.08 ? 913  LEU A CD2 1 
ATOM   73   N  N   . GLU A 1 15  ? -0.004  -4.457  14.180  1.00 15.35 ? 914  GLU A N   1 
ATOM   74   C  CA  . GLU A 1 15  ? -1.390  -4.060  14.359  1.00 15.42 ? 914  GLU A CA  1 
ATOM   75   C  C   . GLU A 1 15  ? -1.455  -2.551  14.069  1.00 13.28 ? 914  GLU A C   1 
ATOM   76   O  O   . GLU A 1 15  ? -0.606  -1.797  14.503  1.00 14.05 ? 914  GLU A O   1 
ATOM   77   C  CB  . GLU A 1 15  ? -1.888  -4.357  15.787  1.00 17.41 ? 914  GLU A CB  1 
ATOM   78   C  CG  . GLU A 1 15  ? -3.193  -3.585  16.190  1.00 21.99 ? 914  GLU A CG  1 
ATOM   79   C  CD  . GLU A 1 15  ? -4.475  -4.216  15.671  1.00 26.51 ? 914  GLU A CD  1 
ATOM   80   O  OE1 . GLU A 1 15  ? -4.932  -5.182  16.371  1.00 27.07 ? 914  GLU A OE1 1 
ATOM   81   O  OE2 . GLU A 1 15  ? -5.041  -3.731  14.613  1.00 21.73 ? 914  GLU A OE2 1 
ATOM   82   N  N   . TRP A 1 16  ? -2.462  -2.119  13.332  1.00 12.02 ? 915  TRP A N   1 
ATOM   83   C  CA  . TRP A 1 16  ? -2.666  -0.683  13.066  1.00 10.34 ? 915  TRP A CA  1 
ATOM   84   C  C   . TRP A 1 16  ? -3.381  0.006   14.266  1.00 10.71 ? 915  TRP A C   1 
ATOM   85   O  O   . TRP A 1 16  ? -4.092  -0.657  15.023  1.00 11.92 ? 915  TRP A O   1 
ATOM   86   C  CB  . TRP A 1 16  ? -3.462  -0.462  11.745  1.00 10.98 ? 915  TRP A CB  1 
ATOM   87   C  CG  . TRP A 1 16  ? -4.705  -1.301  11.598  1.00 10.53 ? 915  TRP A CG  1 
ATOM   88   C  CD1 . TRP A 1 16  ? -5.878  -1.167  12.304  1.00 11.75 ? 915  TRP A CD1 1 
ATOM   89   C  CD2 . TRP A 1 16  ? -4.917  -2.405  10.700  1.00 9.89  ? 915  TRP A CD2 1 
ATOM   90   N  NE1 . TRP A 1 16  ? -6.779  -2.121  11.909  1.00 10.88 ? 915  TRP A NE1 1 
ATOM   91   C  CE2 . TRP A 1 16  ? -6.219  -2.879  10.912  1.00 10.88 ? 915  TRP A CE2 1 
ATOM   92   C  CE3 . TRP A 1 16  ? -4.136  -3.024  9.713   1.00 12.70 ? 915  TRP A CE3 1 
ATOM   93   C  CZ2 . TRP A 1 16  ? -6.747  -3.964  10.201  1.00 12.07 ? 915  TRP A CZ2 1 
ATOM   94   C  CZ3 . TRP A 1 16  ? -4.656  -4.119  9.036   1.00 12.14 ? 915  TRP A CZ3 1 
ATOM   95   C  CH2 . TRP A 1 16  ? -5.951  -4.576  9.288   1.00 11.15 ? 915  TRP A CH2 1 
ATOM   96   N  N   . LYS A 1 17  ? -3.204  1.301   14.403  1.00 10.57 ? 916  LYS A N   1 
ATOM   97   C  CA  . LYS A 1 17  ? -3.990  2.160   15.297  1.00 10.96 ? 916  LYS A CA  1 
ATOM   98   C  C   . LYS A 1 17  ? -5.441  2.328   14.810  1.00 10.88 ? 916  LYS A C   1 
ATOM   99   O  O   . LYS A 1 17  ? -6.361  2.558   15.582  1.00 12.11 ? 916  LYS A O   1 
ATOM   100  C  CB  . LYS A 1 17  ? -3.361  3.534   15.373  1.00 12.84 ? 916  LYS A CB  1 
ATOM   101  C  CG  . LYS A 1 17  ? -2.005  3.578   15.953  1.00 16.34 ? 916  LYS A CG  1 
ATOM   102  C  CD  . LYS A 1 17  ? -1.490  4.990   15.991  1.00 17.55 ? 916  LYS A CD  1 
ATOM   103  C  CE  . LYS A 1 17  ? -2.118  5.778   17.086  1.00 22.57 ? 916  LYS A CE  1 
ATOM   104  N  NZ  . LYS A 1 17  ? -1.398  7.063   17.305  1.00 23.84 ? 916  LYS A NZ  1 
ATOM   105  N  N   . SER A 1 18  ? -5.605  2.343   13.487  1.00 10.34 ? 917  SER A N   1 
ATOM   106  C  CA  . SER A 1 18  ? -6.899  2.533   12.849  1.00 10.49 ? 917  SER A CA  1 
ATOM   107  C  C   . SER A 1 18  ? -6.779  2.131   11.378  1.00 9.48  ? 917  SER A C   1 
ATOM   108  O  O   . SER A 1 18  ? -5.668  2.191   10.809  1.00 8.51  ? 917  SER A O   1 
ATOM   109  C  CB  . SER A 1 18  ? -7.351  3.980   12.946  1.00 10.66 ? 917  SER A CB  1 
ATOM   110  O  OG  . SER A 1 18  ? -6.569  4.899   12.218  1.00 11.62 ? 917  SER A OG  1 
ATOM   111  N  N   . ALA A 1 19  ? -7.877  1.725   10.768  1.00 9.23  ? 918  ALA A N   1 
ATOM   112  C  CA  . ALA A 1 19  ? -7.818  1.337   9.349   1.00 8.93  ? 918  ALA A CA  1 
ATOM   113  C  C   . ALA A 1 19  ? -9.223  1.402   8.772   1.00 10.49 ? 918  ALA A C   1 
ATOM   114  O  O   . ALA A 1 19  ? -10.158 0.842   9.346   1.00 12.36 ? 918  ALA A O   1 
ATOM   115  C  CB  . ALA A 1 19  ? -7.248  -0.034  9.185   1.00 10.00 ? 918  ALA A CB  1 
ATOM   116  N  N   . SER A 1 20  ? -9.374  2.098   7.673   1.00 9.01  ? 919  SER A N   1 
ATOM   117  C  CA  . SER A 1 20  ? -10.605 2.128   6.925   1.00 8.96  ? 919  SER A CA  1 
ATOM   118  C  C   . SER A 1 20  ? -10.328 1.633   5.523   1.00 7.48  ? 919  SER A C   1 
ATOM   119  O  O   . SER A 1 20  ? -9.211  1.658   4.996   1.00 6.91  ? 919  SER A O   1 
ATOM   120  C  CB  . SER A 1 20  ? -11.123 3.577   6.816   1.00 9.38  ? 919  SER A CB  1 
ATOM   121  O  OG  . SER A 1 20  ? -10.156 4.376   6.166   1.00 13.14 ? 919  SER A OG  1 
ATOM   122  N  N   . THR A 1 21  ? -11.393 1.207   4.904   1.00 7.74  ? 920  THR A N   1 
ATOM   123  C  CA  . THR A 1 21  ? -11.341 0.720   3.515   1.00 7.96  ? 920  THR A CA  1 
ATOM   124  C  C   . THR A 1 21  ? -12.687 0.920   2.837   1.00 6.97  ? 920  THR A C   1 
ATOM   125  O  O   . THR A 1 21  ? -13.724 1.005   3.512   1.00 7.49  ? 920  THR A O   1 
ATOM   126  C  CB  . THR A 1 21  ? -10.944 -0.779  3.441   1.00 8.17  ? 920  THR A CB  1 
ATOM   127  O  OG1 . THR A 1 21  ? -10.835 -1.174  2.067   1.00 8.74  ? 920  THR A OG1 1 
ATOM   128  C  CG2 . THR A 1 21  ? -11.932 -1.683  4.189   1.00 7.70  ? 920  THR A CG2 1 
ATOM   129  N  N   . GLY A 1 22  ? -12.670 0.987   1.510   1.00 7.21  ? 921  GLY A N   1 
ATOM   130  C  CA  . GLY A 1 22  ? -13.904 1.108   0.729   1.00 8.26  ? 921  GLY A CA  1 
ATOM   131  C  C   . GLY A 1 22  ? -14.631 -0.205  0.472   1.00 9.31  ? 921  GLY A C   1 
ATOM   132  O  O   . GLY A 1 22  ? -15.752 -0.190  -0.029  1.00 11.77 ? 921  GLY A O   1 
ATOM   133  N  N   . TYR A 1 23  ? -14.038 -1.335  0.861   1.00 8.59  ? 922  TYR A N   1 
ATOM   134  C  CA  . TYR A 1 23  ? -14.637 -2.656  0.667   1.00 9.99  ? 922  TYR A CA  1 
ATOM   135  C  C   . TYR A 1 23  ? -14.007 -3.660  1.610   1.00 10.58 ? 922  TYR A C   1 
ATOM   136  O  O   . TYR A 1 23  ? -12.784 -3.764  1.686   1.00 9.58  ? 922  TYR A O   1 
ATOM   137  C  CB  . TYR A 1 23  ? -14.410 -3.180  -0.774  1.00 12.09 ? 922  TYR A CB  1 
ATOM   138  C  CG  . TYR A 1 23  ? -14.694 -4.675  -0.945  1.00 14.15 ? 922  TYR A CG  1 
ATOM   139  C  CD1 . TYR A 1 23  ? -16.018 -5.147  -1.047  1.00 16.85 ? 922  TYR A CD1 1 
ATOM   140  C  CD2 . TYR A 1 23  ? -13.652 -5.627  -0.954  1.00 18.41 ? 922  TYR A CD2 1 
ATOM   141  C  CE1 . TYR A 1 23  ? -16.294 -6.511  -1.156  1.00 17.21 ? 922  TYR A CE1 1 
ATOM   142  C  CE2 . TYR A 1 23  ? -13.927 -7.004  -1.078  1.00 21.50 ? 922  TYR A CE2 1 
ATOM   143  C  CZ  . TYR A 1 23  ? -15.265 -7.432  -1.167  1.00 20.25 ? 922  TYR A CZ  1 
ATOM   144  O  OH  . TYR A 1 23  ? -15.578 -8.785  -1.252  1.00 19.30 ? 922  TYR A OH  1 
ATOM   145  N  N   . GLY A 1 24  ? -14.827 -4.461  2.267   1.00 9.71  ? 923  GLY A N   1 
ATOM   146  C  CA  . GLY A 1 24  ? -14.353 -5.654  2.904   1.00 10.54 ? 923  GLY A CA  1 
ATOM   147  C  C   . GLY A 1 24  ? -13.364 -5.395  4.016   1.00 11.12 ? 923  GLY A C   1 
ATOM   148  O  O   . GLY A 1 24  ? -13.558 -4.521  4.839   1.00 11.74 ? 923  GLY A O   1 
ATOM   149  N  N   . GLU A 1 25  ? -12.306 -6.211  4.045   1.00 12.04 ? 924  GLU A N   1 
ATOM   150  C  CA  . GLU A 1 25  ? -11.289 -6.201  5.099   1.00 13.53 ? 924  GLU A CA  1 
ATOM   151  C  C   . GLU A 1 25  ? -9.977  -5.671  4.500   1.00 12.03 ? 924  GLU A C   1 
ATOM   152  O  O   . GLU A 1 25  ? -9.737  -5.848  3.334   1.00 11.15 ? 924  GLU A O   1 
ATOM   153  C  CB  . GLU A 1 25  ? -10.969 -7.627  5.580   1.00 14.69 ? 924  GLU A CB  1 
ATOM   154  C  CG  . GLU A 1 25  ? -12.116 -8.351  6.157   1.00 19.20 ? 924  GLU A CG  1 
ATOM   155  C  CD  . GLU A 1 25  ? -11.960 -9.872  6.068   1.00 23.52 ? 924  GLU A CD  1 
ATOM   156  O  OE1 . GLU A 1 25  ? -12.211 -10.501 4.984   1.00 24.79 ? 924  GLU A OE1 1 
ATOM   157  O  OE2 . GLU A 1 25  ? -11.578 -10.419 7.108   1.00 24.93 ? 924  GLU A OE2 1 
ATOM   158  N  N   . ILE A 1 26  ? -9.208  -4.968  5.315   1.00 11.37 ? 925  ILE A N   1 
ATOM   159  C  CA  . ILE A 1 26  ? -7.806  -4.757  5.000   1.00 10.96 ? 925  ILE A CA  1 
ATOM   160  C  C   . ILE A 1 26  ? -7.167  -6.134  5.156   1.00 10.56 ? 925  ILE A C   1 
ATOM   161  O  O   . ILE A 1 26  ? -7.205  -6.736  6.255   1.00 12.09 ? 925  ILE A O   1 
ATOM   162  C  CB  . ILE A 1 26  ? -7.139  -3.728  5.851   1.00 11.68 ? 925  ILE A CB  1 
ATOM   163  C  CG1 . ILE A 1 26  ? -7.737  -2.309  5.622   1.00 13.42 ? 925  ILE A CG1 1 
ATOM   164  C  CG2 . ILE A 1 26  ? -5.605  -3.780  5.545   1.00 11.47 ? 925  ILE A CG2 1 
ATOM   165  C  CD1 . ILE A 1 26  ? -8.811  -1.938  6.554   1.00 20.29 ? 925  ILE A CD1 1 
ATOM   166  N  N   . GLN A 1 27  ? -6.606  -6.651  4.063   1.00 9.27  ? 926  GLN A N   1 
ATOM   167  C  CA  . GLN A 1 27  ? -6.077  -7.992  4.038   1.00 10.27 ? 926  GLN A CA  1 
ATOM   168  C  C   . GLN A 1 27  ? -4.556  -8.030  4.278   1.00 10.08 ? 926  GLN A C   1 
ATOM   169  O  O   . GLN A 1 27  ? -3.800  -7.296  3.675   1.00 9.51  ? 926  GLN A O   1 
ATOM   170  C  CB  . GLN A 1 27  ? -6.381  -8.662  2.713   1.00 11.57 ? 926  GLN A CB  1 
ATOM   171  C  CG  . GLN A 1 27  ? -7.874  -8.800  2.422   1.00 14.45 ? 926  GLN A CG  1 
ATOM   172  C  CD  . GLN A 1 27  ? -8.449  -10.069 2.929   1.00 20.85 ? 926  GLN A CD  1 
ATOM   173  O  OE1 . GLN A 1 27  ? -7.737  -11.055 3.150   1.00 23.29 ? 926  GLN A OE1 1 
ATOM   174  N  NE2 . GLN A 1 27  ? -9.771  -10.075 3.104   1.00 23.11 ? 926  GLN A NE2 1 
ATOM   175  N  N   . LYS A 1 28  ? -4.143  -8.928  5.152   1.00 10.63 ? 927  LYS A N   1 
ATOM   176  C  CA  . LYS A 1 28  ? -2.743  -9.173  5.428   1.00 11.80 ? 927  LYS A CA  1 
ATOM   177  C  C   . LYS A 1 28  ? -2.211  -10.230 4.466   1.00 10.64 ? 927  LYS A C   1 
ATOM   178  O  O   . LYS A 1 28  ? -2.728  -11.348 4.383   1.00 9.57  ? 927  LYS A O   1 
ATOM   179  C  CB  . LYS A 1 28  ? -2.554  -9.577  6.893   1.00 12.22 ? 927  LYS A CB  1 
ATOM   180  C  CG  . LYS A 1 28  ? -2.724  -8.399  7.834   1.00 15.75 ? 927  LYS A CG  1 
ATOM   181  C  CD  . LYS A 1 28  ? -2.793  -8.792  9.290   1.00 18.00 ? 927  LYS A CD  1 
ATOM   182  C  CE  . LYS A 1 28  ? -3.383  -7.650  10.107  1.00 24.54 ? 927  LYS A CE  1 
ATOM   183  N  NZ  . LYS A 1 28  ? -3.204  -7.807  11.583  1.00 26.44 ? 927  LYS A NZ  1 
ATOM   184  N  N   . ASP A 1 29  ? -1.191  -9.861  3.695   1.00 9.45  ? 928  ASP A N   1 
ATOM   185  C  CA  . ASP A 1 29  ? -0.533  -10.745 2.764   1.00 10.19 ? 928  ASP A CA  1 
ATOM   186  C  C   . ASP A 1 29  ? -1.419  -11.277 1.629   1.00 9.88  ? 928  ASP A C   1 
ATOM   187  O  O   . ASP A 1 29  ? -1.217  -12.391 1.114   1.00 9.78  ? 928  ASP A O   1 
ATOM   188  C  CB  . ASP A 1 29  ? 0.185   -11.898 3.516   1.00 10.42 ? 928  ASP A CB  1 
ATOM   189  C  CG  . ASP A 1 29  ? 1.202   -11.390 4.525   1.00 13.08 ? 928  ASP A CG  1 
ATOM   190  O  OD1 . ASP A 1 29  ? 1.751   -10.272 4.347   1.00 10.04 ? 928  ASP A OD1 1 
ATOM   191  O  OD2 . ASP A 1 29  ? 1.511   -12.123 5.508   1.00 13.73 ? 928  ASP A OD2 1 
ATOM   192  N  N   . ALA A 1 30  ? -2.409  -10.472 1.260   1.00 9.34  ? 929  ALA A N   1 
ATOM   193  C  CA  . ALA A 1 30  ? -3.353  -10.814 0.211   1.00 8.27  ? 929  ALA A CA  1 
ATOM   194  C  C   . ALA A 1 30  ? -3.968  -9.520  -0.298  1.00 8.63  ? 929  ALA A C   1 
ATOM   195  O  O   . ALA A 1 30  ? -3.885  -8.467  0.367   1.00 6.90  ? 929  ALA A O   1 
ATOM   196  C  CB  . ALA A 1 30  ? -4.395  -11.696 0.768   1.00 8.37  ? 929  ALA A CB  1 
ATOM   197  N  N   . SER A 1 31  ? -4.524  -9.577  -1.509  1.00 8.75  ? 930  SER A N   1 
ATOM   198  C  CA  . SER A 1 31  ? -5.244  -8.495  -2.096  1.00 8.57  ? 930  SER A CA  1 
ATOM   199  C  C   . SER A 1 31  ? -6.557  -8.296  -1.348  1.00 9.88  ? 930  SER A C   1 
ATOM   200  O  O   . SER A 1 31  ? -6.954  -9.103  -0.550  1.00 9.42  ? 930  SER A O   1 
ATOM   201  C  CB  . SER A 1 31  ? -5.560  -8.770  -3.564  1.00 8.85  ? 930  SER A CB  1 
ATOM   202  O  OG  . SER A 1 31  ? -6.514  -9.829  -3.668  1.00 9.89  ? 930  SER A OG  1 
ATOM   203  N  N   . CYS A 1 32  ? -7.264  -7.225  -1.654  1.00 10.24 ? 931  CYS A N   1 
ATOM   204  C  CA  . CYS A 1 32  ? -8.534  -7.047  -0.972  1.00 12.57 ? 931  CYS A CA  1 
ATOM   205  C  C   . CYS A 1 32  ? -9.556  -8.107  -1.336  1.00 12.50 ? 931  CYS A C   1 
ATOM   206  O  O   . CYS A 1 32  ? -10.487 -8.296  -0.575  1.00 13.34 ? 931  CYS A O   1 
ATOM   207  C  CB  . CYS A 1 32  ? -9.062  -5.656  -1.109  1.00 14.67 ? 931  CYS A CB  1 
ATOM   208  S  SG  . CYS A 1 32  ? -9.573  -5.277  -2.723  1.00 18.32 ? 931  CYS A SG  1 
ATOM   209  N  N   . ASP A 1 33  ? -9.364  -8.827  -2.437  1.00 13.35 ? 932  ASP A N   1 
ATOM   210  C  CA  . ASP A 1 33  ? -10.250 -9.941  -2.778  1.00 13.31 ? 932  ASP A CA  1 
ATOM   211  C  C   . ASP A 1 33  ? -9.695  -11.299 -2.297  1.00 13.83 ? 932  ASP A C   1 
ATOM   212  O  O   . ASP A 1 33  ? -10.255 -12.341 -2.606  1.00 13.49 ? 932  ASP A O   1 
ATOM   213  C  CB  . ASP A 1 33  ? -10.521 -9.990  -4.289  1.00 14.57 ? 932  ASP A CB  1 
ATOM   214  C  CG  . ASP A 1 33  ? -11.687 -9.047  -4.760  1.00 16.97 ? 932  ASP A CG  1 
ATOM   215  O  OD1 . ASP A 1 33  ? -12.334 -8.345  -3.951  1.00 21.27 ? 932  ASP A OD1 1 
ATOM   216  O  OD2 . ASP A 1 33  ? -11.893 -9.015  -6.012  1.00 18.01 ? 932  ASP A OD2 1 
ATOM   217  N  N   . GLY A 1 34  ? -8.602  -11.297 -1.540  1.00 12.99 ? 933  GLY A N   1 
ATOM   218  C  CA  . GLY A 1 34  ? -8.049  -12.512 -0.913  1.00 12.82 ? 933  GLY A CA  1 
ATOM   219  C  C   . GLY A 1 34  ? -7.107  -13.325 -1.775  1.00 13.33 ? 933  GLY A C   1 
ATOM   220  O  O   . GLY A 1 34  ? -6.774  -14.471 -1.427  1.00 13.98 ? 933  GLY A O   1 
ATOM   221  N  N   . ASN A 1 35  ? -6.631  -12.727 -2.854  1.00 11.34 ? 934  ASN A N   1 
ATOM   222  C  CA  . ASN A 1 35  ? -5.716  -13.371 -3.780  1.00 11.54 ? 934  ASN A CA  1 
ATOM   223  C  C   . ASN A 1 35  ? -4.273  -13.070 -3.392  1.00 10.97 ? 934  ASN A C   1 
ATOM   224  O  O   . ASN A 1 35  ? -4.045  -12.137 -2.648  1.00 10.47 ? 934  ASN A O   1 
ATOM   225  C  CB  . ASN A 1 35  ? -5.968  -12.857 -5.189  1.00 12.40 ? 934  ASN A CB  1 
ATOM   226  C  CG  . ASN A 1 35  ? -7.305  -13.291 -5.735  1.00 16.92 ? 934  ASN A CG  1 
ATOM   227  O  OD1 . ASN A 1 35  ? -8.030  -12.500 -6.391  1.00 17.90 ? 934  ASN A OD1 1 
ATOM   228  N  ND2 . ASN A 1 35  ? -7.651  -14.559 -5.479  1.00 14.25 ? 934  ASN A ND2 1 
ATOM   229  N  N   . THR A 1 36  ? -3.310  -13.818 -3.924  1.00 10.07 ? 935  THR A N   1 
ATOM   230  C  CA  . THR A 1 36  ? -1.921  -13.341 -3.863  1.00 9.81  ? 935  THR A CA  1 
ATOM   231  C  C   . THR A 1 36  ? -1.832  -11.950 -4.431  1.00 8.69  ? 935  THR A C   1 
ATOM   232  O  O   . THR A 1 36  ? -2.387  -11.677 -5.509  1.00 8.71  ? 935  THR A O   1 
ATOM   233  C  CB  . THR A 1 36  ? -0.971  -14.280 -4.608  1.00 11.55 ? 935  THR A CB  1 
ATOM   234  O  OG1 . THR A 1 36  ? -1.029  -15.552 -3.959  1.00 12.35 ? 935  THR A OG1 1 
ATOM   235  C  CG2 . THR A 1 36  ? 0.448   -13.765 -4.530  1.00 11.86 ? 935  THR A CG2 1 
ATOM   236  N  N   . ILE A 1 37  ? -1.184  -11.048 -3.695  1.00 7.13  ? 936  ILE A N   1 
ATOM   237  C  CA  . ILE A 1 37  ? -0.999  -9.694  -4.179  1.00 7.11  ? 936  ILE A CA  1 
ATOM   238  C  C   . ILE A 1 37  ? -0.216  -9.696  -5.496  1.00 7.40  ? 936  ILE A C   1 
ATOM   239  O  O   . ILE A 1 37  ? 0.835   -10.347 -5.583  1.00 6.53  ? 936  ILE A O   1 
ATOM   240  C  CB  . ILE A 1 37  ? -0.246  -8.804  -3.145  1.00 6.35  ? 936  ILE A CB  1 
ATOM   241  C  CG1 . ILE A 1 37  ? -1.151  -8.520  -1.939  1.00 7.39  ? 936  ILE A CG1 1 
ATOM   242  C  CG2 . ILE A 1 37  ? 0.280   -7.493  -3.797  1.00 7.21  ? 936  ILE A CG2 1 
ATOM   243  C  CD1 . ILE A 1 37  ? -0.388  -8.011  -0.744  1.00 11.49 ? 936  ILE A CD1 1 
ATOM   244  N  N   . THR A 1 38  ? -0.691  -8.967  -6.502  1.00 6.56  ? 937  THR A N   1 
ATOM   245  C  CA  . THR A 1 38  ? 0.026   -8.811  -7.768  1.00 7.97  ? 937  THR A CA  1 
ATOM   246  C  C   . THR A 1 38  ? -0.031  -7.373  -8.205  1.00 7.97  ? 937  THR A C   1 
ATOM   247  O  O   . THR A 1 38  ? -1.060  -6.707  -8.087  1.00 6.50  ? 937  THR A O   1 
ATOM   248  C  CB  . THR A 1 38  ? -0.554  -9.699  -8.921  1.00 8.27  ? 937  THR A CB  1 
ATOM   249  O  OG1 . THR A 1 38  ? -1.977  -9.452  -9.078  1.00 9.59  ? 937  THR A OG1 1 
ATOM   250  C  CG2 . THR A 1 38  ? -0.381  -11.166 -8.635  1.00 9.42  ? 937  THR A CG2 1 
ATOM   251  N  N   . LEU A 1 39  ? 1.074   -6.900  -8.748  1.00 7.28  ? 938  LEU A N   1 
ATOM   252  C  CA  . LEU A 1 39  ? 1.159   -5.554  -9.303  1.00 7.87  ? 938  LEU A CA  1 
ATOM   253  C  C   . LEU A 1 39  ? 1.720   -5.629  -10.727 1.00 9.06  ? 938  LEU A C   1 
ATOM   254  O  O   . LEU A 1 39  ? 2.262   -6.662  -11.150 1.00 9.59  ? 938  LEU A O   1 
ATOM   255  C  CB  . LEU A 1 39  ? 2.053   -4.667  -8.412  1.00 7.45  ? 938  LEU A CB  1 
ATOM   256  C  CG  . LEU A 1 39  ? 1.671   -4.450  -6.947  1.00 6.54  ? 938  LEU A CG  1 
ATOM   257  C  CD1 . LEU A 1 39  ? 2.703   -3.621  -6.171  1.00 8.76  ? 938  LEU A CD1 1 
ATOM   258  C  CD2 . LEU A 1 39  ? 0.293   -3.767  -6.820  1.00 6.63  ? 938  LEU A CD2 1 
ATOM   259  N  N   . LYS A 1 40  ? 1.593   -4.524  -11.437 1.00 9.40  ? 939  LYS A N   1 
ATOM   260  C  CA  . LYS A 1 40  ? 2.049   -4.438  -12.818 1.00 10.26 ? 939  LYS A CA  1 
ATOM   261  C  C   . LYS A 1 40  ? 3.563   -4.208  -12.893 1.00 11.52 ? 939  LYS A C   1 
ATOM   262  O  O   . LYS A 1 40  ? 4.053   -3.165  -12.445 1.00 10.51 ? 939  LYS A O   1 
ATOM   263  C  CB  . LYS A 1 40  ? 1.330   -3.298  -13.502 1.00 11.83 ? 939  LYS A CB  1 
ATOM   264  C  CG  . LYS A 1 40  ? 1.680   -3.099  -14.942 1.00 16.01 ? 939  LYS A CG  1 
ATOM   265  C  CD  . LYS A 1 40  ? 1.091   -4.158  -15.770 1.00 21.17 ? 939  LYS A CD  1 
ATOM   266  C  CE  . LYS A 1 40  ? 0.930   -3.681  -17.237 1.00 23.62 ? 939  LYS A CE  1 
ATOM   267  N  NZ  . LYS A 1 40  ? 0.224   -4.721  -18.013 1.00 25.58 ? 939  LYS A NZ  1 
ATOM   268  N  N   . GLY A 1 41  ? 4.282   -5.157  -13.492 1.00 13.68 ? 940  GLY A N   1 
ATOM   269  C  CA  . GLY A 1 41  ? 5.722   -5.066  -13.651 1.00 16.21 ? 940  GLY A CA  1 
ATOM   270  C  C   . GLY A 1 41  ? 6.170   -4.170  -14.786 1.00 19.82 ? 940  GLY A C   1 
ATOM   271  O  O   . GLY A 1 41  ? 5.397   -3.785  -15.654 1.00 18.72 ? 940  GLY A O   1 
ATOM   272  N  N   . GLU A 1 42  ? 7.448   -3.827  -14.777 1.00 23.23 ? 941  GLU A N   1 
ATOM   273  C  CA  . GLU A 1 42  ? 7.979   -2.988  -15.837 1.00 28.03 ? 941  GLU A CA  1 
ATOM   274  C  C   . GLU A 1 42  ? 7.986   -3.745  -17.181 1.00 28.57 ? 941  GLU A C   1 
ATOM   275  O  O   . GLU A 1 42  ? 7.861   -3.115  -18.233 1.00 30.71 ? 941  GLU A O   1 
ATOM   276  C  CB  . GLU A 1 42  ? 9.380   -2.465  -15.472 1.00 27.83 ? 941  GLU A CB  1 
ATOM   277  C  CG  . GLU A 1 42  ? 9.615   -1.015  -15.934 1.00 32.01 ? 941  GLU A CG  1 
ATOM   278  C  CD  . GLU A 1 42  ? 11.026  -0.530  -15.590 1.00 33.21 ? 941  GLU A CD  1 
ATOM   279  O  OE1 . GLU A 1 42  ? 11.625  -1.089  -14.626 1.00 39.10 ? 941  GLU A OE1 1 
ATOM   280  O  OE2 . GLU A 1 42  ? 11.533  0.394   -16.290 1.00 40.70 ? 941  GLU A OE2 1 
ATOM   281  N  N   . ASN A 1 43  ? 8.080   -5.075  -17.156 1.00 29.84 ? 942  ASN A N   1 
ATOM   282  C  CA  . ASN A 1 43  ? 8.019   -5.846  -18.424 1.00 30.63 ? 942  ASN A CA  1 
ATOM   283  C  C   . ASN A 1 43  ? 6.587   -6.032  -18.995 1.00 30.13 ? 942  ASN A C   1 
ATOM   284  O  O   . ASN A 1 43  ? 6.427   -6.696  -20.017 1.00 31.52 ? 942  ASN A O   1 
ATOM   285  C  CB  . ASN A 1 43  ? 8.772   -7.194  -18.326 1.00 30.55 ? 942  ASN A CB  1 
ATOM   286  C  CG  . ASN A 1 43  ? 8.117   -8.190  -17.339 1.00 33.86 ? 942  ASN A CG  1 
ATOM   287  O  OD1 . ASN A 1 43  ? 7.261   -7.813  -16.518 1.00 36.46 ? 942  ASN A OD1 1 
ATOM   288  N  ND2 . ASN A 1 43  ? 8.577   -9.464  -17.382 1.00 33.83 ? 942  ASN A ND2 1 
ATOM   289  N  N   . GLY A 1 44  ? 5.569   -5.442  -18.356 1.00 28.41 ? 943  GLY A N   1 
ATOM   290  C  CA  . GLY A 1 44  ? 4.162   -5.678  -18.722 1.00 26.47 ? 943  GLY A CA  1 
ATOM   291  C  C   . GLY A 1 44  ? 3.481   -6.829  -17.994 1.00 24.45 ? 943  GLY A C   1 
ATOM   292  O  O   . GLY A 1 44  ? 2.249   -6.859  -17.893 1.00 23.67 ? 943  GLY A O   1 
ATOM   293  N  N   . GLU A 1 45  ? 4.282   -7.750  -17.449 1.00 21.83 ? 944  GLU A N   1 
ATOM   294  C  CA  . GLU A 1 45  ? 3.817   -8.919  -16.728 1.00 20.67 ? 944  GLU A CA  1 
ATOM   295  C  C   . GLU A 1 45  ? 3.545   -8.582  -15.266 1.00 18.29 ? 944  GLU A C   1 
ATOM   296  O  O   . GLU A 1 45  ? 4.062   -7.576  -14.753 1.00 17.61 ? 944  GLU A O   1 
ATOM   297  C  CB  . GLU A 1 45  ? 4.882   -10.028 -16.747 1.00 20.97 ? 944  GLU A CB  1 
ATOM   298  C  CG  . GLU A 1 45  ? 5.376   -10.393 -18.142 1.00 24.21 ? 944  GLU A CG  1 
ATOM   299  C  CD  . GLU A 1 45  ? 4.336   -11.046 -18.989 1.00 29.05 ? 944  GLU A CD  1 
ATOM   300  O  OE1 . GLU A 1 45  ? 3.335   -11.570 -18.436 1.00 30.44 ? 944  GLU A OE1 1 
ATOM   301  O  OE2 . GLU A 1 45  ? 4.529   -11.019 -20.236 1.00 34.48 ? 944  GLU A OE2 1 
ATOM   302  N  N   . LYS A 1 46  ? 2.810   -9.469  -14.613 1.00 17.24 ? 945  LYS A N   1 
ATOM   303  C  CA  . LYS A 1 46  ? 2.452   -9.317  -13.198 1.00 17.84 ? 945  LYS A CA  1 
ATOM   304  C  C   . LYS A 1 46  ? 3.719   -9.555  -12.366 1.00 15.23 ? 945  LYS A C   1 
ATOM   305  O  O   . LYS A 1 46  ? 4.600   -10.331 -12.761 1.00 14.96 ? 945  LYS A O   1 
ATOM   306  C  CB  . LYS A 1 46  ? 1.374   -10.319 -12.771 1.00 18.67 ? 945  LYS A CB  1 
ATOM   307  C  CG  . LYS A 1 46  ? 0.079   -10.194 -13.536 1.00 23.07 ? 945  LYS A CG  1 
ATOM   308  C  CD  . LYS A 1 46  ? -1.028  -11.081 -12.987 1.00 23.62 ? 945  LYS A CD  1 
ATOM   309  C  CE  . LYS A 1 46  ? -2.323  -11.038 -13.857 1.00 26.65 ? 945  LYS A CE  1 
ATOM   310  N  NZ  . LYS A 1 46  ? -2.483  -9.841  -14.749 1.00 31.44 ? 945  LYS A NZ  1 
ATOM   311  N  N   . VAL A 1 47  ? 3.808   -8.875  -11.245 1.00 11.72 ? 946  VAL A N   1 
ATOM   312  C  CA  . VAL A 1 47  ? 4.778   -9.189  -10.194 1.00 10.54 ? 946  VAL A CA  1 
ATOM   313  C  C   . VAL A 1 47  ? 3.973   -9.610  -8.971  1.00 10.36 ? 946  VAL A C   1 
ATOM   314  O  O   . VAL A 1 47  ? 3.070   -8.871  -8.556  1.00 9.66  ? 946  VAL A O   1 
ATOM   315  C  CB  . VAL A 1 47  ? 5.684   -7.988  -9.894  1.00 10.15 ? 946  VAL A CB  1 
ATOM   316  C  CG1 . VAL A 1 47  ? 6.650   -8.328  -8.765  1.00 9.27  ? 946  VAL A CG1 1 
ATOM   317  C  CG2 . VAL A 1 47  ? 6.400   -7.508  -11.157 1.00 9.91  ? 946  VAL A CG2 1 
ATOM   318  N  N   . SER A 1 48  ? 4.264   -10.802 -8.438  1.00 9.69  ? 947  SER A N   1 
ATOM   319  C  CA  . SER A 1 48  ? 3.540   -11.361 -7.322  1.00 9.98  ? 947  SER A CA  1 
ATOM   320  C  C   . SER A 1 48  ? 4.331   -11.105 -6.026  1.00 9.65  ? 947  SER A C   1 
ATOM   321  O  O   . SER A 1 48  ? 5.544   -11.124 -6.032  1.00 10.82 ? 947  SER A O   1 
ATOM   322  C  CB  . SER A 1 48  ? 3.281   -12.878 -7.498  1.00 10.86 ? 947  SER A CB  1 
ATOM   323  O  OG  . SER A 1 48  ? 2.557   -13.149 -8.717  1.00 14.78 ? 947  SER A OG  1 
ATOM   324  N  N   . TYR A 1 49  ? 3.610   -10.925 -4.927  1.00 8.69  ? 948  TYR A N   1 
ATOM   325  C  CA  . TYR A 1 49  ? 4.166   -10.606 -3.626  1.00 8.83  ? 948  TYR A CA  1 
ATOM   326  C  C   . TYR A 1 49  ? 3.619   -11.570 -2.563  1.00 9.62  ? 948  TYR A C   1 
ATOM   327  O  O   . TYR A 1 49  ? 2.398   -11.694 -2.399  1.00 11.00 ? 948  TYR A O   1 
ATOM   328  C  CB  . TYR A 1 49  ? 3.797   -9.174  -3.228  1.00 8.33  ? 948  TYR A CB  1 
ATOM   329  C  CG  . TYR A 1 49  ? 4.515   -8.175  -4.076  1.00 8.04  ? 948  TYR A CG  1 
ATOM   330  C  CD1 . TYR A 1 49  ? 5.760   -7.691  -3.698  1.00 7.22  ? 948  TYR A CD1 1 
ATOM   331  C  CD2 . TYR A 1 49  ? 3.991   -7.739  -5.283  1.00 6.98  ? 948  TYR A CD2 1 
ATOM   332  C  CE1 . TYR A 1 49  ? 6.484   -6.809  -4.504  1.00 9.62  ? 948  TYR A CE1 1 
ATOM   333  C  CE2 . TYR A 1 49  ? 4.669   -6.826  -6.082  1.00 6.23  ? 948  TYR A CE2 1 
ATOM   334  C  CZ  . TYR A 1 49  ? 5.946   -6.382  -5.719  1.00 7.17  ? 948  TYR A CZ  1 
ATOM   335  O  OH  . TYR A 1 49  ? 6.654   -5.503  -6.520  1.00 8.24  ? 948  TYR A OH  1 
ATOM   336  N  N   . ASP A 1 50  ? 4.525   -12.242 -1.866  1.00 9.84  ? 949  ASP A N   1 
ATOM   337  C  CA  . ASP A 1 50  ? 4.186   -13.081 -0.745  1.00 10.93 ? 949  ASP A CA  1 
ATOM   338  C  C   . ASP A 1 50  ? 3.606   -12.322 0.446   1.00 10.25 ? 949  ASP A C   1 
ATOM   339  O  O   . ASP A 1 50  ? 2.708   -12.823 1.107   1.00 12.05 ? 949  ASP A O   1 
ATOM   340  C  CB  . ASP A 1 50  ? 5.450   -13.792 -0.282  1.00 12.69 ? 949  ASP A CB  1 
ATOM   341  C  CG  . ASP A 1 50  ? 5.163   -14.918 0.641   1.00 19.16 ? 949  ASP A CG  1 
ATOM   342  O  OD1 . ASP A 1 50  ? 4.416   -15.836 0.226   1.00 27.90 ? 949  ASP A OD1 1 
ATOM   343  O  OD2 . ASP A 1 50  ? 5.719   -14.905 1.775   1.00 27.79 ? 949  ASP A OD2 1 
ATOM   344  N  N   . LYS A 1 51  ? 4.174   -11.149 0.740   1.00 8.49  ? 950  LYS A N   1 
ATOM   345  C  CA  . LYS A 1 51  ? 3.761   -10.314 1.854   1.00 8.93  ? 950  LYS A CA  1 
ATOM   346  C  C   . LYS A 1 51  ? 3.278   -8.952  1.344   1.00 7.42  ? 950  LYS A C   1 
ATOM   347  O  O   . LYS A 1 51  ? 3.697   -8.460  0.304   1.00 9.34  ? 950  LYS A O   1 
ATOM   348  C  CB  . LYS A 1 51  ? 4.926   -10.092 2.819   1.00 10.61 ? 950  LYS A CB  1 
ATOM   349  C  CG  . LYS A 1 51  ? 5.611   -11.397 3.307   1.00 14.83 ? 950  LYS A CG  1 
ATOM   350  C  CD  . LYS A 1 51  ? 4.796   -12.179 4.246   1.00 20.22 ? 950  LYS A CD  1 
ATOM   351  C  CE  . LYS A 1 51  ? 4.768   -11.598 5.657   1.00 25.17 ? 950  LYS A CE  1 
ATOM   352  N  NZ  . LYS A 1 51  ? 3.883   -12.402 6.597   1.00 25.91 ? 950  LYS A NZ  1 
ATOM   353  N  N   . GLY A 1 52  ? 2.390   -8.348  2.118   1.00 7.13  ? 951  GLY A N   1 
ATOM   354  C  CA  . GLY A 1 52  ? 1.899   -7.027  1.796   1.00 5.72  ? 951  GLY A CA  1 
ATOM   355  C  C   . GLY A 1 52  ? 0.596   -6.738  2.494   1.00 6.15  ? 951  GLY A C   1 
ATOM   356  O  O   . GLY A 1 52  ? 0.167   -7.466  3.398   1.00 6.17  ? 951  GLY A O   1 
ATOM   357  N  N   . ILE A 1 53  ? -0.018  -5.657  2.059   1.00 6.46  ? 952  ILE A N   1 
ATOM   358  C  CA  . ILE A 1 53  ? -1.312  -5.195  2.597   1.00 6.25  ? 952  ILE A CA  1 
ATOM   359  C  C   . ILE A 1 53  ? -2.203  -4.940  1.378   1.00 7.36  ? 952  ILE A C   1 
ATOM   360  O  O   . ILE A 1 53  ? -1.834  -4.198  0.490   1.00 7.17  ? 952  ILE A O   1 
ATOM   361  C  CB  . ILE A 1 53  ? -1.163  -3.901  3.416   1.00 7.72  ? 952  ILE A CB  1 
ATOM   362  C  CG1 . ILE A 1 53  ? -0.284  -4.101  4.665   1.00 7.80  ? 952  ILE A CG1 1 
ATOM   363  C  CG2 . ILE A 1 53  ? -2.574  -3.288  3.794   1.00 7.02  ? 952  ILE A CG2 1 
ATOM   364  C  CD1 . ILE A 1 53  ? -0.872  -5.036  5.776   1.00 10.26 ? 952  ILE A CD1 1 
ATOM   365  N  N   . GLY A 1 54  ? -3.379  -5.570  1.365   1.00 6.84  ? 953  GLY A N   1 
ATOM   366  C  CA  . GLY A 1 54  ? -4.365  -5.365  0.273   1.00 6.74  ? 953  GLY A CA  1 
ATOM   367  C  C   . GLY A 1 54  ? -5.525  -4.559  0.807   1.00 6.88  ? 953  GLY A C   1 
ATOM   368  O  O   . GLY A 1 54  ? -6.136  -4.907  1.821   1.00 7.79  ? 953  GLY A O   1 
ATOM   369  N  N   . THR A 1 55  ? -5.854  -3.466  0.117   1.00 6.38  ? 954  THR A N   1 
ATOM   370  C  CA  . THR A 1 55  ? -6.980  -2.636  0.550   1.00 6.37  ? 954  THR A CA  1 
ATOM   371  C  C   . THR A 1 55  ? -7.699  -2.073  -0.679  1.00 7.12  ? 954  THR A C   1 
ATOM   372  O  O   . THR A 1 55  ? -7.477  -2.510  -1.812  1.00 7.85  ? 954  THR A O   1 
ATOM   373  C  CB  . THR A 1 55  ? -6.519  -1.518  1.546   1.00 6.61  ? 954  THR A CB  1 
ATOM   374  O  OG1 . THR A 1 55  ? -7.638  -0.912  2.194   1.00 7.78  ? 954  THR A OG1 1 
ATOM   375  C  CG2 . THR A 1 55  ? -5.576  -0.487  0.886   1.00 6.62  ? 954  THR A CG2 1 
ATOM   376  N  N   . HIS A 1 56  ? -8.622  -1.168  -0.411  1.00 6.11  ? 955  HIS A N   1 
ATOM   377  C  CA  . HIS A 1 56  ? -9.539  -0.643  -1.412  1.00 6.42  ? 955  HIS A CA  1 
ATOM   378  C  C   . HIS A 1 56  ? -9.793  0.835   -1.150  1.00 6.46  ? 955  HIS A C   1 
ATOM   379  O  O   . HIS A 1 56  ? -10.136 1.200   -0.003  1.00 6.52  ? 955  HIS A O   1 
ATOM   380  C  CB  . HIS A 1 56  ? -10.846 -1.434  -1.324  1.00 6.78  ? 955  HIS A CB  1 
ATOM   381  C  CG  . HIS A 1 56  ? -11.747 -1.300  -2.521  1.00 4.98  ? 955  HIS A CG  1 
ATOM   382  N  ND1 . HIS A 1 56  ? -12.343 -0.105  -2.893  1.00 6.89  ? 955  HIS A ND1 1 
ATOM   383  C  CD2 . HIS A 1 56  ? -12.172 -2.227  -3.409  1.00 6.26  ? 955  HIS A CD2 1 
ATOM   384  C  CE1 . HIS A 1 56  ? -13.089 -0.320  -3.970  1.00 8.95  ? 955  HIS A CE1 1 
ATOM   385  N  NE2 . HIS A 1 56  ? -13.007 -1.598  -4.296  1.00 7.87  ? 955  HIS A NE2 1 
ATOM   386  N  N   . ALA A 1 57  ? -9.690  1.698   -2.172  1.00 5.63  ? 956  ALA A N   1 
ATOM   387  C  CA  . ALA A 1 57  ? -10.021 3.143   -2.014  1.00 5.46  ? 956  ALA A CA  1 
ATOM   388  C  C   . ALA A 1 57  ? -11.476 3.254   -1.519  1.00 6.52  ? 956  ALA A C   1 
ATOM   389  O  O   . ALA A 1 57  ? -12.308 2.415   -1.887  1.00 6.54  ? 956  ALA A O   1 
ATOM   390  C  CB  . ALA A 1 57  ? -9.847  3.953   -3.316  1.00 5.56  ? 956  ALA A CB  1 
ATOM   391  N  N   . HIS A 1 58  ? -11.797 4.232   -0.691  1.00 7.06  ? 957  HIS A N   1 
ATOM   392  C  CA  . HIS A 1 58  ? -10.866 5.082   0.010   1.00 7.42  ? 957  HIS A CA  1 
ATOM   393  C  C   . HIS A 1 58  ? -10.380 4.339   1.258   1.00 7.37  ? 957  HIS A C   1 
ATOM   394  O  O   . HIS A 1 58  ? -11.176 3.860   2.069   1.00 7.51  ? 957  HIS A O   1 
ATOM   395  C  CB  . HIS A 1 58  ? -11.558 6.365   0.445   1.00 8.23  ? 957  HIS A CB  1 
ATOM   396  C  CG  . HIS A 1 58  ? -10.633 7.356   1.077   1.00 8.83  ? 957  HIS A CG  1 
ATOM   397  N  ND1 . HIS A 1 58  ? -10.437 7.436   2.443   1.00 13.57 ? 957  HIS A ND1 1 
ATOM   398  C  CD2 . HIS A 1 58  ? -9.859  8.310   0.520   1.00 10.64 ? 957  HIS A CD2 1 
ATOM   399  C  CE1 . HIS A 1 58  ? -9.578  8.416   2.691   1.00 10.08 ? 957  HIS A CE1 1 
ATOM   400  N  NE2 . HIS A 1 58  ? -9.205  8.953   1.546   1.00 15.31 ? 957  HIS A NE2 1 
ATOM   401  N  N   . SER A 1 59  ? -9.073  4.300   1.444   1.00 7.29  ? 958  SER A N   1 
ATOM   402  C  CA  . SER A 1 59  ? -8.483  3.602   2.587   1.00 6.28  ? 958  SER A CA  1 
ATOM   403  C  C   . SER A 1 59  ? -7.460  4.475   3.293   1.00 7.09  ? 958  SER A C   1 
ATOM   404  O  O   . SER A 1 59  ? -6.625  5.144   2.634   1.00 7.42  ? 958  SER A O   1 
ATOM   405  C  CB  . SER A 1 59  ? -7.821  2.277   2.160   1.00 6.24  ? 958  SER A CB  1 
ATOM   406  O  OG  . SER A 1 59  ? -7.225  1.551   3.229   1.00 5.95  ? 958  SER A OG  1 
ATOM   407  N  N   . GLU A 1 60  ? -7.487  4.431   4.618   1.00 6.82  ? 959  GLU A N   1 
ATOM   408  C  CA  . GLU A 1 60  ? -6.459  5.091   5.461   1.00 7.21  ? 959  GLU A CA  1 
ATOM   409  C  C   . GLU A 1 60  ? -6.065  4.115   6.538   1.00 8.05  ? 959  GLU A C   1 
ATOM   410  O  O   . GLU A 1 60  ? -6.922  3.661   7.296   1.00 8.40  ? 959  GLU A O   1 
ATOM   411  C  CB  . GLU A 1 60  ? -6.938  6.402   6.092   1.00 7.58  ? 959  GLU A CB  1 
ATOM   412  C  CG  . GLU A 1 60  ? -7.372  7.411   5.072   1.00 11.70 ? 959  GLU A CG  1 
ATOM   413  C  CD  . GLU A 1 60  ? -7.731  8.763   5.643   1.00 12.54 ? 959  GLU A CD  1 
ATOM   414  O  OE1 . GLU A 1 60  ? -7.437  9.044   6.834   1.00 18.60 ? 959  GLU A OE1 1 
ATOM   415  O  OE2 . GLU A 1 60  ? -8.292  9.587   4.869   1.00 14.88 ? 959  GLU A OE2 1 
ATOM   416  N  N   . ILE A 1 61  ? -4.789  3.776   6.595   1.00 6.90  ? 960  ILE A N   1 
ATOM   417  C  CA  . ILE A 1 61  ? -4.298  2.800   7.543   1.00 7.34  ? 960  ILE A CA  1 
ATOM   418  C  C   . ILE A 1 61  ? -3.179  3.477   8.322   1.00 7.59  ? 960  ILE A C   1 
ATOM   419  O  O   . ILE A 1 61  ? -2.202  3.949   7.720   1.00 7.10  ? 960  ILE A O   1 
ATOM   420  C  CB  . ILE A 1 61  ? -3.737  1.546   6.839   1.00 7.82  ? 960  ILE A CB  1 
ATOM   421  C  CG1 . ILE A 1 61  ? -4.787  1.005   5.855   1.00 9.07  ? 960  ILE A CG1 1 
ATOM   422  C  CG2 . ILE A 1 61  ? -3.316  0.512   7.852   1.00 6.86  ? 960  ILE A CG2 1 
ATOM   423  C  CD1 . ILE A 1 61  ? -4.254  -0.081  4.931   1.00 9.14  ? 960  ILE A CD1 1 
ATOM   424  N  N   . VAL A 1 62  ? -3.276  3.453   9.645   1.00 7.93  ? 961  VAL A N   1 
ATOM   425  C  CA  . VAL A 1 62  ? -2.323  4.179   10.485  1.00 7.49  ? 961  VAL A CA  1 
ATOM   426  C  C   . VAL A 1 62  ? -1.598  3.216   11.414  1.00 7.76  ? 961  VAL A C   1 
ATOM   427  O  O   . VAL A 1 62  ? -2.238  2.446   12.114  1.00 8.74  ? 961  VAL A O   1 
ATOM   428  C  CB  . VAL A 1 62  ? -3.030  5.301   11.294  1.00 7.73  ? 961  VAL A CB  1 
ATOM   429  C  CG1 . VAL A 1 62  ? -1.999  5.965   12.206  1.00 8.63  ? 961  VAL A CG1 1 
ATOM   430  C  CG2 . VAL A 1 62  ? -3.731  6.269   10.329  1.00 9.94  ? 961  VAL A CG2 1 
ATOM   431  N  N   . TYR A 1 63  ? -0.258  3.254   11.402  1.00 6.83  ? 962  TYR A N   1 
ATOM   432  C  CA  . TYR A 1 63  ? 0.587   2.442   12.246  1.00 7.31  ? 962  TYR A CA  1 
ATOM   433  C  C   . TYR A 1 63  ? 1.427   3.329   13.173  1.00 8.60  ? 962  TYR A C   1 
ATOM   434  O  O   . TYR A 1 63  ? 2.013   4.334   12.750  1.00 8.80  ? 962  TYR A O   1 
ATOM   435  C  CB  . TYR A 1 63  ? 1.582   1.604   11.413  1.00 8.28  ? 962  TYR A CB  1 
ATOM   436  C  CG  . TYR A 1 63  ? 0.919   0.543   10.575  1.00 6.54  ? 962  TYR A CG  1 
ATOM   437  C  CD1 . TYR A 1 63  ? 0.678   -0.726  11.083  1.00 6.74  ? 962  TYR A CD1 1 
ATOM   438  C  CD2 . TYR A 1 63  ? 0.540   0.814   9.271   1.00 5.71  ? 962  TYR A CD2 1 
ATOM   439  C  CE1 . TYR A 1 63  ? 0.041   -1.713  10.317  1.00 5.85  ? 962  TYR A CE1 1 
ATOM   440  C  CE2 . TYR A 1 63  ? -0.062  -0.141  8.491   1.00 7.29  ? 962  TYR A CE2 1 
ATOM   441  C  CZ  . TYR A 1 63  ? -0.322  -1.404  8.993   1.00 7.14  ? 962  TYR A CZ  1 
ATOM   442  O  OH  . TYR A 1 63  ? -0.943  -2.362  8.196   1.00 9.09  ? 962  TYR A OH  1 
ATOM   443  N  N   . SER A 1 64  ? 1.450   2.956   14.442  1.00 9.34  ? 963  SER A N   1 
ATOM   444  C  CA  . SER A 1 64  ? 2.386   3.517   15.382  1.00 9.82  ? 963  SER A CA  1 
ATOM   445  C  C   . SER A 1 64  ? 3.778   2.909   15.110  1.00 10.99 ? 963  SER A C   1 
ATOM   446  O  O   . SER A 1 64  ? 3.927   1.681   14.914  1.00 10.26 ? 963  SER A O   1 
ATOM   447  C  CB  . SER A 1 64  ? 1.993   3.170   16.843  1.00 12.89 ? 963  SER A CB  1 
ATOM   448  O  OG  . SER A 1 64  ? 3.011   3.731   17.701  1.00 12.68 ? 963  SER A OG  1 
ATOM   449  N  N   . LEU A 1 65  ? 4.800   3.762   15.169  1.00 11.72 ? 964  LEU A N   1 
ATOM   450  C  CA  . LEU A 1 65  ? 6.193   3.332   15.077  1.00 12.81 ? 964  LEU A CA  1 
ATOM   451  C  C   . LEU A 1 65  ? 6.874   3.322   16.472  1.00 14.96 ? 964  LEU A C   1 
ATOM   452  O  O   . LEU A 1 65  ? 8.079   3.182   16.558  1.00 14.10 ? 964  LEU A O   1 
ATOM   453  C  CB  . LEU A 1 65  ? 6.942   4.242   14.105  1.00 13.75 ? 964  LEU A CB  1 
ATOM   454  C  CG  . LEU A 1 65  ? 6.423   4.267   12.665  1.00 14.09 ? 964  LEU A CG  1 
ATOM   455  C  CD1 . LEU A 1 65  ? 7.213   5.304   11.752  1.00 14.48 ? 964  LEU A CD1 1 
ATOM   456  C  CD2 . LEU A 1 65  ? 6.447   2.881   12.083  1.00 14.35 ? 964  LEU A CD2 1 
ATOM   457  N  N   . GLU A 1 66  ? 6.090   3.489   17.534  1.00 17.26 ? 965  GLU A N   1 
ATOM   458  C  CA  . GLU A 1 66  ? 6.592   3.323   18.911  1.00 20.71 ? 965  GLU A CA  1 
ATOM   459  C  C   . GLU A 1 66  ? 7.112   1.909   19.103  1.00 21.08 ? 965  GLU A C   1 
ATOM   460  O  O   . GLU A 1 66  ? 6.452   0.943   18.739  1.00 22.13 ? 965  GLU A O   1 
ATOM   461  C  CB  . GLU A 1 66  ? 5.462   3.572   19.916  1.00 22.50 ? 965  GLU A CB  1 
ATOM   462  C  CG  . GLU A 1 66  ? 5.069   5.015   20.061  1.00 28.25 ? 965  GLU A CG  1 
ATOM   463  C  CD  . GLU A 1 66  ? 4.353   5.274   21.405  1.00 36.30 ? 965  GLU A CD  1 
ATOM   464  O  OE1 . GLU A 1 66  ? 3.575   4.385   21.857  1.00 39.63 ? 965  GLU A OE1 1 
ATOM   465  O  OE2 . GLU A 1 66  ? 4.587   6.352   22.011  1.00 39.99 ? 965  GLU A OE2 1 
ATOM   466  N  N   . GLY A 1 67  ? 8.300   1.797   19.687  1.00 22.27 ? 966  GLY A N   1 
ATOM   467  C  CA  . GLY A 1 67  ? 8.993   0.524   19.799  1.00 23.04 ? 966  GLY A CA  1 
ATOM   468  C  C   . GLY A 1 67  ? 9.497   -0.070  18.490  1.00 23.12 ? 966  GLY A C   1 
ATOM   469  O  O   . GLY A 1 67  ? 9.828   -1.257  18.454  1.00 26.05 ? 966  GLY A O   1 
ATOM   470  N  N   . LEU A 1 68  ? 9.537   0.729   17.419  1.00 21.87 ? 967  LEU A N   1 
ATOM   471  C  CA  . LEU A 1 68  ? 10.023  0.291   16.114  1.00 20.85 ? 967  LEU A CA  1 
ATOM   472  C  C   . LEU A 1 68  ? 11.042  1.295   15.558  1.00 20.92 ? 967  LEU A C   1 
ATOM   473  O  O   . LEU A 1 68  ? 11.324  1.350   14.357  1.00 20.68 ? 967  LEU A O   1 
ATOM   474  C  CB  . LEU A 1 68  ? 8.850   0.129   15.145  1.00 20.97 ? 967  LEU A CB  1 
ATOM   475  C  CG  . LEU A 1 68  ? 7.801   -0.911  15.518  1.00 20.84 ? 967  LEU A CG  1 
ATOM   476  C  CD1 . LEU A 1 68  ? 6.584   -0.813  14.579  1.00 21.08 ? 967  LEU A CD1 1 
ATOM   477  C  CD2 . LEU A 1 68  ? 8.413   -2.339  15.507  1.00 20.41 ? 967  LEU A CD2 1 
ATOM   478  N  N   . ASP A 1 69  ? 11.644  2.069   16.456  1.00 21.57 ? 968  ASP A N   1 
ATOM   479  C  CA  . ASP A 1 69  ? 12.608  3.105   16.075  1.00 22.80 ? 968  ASP A CA  1 
ATOM   480  C  C   . ASP A 1 69  ? 13.928  2.502   15.615  1.00 21.63 ? 968  ASP A C   1 
ATOM   481  O  O   . ASP A 1 69  ? 14.868  3.231   15.259  1.00 23.24 ? 968  ASP A O   1 
ATOM   482  C  CB  . ASP A 1 69  ? 12.851  4.050   17.260  1.00 24.33 ? 968  ASP A CB  1 
ATOM   483  C  CG  . ASP A 1 69  ? 13.038  3.295   18.588  1.00 30.03 ? 968  ASP A CG  1 
ATOM   484  O  OD1 . ASP A 1 69  ? 12.051  2.625   19.070  1.00 35.42 ? 968  ASP A OD1 1 
ATOM   485  O  OD2 . ASP A 1 69  ? 14.172  3.382   19.145  1.00 37.83 ? 968  ASP A OD2 1 
ATOM   486  N  N   . TYR A 1 70  ? 13.995  1.175   15.626  1.00 20.28 ? 969  TYR A N   1 
ATOM   487  C  CA  . TYR A 1 70  ? 15.128  0.400   15.127  1.00 19.56 ? 969  TYR A CA  1 
ATOM   488  C  C   . TYR A 1 70  ? 15.382  0.547   13.620  1.00 16.55 ? 969  TYR A C   1 
ATOM   489  O  O   . TYR A 1 70  ? 16.494  0.300   13.182  1.00 14.06 ? 969  TYR A O   1 
ATOM   490  C  CB  . TYR A 1 70  ? 14.861  -1.115  15.332  1.00 21.83 ? 969  TYR A CB  1 
ATOM   491  C  CG  . TYR A 1 70  ? 14.541  -1.526  16.747  1.00 24.90 ? 969  TYR A CG  1 
ATOM   492  C  CD1 . TYR A 1 70  ? 15.564  -1.661  17.688  1.00 27.98 ? 969  TYR A CD1 1 
ATOM   493  C  CD2 . TYR A 1 70  ? 13.222  -1.771  17.150  1.00 27.24 ? 969  TYR A CD2 1 
ATOM   494  C  CE1 . TYR A 1 70  ? 15.301  -2.036  19.005  1.00 29.08 ? 969  TYR A CE1 1 
ATOM   495  C  CE2 . TYR A 1 70  ? 12.933  -2.131  18.466  1.00 30.70 ? 969  TYR A CE2 1 
ATOM   496  C  CZ  . TYR A 1 70  ? 13.983  -2.260  19.402  1.00 29.66 ? 969  TYR A CZ  1 
ATOM   497  O  OH  . TYR A 1 70  ? 13.728  -2.634  20.719  1.00 31.10 ? 969  TYR A OH  1 
ATOM   498  N  N   . TYR A 1 71  ? 14.337  0.848   12.847  1.00 13.67 ? 970  TYR A N   1 
ATOM   499  C  CA  . TYR A 1 71  ? 14.362  0.759   11.385  1.00 13.69 ? 970  TYR A CA  1 
ATOM   500  C  C   . TYR A 1 71  ? 14.610  2.110   10.732  1.00 14.40 ? 970  TYR A C   1 
ATOM   501  O  O   . TYR A 1 71  ? 14.225  3.138   11.282  1.00 17.21 ? 970  TYR A O   1 
ATOM   502  C  CB  . TYR A 1 71  ? 13.037  0.120   10.912  1.00 12.86 ? 970  TYR A CB  1 
ATOM   503  C  CG  . TYR A 1 71  ? 12.888  -1.230  11.548  1.00 11.32 ? 970  TYR A CG  1 
ATOM   504  C  CD1 . TYR A 1 71  ? 13.678  -2.286  11.124  1.00 10.46 ? 970  TYR A CD1 1 
ATOM   505  C  CD2 . TYR A 1 71  ? 12.019  -1.443  12.599  1.00 11.74 ? 970  TYR A CD2 1 
ATOM   506  C  CE1 . TYR A 1 71  ? 13.619  -3.525  11.726  1.00 10.38 ? 970  TYR A CE1 1 
ATOM   507  C  CE2 . TYR A 1 71  ? 11.915  -2.698  13.225  1.00 13.31 ? 970  TYR A CE2 1 
ATOM   508  C  CZ  . TYR A 1 71  ? 12.736  -3.752  12.789  1.00 10.39 ? 970  TYR A CZ  1 
ATOM   509  O  OH  . TYR A 1 71  ? 12.684  -4.978  13.408  1.00 14.59 ? 970  TYR A OH  1 
ATOM   510  N  N   . ASP A 1 72  ? 15.232  2.103   9.573   1.00 13.84 ? 971  ASP A N   1 
ATOM   511  C  CA  . ASP A 1 72  ? 15.601  3.307   8.867   1.00 14.05 ? 971  ASP A CA  1 
ATOM   512  C  C   . ASP A 1 72  ? 14.549  3.726   7.825   1.00 12.68 ? 971  ASP A C   1 
ATOM   513  O  O   . ASP A 1 72  ? 14.396  4.909   7.550   1.00 11.48 ? 971  ASP A O   1 
ATOM   514  C  CB  . ASP A 1 72  ? 16.892  3.065   8.115   1.00 15.57 ? 971  ASP A CB  1 
ATOM   515  C  CG  . ASP A 1 72  ? 18.153  3.180   8.995   1.00 21.57 ? 971  ASP A CG  1 
ATOM   516  O  OD1 . ASP A 1 72  ? 18.080  3.489   10.197  1.00 25.93 ? 971  ASP A OD1 1 
ATOM   517  O  OD2 . ASP A 1 72  ? 19.232  2.979   8.405   1.00 29.49 ? 971  ASP A OD2 1 
ATOM   518  N  N   . TYR A 1 73  ? 13.859  2.755   7.203   1.00 10.91 ? 972  TYR A N   1 
ATOM   519  C  CA  . TYR A 1 73  ? 13.053  3.034   6.042   1.00 10.70 ? 972  TYR A CA  1 
ATOM   520  C  C   . TYR A 1 73  ? 11.742  2.261   6.125   1.00 9.66  ? 972  TYR A C   1 
ATOM   521  O  O   . TYR A 1 73  ? 11.686  1.149   6.649   1.00 8.83  ? 972  TYR A O   1 
ATOM   522  C  CB  . TYR A 1 73  ? 13.733  2.611   4.759   1.00 12.38 ? 972  TYR A CB  1 
ATOM   523  C  CG  . TYR A 1 73  ? 14.965  3.416   4.490   1.00 13.53 ? 972  TYR A CG  1 
ATOM   524  C  CD1 . TYR A 1 73  ? 14.849  4.704   4.013   1.00 16.87 ? 972  TYR A CD1 1 
ATOM   525  C  CD2 . TYR A 1 73  ? 16.217  2.903   4.756   1.00 19.51 ? 972  TYR A CD2 1 
ATOM   526  C  CE1 . TYR A 1 73  ? 15.969  5.491   3.810   1.00 20.48 ? 972  TYR A CE1 1 
ATOM   527  C  CE2 . TYR A 1 73  ? 17.357  3.678   4.536   1.00 20.70 ? 972  TYR A CE2 1 
ATOM   528  C  CZ  . TYR A 1 73  ? 17.205  4.975   4.076   1.00 21.31 ? 972  TYR A CZ  1 
ATOM   529  O  OH  . TYR A 1 73  ? 18.315  5.777   3.842   1.00 22.96 ? 972  TYR A OH  1 
ATOM   530  N  N   . PHE A 1 74  ? 10.715  2.876   5.594   1.00 8.12  ? 973  PHE A N   1 
ATOM   531  C  CA  . PHE A 1 74  ? 9.539   2.140   5.156   1.00 7.27  ? 973  PHE A CA  1 
ATOM   532  C  C   . PHE A 1 74  ? 9.700   1.913   3.661   1.00 6.69  ? 973  PHE A C   1 
ATOM   533  O  O   . PHE A 1 74  ? 9.920   2.861   2.893   1.00 6.91  ? 973  PHE A O   1 
ATOM   534  C  CB  . PHE A 1 74  ? 8.255   2.931   5.421   1.00 7.20  ? 973  PHE A CB  1 
ATOM   535  C  CG  . PHE A 1 74  ? 7.052   2.346   4.756   1.00 7.58  ? 973  PHE A CG  1 
ATOM   536  C  CD1 . PHE A 1 74  ? 6.638   1.051   5.045   1.00 7.11  ? 973  PHE A CD1 1 
ATOM   537  C  CD2 . PHE A 1 74  ? 6.282   3.110   3.886   1.00 6.71  ? 973  PHE A CD2 1 
ATOM   538  C  CE1 . PHE A 1 74  ? 5.532   0.522   4.413   1.00 8.23  ? 973  PHE A CE1 1 
ATOM   539  C  CE2 . PHE A 1 74  ? 5.175   2.568   3.259   1.00 5.94  ? 973  PHE A CE2 1 
ATOM   540  C  CZ  . PHE A 1 74  ? 4.809   1.297   3.528   1.00 5.89  ? 973  PHE A CZ  1 
ATOM   541  N  N   . GLU A 1 75  ? 9.523   0.661   3.234   1.00 7.34  ? 974  GLU A N   1 
ATOM   542  C  CA  . GLU A 1 75  ? 9.648   0.266   1.839   1.00 6.79  ? 974  GLU A CA  1 
ATOM   543  C  C   . GLU A 1 75  ? 8.445   -0.559  1.442   1.00 6.69  ? 974  GLU A C   1 
ATOM   544  O  O   . GLU A 1 75  ? 8.000   -1.438  2.181   1.00 6.12  ? 974  GLU A O   1 
ATOM   545  C  CB  . GLU A 1 75  ? 10.927  -0.538  1.574   1.00 8.19  ? 974  GLU A CB  1 
ATOM   546  C  CG  . GLU A 1 75  ? 12.157  0.283   1.879   1.00 7.44  ? 974  GLU A CG  1 
ATOM   547  C  CD  . GLU A 1 75  ? 13.484  -0.402  1.620   1.00 10.39 ? 974  GLU A CD  1 
ATOM   548  O  OE1 . GLU A 1 75  ? 13.494  -1.542  1.109   1.00 13.04 ? 974  GLU A OE1 1 
ATOM   549  O  OE2 . GLU A 1 75  ? 14.505  0.203   2.053   1.00 11.13 ? 974  GLU A OE2 1 
ATOM   550  N  N   . THR A 1 76  ? 7.943   -0.258  0.251   1.00 6.17  ? 975  THR A N   1 
ATOM   551  C  CA  . THR A 1 76  ? 6.839   -1.007  -0.363  1.00 7.07  ? 975  THR A CA  1 
ATOM   552  C  C   . THR A 1 76  ? 6.812   -0.740  -1.849  1.00 6.37  ? 975  THR A C   1 
ATOM   553  O  O   . THR A 1 76  ? 7.314   0.302   -2.311  1.00 6.22  ? 975  THR A O   1 
ATOM   554  C  CB  . THR A 1 76  ? 5.456   -0.660  0.291   1.00 6.96  ? 975  THR A CB  1 
ATOM   555  O  OG1 . THR A 1 76  ? 4.465   -1.582  -0.162  1.00 6.29  ? 975  THR A OG1 1 
ATOM   556  C  CG2 . THR A 1 76  ? 5.049   0.814   -0.019  1.00 5.04  ? 975  THR A CG2 1 
ATOM   557  N  N   . PHE A 1 77  ? 6.194   -1.648  -2.591  1.00 6.77  ? 976  PHE A N   1 
ATOM   558  C  CA  . PHE A 1 77  ? 5.743   -1.368  -3.959  1.00 6.81  ? 976  PHE A CA  1 
ATOM   559  C  C   . PHE A 1 77  ? 4.250   -1.058  -3.879  1.00 7.16  ? 976  PHE A C   1 
ATOM   560  O  O   . PHE A 1 77  ? 3.563   -1.569  -2.997  1.00 7.30  ? 976  PHE A O   1 
ATOM   561  C  CB  . PHE A 1 77  ? 5.993   -2.561  -4.853  1.00 7.61  ? 976  PHE A CB  1 
ATOM   562  C  CG  . PHE A 1 77  ? 7.457   -2.814  -5.074  1.00 8.30  ? 976  PHE A CG  1 
ATOM   563  C  CD1 . PHE A 1 77  ? 8.068   -2.287  -6.176  1.00 9.79  ? 976  PHE A CD1 1 
ATOM   564  C  CD2 . PHE A 1 77  ? 8.176   -3.578  -4.180  1.00 7.53  ? 976  PHE A CD2 1 
ATOM   565  C  CE1 . PHE A 1 77  ? 9.426   -2.542  -6.402  1.00 10.60 ? 976  PHE A CE1 1 
ATOM   566  C  CE2 . PHE A 1 77  ? 9.544   -3.808  -4.379  1.00 9.20  ? 976  PHE A CE2 1 
ATOM   567  C  CZ  . PHE A 1 77  ? 10.129  -3.308  -5.503  1.00 9.13  ? 976  PHE A CZ  1 
ATOM   568  N  N   . VAL A 1 78  ? 3.774   -0.225  -4.783  1.00 6.62  ? 977  VAL A N   1 
ATOM   569  C  CA  . VAL A 1 78  ? 2.352   0.161   -4.795  1.00 6.34  ? 977  VAL A CA  1 
ATOM   570  C  C   . VAL A 1 78  ? 1.826   0.082   -6.214  1.00 6.08  ? 977  VAL A C   1 
ATOM   571  O  O   . VAL A 1 78  ? 2.548   0.349   -7.187  1.00 5.74  ? 977  VAL A O   1 
ATOM   572  C  CB  . VAL A 1 78  ? 2.089   1.533   -4.210  1.00 7.49  ? 977  VAL A CB  1 
ATOM   573  C  CG1 . VAL A 1 78  ? 2.467   1.528   -2.712  1.00 6.37  ? 977  VAL A CG1 1 
ATOM   574  C  CG2 . VAL A 1 78  ? 2.735   2.680   -5.050  1.00 6.83  ? 977  VAL A CG2 1 
ATOM   575  N  N   . GLY A 1 79  ? 0.547   -0.275  -6.306  1.00 6.34  ? 978  GLY A N   1 
ATOM   576  C  CA  . GLY A 1 79  ? -0.130  -0.187  -7.585  1.00 6.31  ? 978  GLY A CA  1 
ATOM   577  C  C   . GLY A 1 79  ? -1.540  -0.724  -7.501  1.00 6.68  ? 978  GLY A C   1 
ATOM   578  O  O   . GLY A 1 79  ? -1.966  -1.232  -6.452  1.00 5.89  ? 978  GLY A O   1 
ATOM   579  N  N   . VAL A 1 80  ? -2.256  -0.628  -8.623  1.00 6.65  ? 979  VAL A N   1 
ATOM   580  C  CA  . VAL A 1 80  ? -3.526  -1.340  -8.767  1.00 6.69  ? 979  VAL A CA  1 
ATOM   581  C  C   . VAL A 1 80  ? -3.247  -2.843  -8.719  1.00 6.43  ? 979  VAL A C   1 
ATOM   582  O  O   . VAL A 1 80  ? -2.357  -3.362  -9.426  1.00 6.47  ? 979  VAL A O   1 
ATOM   583  C  CB  . VAL A 1 80  ? -4.251  -0.959  -10.076 1.00 6.74  ? 979  VAL A CB  1 
ATOM   584  C  CG1 . VAL A 1 80  ? -5.454  -1.923  -10.281 1.00 5.01  ? 979  VAL A CG1 1 
ATOM   585  C  CG2 . VAL A 1 80  ? -4.678  0.490   -9.995  1.00 6.01  ? 979  VAL A CG2 1 
ATOM   586  N  N   . ASP A 1 81  ? -3.942  -3.516  -7.823  1.00 6.39  ? 980  ASP A N   1 
ATOM   587  C  CA  . ASP A 1 81  ? -3.847  -4.965  -7.731  1.00 6.88  ? 980  ASP A CA  1 
ATOM   588  C  C   . ASP A 1 81  ? -4.313  -5.585  -9.084  1.00 7.10  ? 980  ASP A C   1 
ATOM   589  O  O   . ASP A 1 81  ? -5.376  -5.277  -9.576  1.00 6.71  ? 980  ASP A O   1 
ATOM   590  C  CB  . ASP A 1 81  ? -4.558  -5.545  -6.538  1.00 6.67  ? 980  ASP A CB  1 
ATOM   591  C  CG  . ASP A 1 81  ? -4.162  -6.979  -6.331  1.00 7.89  ? 980  ASP A CG  1 
ATOM   592  O  OD1 . ASP A 1 81  ? -3.300  -7.224  -5.464  1.00 9.45  ? 980  ASP A OD1 1 
ATOM   593  O  OD2 . ASP A 1 81  ? -4.665  -7.843  -7.095  1.00 8.66  ? 980  ASP A OD2 1 
ATOM   594  N  N   . GLN A 1 82  ? -3.448  -6.393  -9.709  1.00 7.05  ? 981  GLN A N   1 
ATOM   595  C  CA  . GLN A 1 82  ? -3.733  -6.919  -11.046 1.00 7.93  ? 981  GLN A CA  1 
ATOM   596  C  C   . GLN A 1 82  ? -4.894  -7.931  -11.139 1.00 8.48  ? 981  GLN A C   1 
ATOM   597  O  O   . GLN A 1 82  ? -5.299  -8.329  -12.256 1.00 8.53  ? 981  GLN A O   1 
ATOM   598  C  CB  . GLN A 1 82  ? -2.444  -7.407  -11.712 1.00 8.57  ? 981  GLN A CB  1 
ATOM   599  C  CG  . GLN A 1 82  ? -1.435  -6.261  -11.898 1.00 8.95  ? 981  GLN A CG  1 
ATOM   600  C  CD  . GLN A 1 82  ? -1.931  -5.203  -12.861 1.00 8.94  ? 981  GLN A CD  1 
ATOM   601  O  OE1 . GLN A 1 82  ? -2.315  -4.081  -12.464 1.00 11.17 ? 981  GLN A OE1 1 
ATOM   602  N  NE2 . GLN A 1 82  ? -1.973  -5.561  -14.119 1.00 6.71  ? 981  GLN A NE2 1 
ATOM   603  N  N   . GLU A 1 83  ? -5.514  -8.282  -10.016 1.00 8.53  ? 982  GLU A N   1 
ATOM   604  C  CA  . GLU A 1 83  ? -6.827  -8.928  -10.059 1.00 9.56  ? 982  GLU A CA  1 
ATOM   605  C  C   . GLU A 1 83  ? -7.818  -8.008  -10.772 1.00 8.49  ? 982  GLU A C   1 
ATOM   606  O  O   . GLU A 1 83  ? -8.813  -8.521  -11.315 1.00 11.33 ? 982  GLU A O   1 
ATOM   607  C  CB  . GLU A 1 83  ? -7.355  -9.308  -8.677  1.00 9.34  ? 982  GLU A CB  1 
ATOM   608  C  CG  . GLU A 1 83  ? -7.757  -8.174  -7.780  1.00 9.38  ? 982  GLU A CG  1 
ATOM   609  C  CD  . GLU A 1 83  ? -7.807  -8.559  -6.309  1.00 9.76  ? 982  GLU A CD  1 
ATOM   610  O  OE1 . GLU A 1 83  ? -7.447  -9.710  -5.939  1.00 10.87 ? 982  GLU A OE1 1 
ATOM   611  O  OE2 . GLU A 1 83  ? -8.227  -7.713  -5.485  1.00 9.43  ? 982  GLU A OE2 1 
HETATM 612  N  N   . MSE A 1 84  ? -7.564  -6.685  -10.754 1.00 7.98  ? 983  MSE A N   1 
HETATM 613  C  CA  . MSE A 1 84  ? -8.394  -5.721  -11.496 1.00 8.84  ? 983  MSE A CA  1 
HETATM 614  C  C   . MSE A 1 84  ? -7.824  -5.223  -12.807 1.00 7.25  ? 983  MSE A C   1 
HETATM 615  O  O   . MSE A 1 84  ? -8.223  -4.174  -13.312 1.00 8.55  ? 983  MSE A O   1 
HETATM 616  C  CB  . MSE A 1 84  ? -8.782  -4.542  -10.589 1.00 9.03  ? 983  MSE A CB  1 
HETATM 617  C  CG  . MSE A 1 84  ? -9.499  -4.875  -9.334  1.00 11.15 ? 983  MSE A CG  1 
HETATM 618  SE SE  . MSE A 1 84  ? -11.384 -5.303  -9.858  1.00 30.22 ? 983  MSE A SE  1 
HETATM 619  C  CE  . MSE A 1 84  ? -11.162 -6.889  -9.687  1.00 2.00  ? 983  MSE A CE  1 
ATOM   620  N  N   . ALA A 1 85  ? -6.864  -5.953  -13.395 1.00 6.51  ? 984  ALA A N   1 
ATOM   621  C  CA  . ALA A 1 85  ? -6.423  -5.614  -14.713 1.00 8.44  ? 984  ALA A CA  1 
ATOM   622  C  C   . ALA A 1 85  ? -7.617  -5.631  -15.705 1.00 8.18  ? 984  ALA A C   1 
ATOM   623  O  O   . ALA A 1 85  ? -8.459  -6.495  -15.588 1.00 9.15  ? 984  ALA A O   1 
ATOM   624  C  CB  . ALA A 1 85  ? -5.315  -6.575  -15.165 1.00 8.36  ? 984  ALA A CB  1 
ATOM   625  N  N   . GLY A 1 86  ? -7.675  -4.622  -16.577 1.00 10.20 ? 985  GLY A N   1 
ATOM   626  C  CA  . GLY A 1 86  ? -8.710  -4.501  -17.627 1.00 10.31 ? 985  GLY A CA  1 
ATOM   627  C  C   . GLY A 1 86  ? -9.938  -3.724  -17.164 1.00 10.49 ? 985  GLY A C   1 
ATOM   628  O  O   . GLY A 1 86  ? -10.876 -3.510  -17.941 1.00 11.09 ? 985  GLY A O   1 
ATOM   629  N  N   . THR A 1 87  ? -9.922  -3.289  -15.916 1.00 9.05  ? 986  THR A N   1 
ATOM   630  C  CA  . THR A 1 87  ? -11.046 -2.574  -15.324 1.00 8.11  ? 986  THR A CA  1 
ATOM   631  C  C   . THR A 1 87  ? -10.828 -1.049  -15.300 1.00 8.13  ? 986  THR A C   1 
ATOM   632  O  O   . THR A 1 87  ? -9.754  -0.501  -15.679 1.00 8.10  ? 986  THR A O   1 
ATOM   633  C  CB  . THR A 1 87  ? -11.297 -3.060  -13.857 1.00 6.24  ? 986  THR A CB  1 
ATOM   634  O  OG1 . THR A 1 87  ? -10.281 -2.530  -12.986 1.00 6.85  ? 986  THR A OG1 1 
ATOM   635  C  CG2 . THR A 1 87  ? -11.445 -4.618  -13.746 1.00 8.40  ? 986  THR A CG2 1 
ATOM   636  N  N   . VAL A 1 88  ? -11.826 -0.367  -14.729 1.00 7.20  ? 987  VAL A N   1 
ATOM   637  C  CA  . VAL A 1 88  ? -11.828 1.063   -14.537 1.00 7.60  ? 987  VAL A CA  1 
ATOM   638  C  C   . VAL A 1 88  ? -10.985 1.518   -13.328 1.00 7.36  ? 987  VAL A C   1 
ATOM   639  O  O   . VAL A 1 88  ? -10.972 2.700   -13.028 1.00 8.75  ? 987  VAL A O   1 
ATOM   640  C  CB  . VAL A 1 88  ? -13.349 1.511   -14.420 1.00 7.41  ? 987  VAL A CB  1 
ATOM   641  C  CG1 . VAL A 1 88  ? -14.006 1.092   -13.084 1.00 8.48  ? 987  VAL A CG1 1 
ATOM   642  C  CG2 . VAL A 1 88  ? -13.540 2.988   -14.661 1.00 9.65  ? 987  VAL A CG2 1 
ATOM   643  N  N   . ALA A 1 89  ? -10.274 0.581   -12.669 1.00 6.31  ? 988  ALA A N   1 
ATOM   644  C  CA  . ALA A 1 89  ? -9.431  0.874   -11.479 1.00 6.77  ? 988  ALA A CA  1 
ATOM   645  C  C   . ALA A 1 89  ? -8.640  2.138   -11.714 1.00 6.08  ? 988  ALA A C   1 
ATOM   646  O  O   . ALA A 1 89  ? -7.927  2.258   -12.733 1.00 8.38  ? 988  ALA A O   1 
ATOM   647  C  CB  . ALA A 1 89  ? -8.444  -0.285  -11.198 1.00 7.06  ? 988  ALA A CB  1 
ATOM   648  N  N   . SER A 1 90  ? -8.709  3.025   -10.742 1.00 6.49  ? 989  SER A N   1 
ATOM   649  C  CA  . SER A 1 90  ? -8.019  4.310   -10.780 1.00 6.54  ? 989  SER A CA  1 
ATOM   650  C  C   . SER A 1 90  ? -7.846  4.834   -9.359  1.00 5.96  ? 989  SER A C   1 
ATOM   651  O  O   . SER A 1 90  ? -8.806  5.162   -8.659  1.00 6.55  ? 989  SER A O   1 
ATOM   652  C  CB  . SER A 1 90  ? -8.758  5.287   -11.670 1.00 7.49  ? 989  SER A CB  1 
ATOM   653  O  OG  . SER A 1 90  ? -10.090 5.461   -11.248 1.00 6.87  ? 989  SER A OG  1 
ATOM   654  N  N   . ILE A 1 91  ? -6.617  4.913   -8.932  1.00 6.17  ? 990  ILE A N   1 
ATOM   655  C  CA  . ILE A 1 91  ? -6.294  5.216   -7.563  1.00 6.18  ? 990  ILE A CA  1 
ATOM   656  C  C   . ILE A 1 91  ? -5.030  6.064   -7.485  1.00 7.22  ? 990  ILE A C   1 
ATOM   657  O  O   . ILE A 1 91  ? -4.254  6.174   -8.431  1.00 6.62  ? 990  ILE A O   1 
ATOM   658  C  CB  . ILE A 1 91  ? -6.100  3.913   -6.681  1.00 5.13  ? 990  ILE A CB  1 
ATOM   659  C  CG1 . ILE A 1 91  ? -4.928  3.052   -7.232  1.00 4.66  ? 990  ILE A CG1 1 
ATOM   660  C  CG2 . ILE A 1 91  ? -7.379  3.073   -6.615  1.00 7.09  ? 990  ILE A CG2 1 
ATOM   661  C  CD1 . ILE A 1 91  ? -4.717  1.691   -6.479  1.00 6.37  ? 990  ILE A CD1 1 
ATOM   662  N  N   . SER A 1 92  ? -4.776  6.568   -6.288  1.00 6.89  ? 991  SER A N   1 
ATOM   663  C  CA  . SER A 1 92  ? -3.454  7.088   -5.956  1.00 7.16  ? 991  SER A CA  1 
ATOM   664  C  C   . SER A 1 92  ? -3.111  6.646   -4.540  1.00 6.45  ? 991  SER A C   1 
ATOM   665  O  O   . SER A 1 92  ? -3.992  6.351   -3.708  1.00 7.38  ? 991  SER A O   1 
ATOM   666  C  CB  . SER A 1 92  ? -3.364  8.627   -6.089  1.00 6.77  ? 991  SER A CB  1 
ATOM   667  O  OG  . SER A 1 92  ? -4.154  9.346   -5.145  1.00 7.42  ? 991  SER A OG  1 
ATOM   668  N  N   . PHE A 1 93  ? -1.802  6.571   -4.320  1.00 6.86  ? 992  PHE A N   1 
ATOM   669  C  CA  . PHE A 1 93  ? -1.218  6.182   -3.045  1.00 7.13  ? 992  PHE A CA  1 
ATOM   670  C  C   . PHE A 1 93  ? -0.534  7.404   -2.446  1.00 7.17  ? 992  PHE A C   1 
ATOM   671  O  O   . PHE A 1 93  ? 0.244   8.091   -3.123  1.00 6.80  ? 992  PHE A O   1 
ATOM   672  C  CB  . PHE A 1 93  ? -0.186  5.088   -3.207  1.00 7.91  ? 992  PHE A CB  1 
ATOM   673  C  CG  . PHE A 1 93  ? -0.769  3.782   -3.627  1.00 6.22  ? 992  PHE A CG  1 
ATOM   674  C  CD1 . PHE A 1 93  ? -1.084  2.820   -2.679  1.00 7.21  ? 992  PHE A CD1 1 
ATOM   675  C  CD2 . PHE A 1 93  ? -1.031  3.523   -4.981  1.00 7.34  ? 992  PHE A CD2 1 
ATOM   676  C  CE1 . PHE A 1 93  ? -1.616  1.620   -3.055  1.00 6.61  ? 992  PHE A CE1 1 
ATOM   677  C  CE2 . PHE A 1 93  ? -1.580  2.288   -5.368  1.00 6.91  ? 992  PHE A CE2 1 
ATOM   678  C  CZ  . PHE A 1 93  ? -1.840  1.332   -4.398  1.00 5.73  ? 992  PHE A CZ  1 
ATOM   679  N  N   . GLU A 1 94  ? -0.807  7.632   -1.174  1.00 7.61  ? 993  GLU A N   1 
ATOM   680  C  CA  . GLU A 1 94  ? -0.045  8.649   -0.420  1.00 7.97  ? 993  GLU A CA  1 
ATOM   681  C  C   . GLU A 1 94  ? 0.463   7.976   0.840   1.00 8.62  ? 993  GLU A C   1 
ATOM   682  O  O   . GLU A 1 94  ? -0.242  7.110   1.446   1.00 9.14  ? 993  GLU A O   1 
ATOM   683  C  CB  . GLU A 1 94  ? -0.907  9.838   -0.087  1.00 7.99  ? 993  GLU A CB  1 
ATOM   684  C  CG  . GLU A 1 94  ? -1.407  10.617  -1.286  1.00 8.83  ? 993  GLU A CG  1 
ATOM   685  C  CD  . GLU A 1 94  ? -2.397  11.721  -0.972  1.00 11.68 ? 993  GLU A CD  1 
ATOM   686  O  OE1 . GLU A 1 94  ? -2.810  11.896  0.187   1.00 14.97 ? 993  GLU A OE1 1 
ATOM   687  O  OE2 . GLU A 1 94  ? -2.811  12.402  -1.943  1.00 17.20 ? 993  GLU A OE2 1 
ATOM   688  N  N   . VAL A 1 95  ? 1.650   8.376   1.272   1.00 6.31  ? 994  VAL A N   1 
ATOM   689  C  CA  . VAL A 1 95  ? 2.232   7.868   2.495   1.00 7.02  ? 994  VAL A CA  1 
ATOM   690  C  C   . VAL A 1 95  ? 2.584   9.109   3.294   1.00 8.04  ? 994  VAL A C   1 
ATOM   691  O  O   . VAL A 1 95  ? 3.136   10.064  2.724   1.00 7.25  ? 994  VAL A O   1 
ATOM   692  C  CB  . VAL A 1 95  ? 3.456   6.989   2.256   1.00 6.58  ? 994  VAL A CB  1 
ATOM   693  C  CG1 . VAL A 1 95  ? 4.128   6.553   3.584   1.00 6.27  ? 994  VAL A CG1 1 
ATOM   694  C  CG2 . VAL A 1 95  ? 3.063   5.745   1.445   1.00 8.19  ? 994  VAL A CG2 1 
ATOM   695  N  N   . TYR A 1 96  ? 2.231   9.083   4.578   1.00 7.80  ? 995  TYR A N   1 
ATOM   696  C  CA  . TYR A 1 96  ? 2.549   10.157  5.532   1.00 7.70  ? 995  TYR A CA  1 
ATOM   697  C  C   . TYR A 1 96  ? 3.447   9.621   6.648   1.00 8.74  ? 995  TYR A C   1 
ATOM   698  O  O   . TYR A 1 96  ? 3.259   8.496   7.126   1.00 8.07  ? 995  TYR A O   1 
ATOM   699  C  CB  . TYR A 1 96  ? 1.249   10.721  6.164   1.00 8.67  ? 995  TYR A CB  1 
ATOM   700  C  CG  . TYR A 1 96  ? 0.390   11.416  5.154   1.00 7.21  ? 995  TYR A CG  1 
ATOM   701  C  CD1 . TYR A 1 96  ? 0.337   12.799  5.097   1.00 7.03  ? 995  TYR A CD1 1 
ATOM   702  C  CD2 . TYR A 1 96  ? -0.403  10.687  4.265   1.00 8.33  ? 995  TYR A CD2 1 
ATOM   703  C  CE1 . TYR A 1 96  ? -0.477  13.443  4.166   1.00 8.04  ? 995  TYR A CE1 1 
ATOM   704  C  CE2 . TYR A 1 96  ? -1.207  11.310  3.323   1.00 11.33 ? 995  TYR A CE2 1 
ATOM   705  C  CZ  . TYR A 1 96  ? -1.194  12.714  3.249   1.00 11.39 ? 995  TYR A CZ  1 
ATOM   706  O  OH  . TYR A 1 96  ? -1.956  13.390  2.321   1.00 13.61 ? 995  TYR A OH  1 
ATOM   707  N  N   . LEU A 1 97  ? 4.387   10.463  7.093   1.00 8.78  ? 996  LEU A N   1 
ATOM   708  C  CA  . LEU A 1 97  ? 5.166   10.189  8.285   1.00 10.72 ? 996  LEU A CA  1 
ATOM   709  C  C   . LEU A 1 97  ? 4.953   11.394  9.166   1.00 10.75 ? 996  LEU A C   1 
ATOM   710  O  O   . LEU A 1 97  ? 5.204   12.532  8.750   1.00 10.52 ? 996  LEU A O   1 
ATOM   711  C  CB  . LEU A 1 97  ? 6.656   9.944   7.986   1.00 12.05 ? 996  LEU A CB  1 
ATOM   712  C  CG  . LEU A 1 97  ? 6.942   8.549   7.408   1.00 13.04 ? 996  LEU A CG  1 
ATOM   713  C  CD1 . LEU A 1 97  ? 8.322   8.542   6.707   1.00 15.41 ? 996  LEU A CD1 1 
ATOM   714  C  CD2 . LEU A 1 97  ? 6.792   7.470   8.512   1.00 14.65 ? 996  LEU A CD2 1 
ATOM   715  N  N   . ASP A 1 98  ? 4.453   11.094  10.369  1.00 11.52 ? 997  ASP A N   1 
ATOM   716  C  CA  . ASP A 1 98  ? 3.833   12.076  11.246  1.00 12.79 ? 997  ASP A CA  1 
ATOM   717  C  C   . ASP A 1 98  ? 2.885   12.919  10.380  1.00 12.70 ? 997  ASP A C   1 
ATOM   718  O  O   . ASP A 1 98  ? 2.048   12.358  9.694   1.00 14.59 ? 997  ASP A O   1 
ATOM   719  C  CB  . ASP A 1 98  ? 4.915   12.879  11.984  1.00 12.18 ? 997  ASP A CB  1 
ATOM   720  C  CG  . ASP A 1 98  ? 5.695   12.001  12.960  1.00 15.22 ? 997  ASP A CG  1 
ATOM   721  O  OD1 . ASP A 1 98  ? 6.797   12.400  13.373  1.00 17.72 ? 997  ASP A OD1 1 
ATOM   722  O  OD2 . ASP A 1 98  ? 5.181   10.922  13.288  1.00 15.89 ? 997  ASP A OD2 1 
ATOM   723  N  N   . ASN A 1 99  ? 2.982   14.230  10.425  1.00 11.54 ? 998  ASN A N   1 
ATOM   724  C  CA  . ASN A 1 99  ? 1.941   15.023  9.761   1.00 10.95 ? 998  ASN A CA  1 
ATOM   725  C  C   . ASN A 1 99  ? 2.412   15.610  8.444   1.00 10.92 ? 998  ASN A C   1 
ATOM   726  O  O   . ASN A 1 99  ? 2.014   16.724  8.093   1.00 10.85 ? 998  ASN A O   1 
ATOM   727  C  CB  . ASN A 1 99  ? 1.444   16.092  10.712  1.00 10.78 ? 998  ASN A CB  1 
ATOM   728  C  CG  . ASN A 1 99  ? 1.060   15.489  12.057  1.00 13.05 ? 998  ASN A CG  1 
ATOM   729  O  OD1 . ASN A 1 99  ? 0.238   14.572  12.101  1.00 14.28 ? 998  ASN A OD1 1 
ATOM   730  N  ND2 . ASN A 1 99  ? 1.744   15.916  13.116  1.00 12.56 ? 998  ASN A ND2 1 
ATOM   731  N  N   . GLU A 1 100 ? 3.261   14.879  7.714   1.00 10.22 ? 999  GLU A N   1 
ATOM   732  C  CA  . GLU A 1 100 ? 3.530   15.326  6.385   1.00 11.06 ? 999  GLU A CA  1 
ATOM   733  C  C   . GLU A 1 100 ? 3.586   14.196  5.353   1.00 8.59  ? 999  GLU A C   1 
ATOM   734  O  O   . GLU A 1 100 ? 4.001   13.075  5.672   1.00 7.41  ? 999  GLU A O   1 
ATOM   735  C  CB  . GLU A 1 100 ? 4.774   16.204  6.352   1.00 12.89 ? 999  GLU A CB  1 
ATOM   736  C  CG  . GLU A 1 100 ? 6.010   15.471  6.423   1.00 14.20 ? 999  GLU A CG  1 
ATOM   737  C  CD  . GLU A 1 100 ? 7.270   16.387  6.382   1.00 16.04 ? 999  GLU A CD  1 
ATOM   738  O  OE1 . GLU A 1 100 ? 7.245   17.535  5.802   1.00 11.34 ? 999  GLU A OE1 1 
ATOM   739  O  OE2 . GLU A 1 100 ? 8.281   15.910  6.942   1.00 19.46 ? 999  GLU A OE2 1 
ATOM   740  N  N   . LYS A 1 101 ? 3.115   14.508  4.161   1.00 7.10  ? 1000 LYS A N   1 
ATOM   741  C  CA  . LYS A 1 101 ? 3.138   13.582  3.068   1.00 6.76  ? 1000 LYS A CA  1 
ATOM   742  C  C   . LYS A 1 101 ? 4.585   13.378  2.632   1.00 6.43  ? 1000 LYS A C   1 
ATOM   743  O  O   . LYS A 1 101 ? 5.311   14.344  2.441   1.00 8.21  ? 1000 LYS A O   1 
ATOM   744  C  CB  . LYS A 1 101 ? 2.302   14.079  1.921   1.00 6.34  ? 1000 LYS A CB  1 
ATOM   745  C  CG  . LYS A 1 101 ? 2.121   13.032  0.836   1.00 7.94  ? 1000 LYS A CG  1 
ATOM   746  C  CD  . LYS A 1 101 ? 1.039   13.344  -0.186  1.00 10.77 ? 1000 LYS A CD  1 
ATOM   747  C  CE  . LYS A 1 101 ? 1.235   14.630  -0.937  1.00 13.67 ? 1000 LYS A CE  1 
ATOM   748  N  NZ  . LYS A 1 101 ? 0.018   14.957  -1.774  1.00 14.02 ? 1000 LYS A NZ  1 
ATOM   749  N  N   . VAL A 1 102 ? 4.967   12.122  2.481   1.00 7.08  ? 1001 VAL A N   1 
ATOM   750  C  CA  . VAL A 1 102 ? 6.291   11.734  2.066   1.00 6.93  ? 1001 VAL A CA  1 
ATOM   751  C  C   . VAL A 1 102 ? 6.337   10.993  0.715   1.00 7.52  ? 1001 VAL A C   1 
ATOM   752  O  O   . VAL A 1 102 ? 7.386   10.872  0.070   1.00 6.97  ? 1001 VAL A O   1 
ATOM   753  C  CB  . VAL A 1 102 ? 7.019   10.929  3.162   1.00 8.05  ? 1001 VAL A CB  1 
ATOM   754  C  CG1 . VAL A 1 102 ? 7.268   11.826  4.400   1.00 7.49  ? 1001 VAL A CG1 1 
ATOM   755  C  CG2 . VAL A 1 102 ? 6.352   9.565   3.499   1.00 6.12  ? 1001 VAL A CG2 1 
ATOM   756  N  N   . PHE A 1 103 ? 5.198   10.497  0.275   1.00 6.86  ? 1002 PHE A N   1 
ATOM   757  C  CA  . PHE A 1 103 ? 5.096   9.824   -1.027  1.00 7.24  ? 1002 PHE A CA  1 
ATOM   758  C  C   . PHE A 1 103 ? 3.732   10.095  -1.614  1.00 6.59  ? 1002 PHE A C   1 
ATOM   759  O  O   . PHE A 1 103 ? 2.743   10.120  -0.906  1.00 6.29  ? 1002 PHE A O   1 
ATOM   760  C  CB  . PHE A 1 103 ? 5.317   8.318   -0.888  1.00 7.88  ? 1002 PHE A CB  1 
ATOM   761  C  CG  . PHE A 1 103 ? 5.203   7.586   -2.192  1.00 7.25  ? 1002 PHE A CG  1 
ATOM   762  C  CD1 . PHE A 1 103 ? 6.286   7.457   -3.009  1.00 7.79  ? 1002 PHE A CD1 1 
ATOM   763  C  CD2 . PHE A 1 103 ? 3.999   7.023   -2.562  1.00 9.86  ? 1002 PHE A CD2 1 
ATOM   764  C  CE1 . PHE A 1 103 ? 6.142   6.793   -4.260  1.00 11.36 ? 1002 PHE A CE1 1 
ATOM   765  C  CE2 . PHE A 1 103 ? 3.871   6.345   -3.729  1.00 11.26 ? 1002 PHE A CE2 1 
ATOM   766  C  CZ  . PHE A 1 103 ? 4.946   6.251   -4.586  1.00 10.37 ? 1002 PHE A CZ  1 
ATOM   767  N  N   . ASP A 1 104 ? 3.709   10.345  -2.910  1.00 8.06  ? 1003 ASP A N   1 
ATOM   768  C  CA  . ASP A 1 104 ? 2.465   10.468  -3.680  1.00 8.28  ? 1003 ASP A CA  1 
ATOM   769  C  C   . ASP A 1 104 ? 2.665   9.865   -5.079  1.00 9.66  ? 1003 ASP A C   1 
ATOM   770  O  O   . ASP A 1 104 ? 3.489   10.367  -5.870  1.00 9.08  ? 1003 ASP A O   1 
ATOM   771  C  CB  . ASP A 1 104 ? 2.037   11.927  -3.758  1.00 8.63  ? 1003 ASP A CB  1 
ATOM   772  C  CG  . ASP A 1 104 ? 0.640   12.141  -4.334  1.00 13.90 ? 1003 ASP A CG  1 
ATOM   773  O  OD1 . ASP A 1 104 ? 0.088   11.276  -5.042  1.00 12.86 ? 1003 ASP A OD1 1 
ATOM   774  O  OD2 . ASP A 1 104 ? 0.080   13.230  -4.038  1.00 16.87 ? 1003 ASP A OD2 1 
ATOM   775  N  N   . SER A 1 105 ? 1.948   8.781   -5.402  1.00 8.20  ? 1004 SER A N   1 
ATOM   776  C  CA  . SER A 1 105 ? 2.114   8.115   -6.716  1.00 8.36  ? 1004 SER A CA  1 
ATOM   777  C  C   . SER A 1 105 ? 1.543   8.916   -7.859  1.00 8.53  ? 1004 SER A C   1 
ATOM   778  O  O   . SER A 1 105 ? 1.865   8.634   -9.023  1.00 10.81 ? 1004 SER A O   1 
ATOM   779  C  CB  . SER A 1 105 ? 1.387   6.793   -6.766  1.00 7.01  ? 1004 SER A CB  1 
ATOM   780  O  OG  . SER A 1 105 ? 0.014   6.969   -6.493  1.00 6.60  ? 1004 SER A OG  1 
ATOM   781  N  N   . GLY A 1 106 ? 0.628   9.829   -7.551  1.00 8.75  ? 1005 GLY A N   1 
ATOM   782  C  CA  . GLY A 1 106 ? -0.328  10.331  -8.538  1.00 8.81  ? 1005 GLY A CA  1 
ATOM   783  C  C   . GLY A 1 106 ? -1.210  9.217   -9.076  1.00 9.19  ? 1005 GLY A C   1 
ATOM   784  O  O   . GLY A 1 106 ? -1.207  8.082   -8.572  1.00 9.27  ? 1005 GLY A O   1 
ATOM   785  N  N   . LEU A 1 107 ? -1.918  9.534   -10.145 1.00 8.73  ? 1006 LEU A N   1 
ATOM   786  C  CA  . LEU A 1 107 ? -2.918  8.622   -10.683 1.00 9.65  ? 1006 LEU A CA  1 
ATOM   787  C  C   . LEU A 1 107 ? -2.265  7.351   -11.195 1.00 8.53  ? 1006 LEU A C   1 
ATOM   788  O  O   . LEU A 1 107 ? -1.270  7.400   -11.975 1.00 9.10  ? 1006 LEU A O   1 
ATOM   789  C  CB  . LEU A 1 107 ? -3.699  9.284   -11.816 1.00 8.82  ? 1006 LEU A CB  1 
ATOM   790  C  CG  . LEU A 1 107 ? -4.734  8.372   -12.510 1.00 9.57  ? 1006 LEU A CG  1 
ATOM   791  C  CD1 . LEU A 1 107 ? -5.909  8.006   -11.578 1.00 11.09 ? 1006 LEU A CD1 1 
ATOM   792  C  CD2 . LEU A 1 107 ? -5.254  9.088   -13.766 1.00 14.16 ? 1006 LEU A CD2 1 
HETATM 793  N  N   . MSE A 1 108 ? -2.852  6.203   -10.821 1.00 9.36  ? 1007 MSE A N   1 
HETATM 794  C  CA  . MSE A 1 108 ? -2.451  4.901   -11.296 1.00 9.37  ? 1007 MSE A CA  1 
HETATM 795  C  C   . MSE A 1 108 ? -3.704  4.181   -11.758 1.00 9.99  ? 1007 MSE A C   1 
HETATM 796  O  O   . MSE A 1 108 ? -4.695  4.121   -11.030 1.00 8.82  ? 1007 MSE A O   1 
HETATM 797  C  CB  . MSE A 1 108 ? -1.745  4.059   -10.194 1.00 10.37 ? 1007 MSE A CB  1 
HETATM 798  C  CG  . MSE A 1 108 ? -0.526  4.786   -9.626  1.00 10.81 ? 1007 MSE A CG  1 
HETATM 799  SE SE  . MSE A 1 108 ? 0.511   3.635   -8.443  1.00 15.55 ? 1007 MSE A SE  1 
HETATM 800  C  CE  . MSE A 1 108 ? 1.329   2.436   -9.749  1.00 10.56 ? 1007 MSE A CE  1 
ATOM   801  N  N   . THR A 1 109 ? -3.648  3.642   -12.971 1.00 10.06 ? 1008 THR A N   1 
ATOM   802  C  CA  . THR A 1 109 ? -4.748  2.832   -13.469 1.00 10.15 ? 1008 THR A CA  1 
ATOM   803  C  C   . THR A 1 109 ? -4.270  1.363   -13.567 1.00 10.02 ? 1008 THR A C   1 
ATOM   804  O  O   . THR A 1 109 ? -3.161  1.039   -13.147 1.00 9.28  ? 1008 THR A O   1 
ATOM   805  C  CB  . THR A 1 109 ? -5.261  3.423   -14.815 1.00 11.10 ? 1008 THR A CB  1 
ATOM   806  O  OG1 . THR A 1 109 ? -4.155  3.474   -15.733 1.00 13.91 ? 1008 THR A OG1 1 
ATOM   807  C  CG2 . THR A 1 109 ? -5.810  4.837   -14.618 1.00 14.16 ? 1008 THR A CG2 1 
ATOM   808  N  N   . GLY A 1 110 ? -5.094  0.483   -14.122 1.00 9.63  ? 1009 GLY A N   1 
ATOM   809  C  CA  . GLY A 1 110 ? -4.762  -0.933  -14.205 1.00 9.99  ? 1009 GLY A CA  1 
ATOM   810  C  C   . GLY A 1 110 ? -3.448  -1.250  -14.878 1.00 10.68 ? 1009 GLY A C   1 
ATOM   811  O  O   . GLY A 1 110 ? -2.815  -2.258  -14.555 1.00 13.60 ? 1009 GLY A O   1 
ATOM   812  N  N   . ASP A 1 111 ? -3.048  -0.424  -15.845 1.00 11.35 ? 1010 ASP A N   1 
ATOM   813  C  CA  . ASP A 1 111 ? -1.837  -0.742  -16.613 1.00 13.78 ? 1010 ASP A CA  1 
ATOM   814  C  C   . ASP A 1 111 ? -0.644  0.098   -16.202 1.00 13.08 ? 1010 ASP A C   1 
ATOM   815  O  O   . ASP A 1 111 ? 0.409   0.045   -16.857 1.00 13.47 ? 1010 ASP A O   1 
ATOM   816  C  CB  . ASP A 1 111 ? -2.063  -0.570  -18.125 1.00 16.31 ? 1010 ASP A CB  1 
ATOM   817  C  CG  . ASP A 1 111 ? -3.111  -1.509  -18.685 1.00 23.09 ? 1010 ASP A CG  1 
ATOM   818  O  OD1 . ASP A 1 111 ? -3.364  -2.605  -18.119 1.00 27.00 ? 1010 ASP A OD1 1 
ATOM   819  O  OD2 . ASP A 1 111 ? -3.680  -1.138  -19.739 1.00 30.74 ? 1010 ASP A OD2 1 
ATOM   820  N  N   . THR A 1 112 ? -0.781  0.866   -15.126 1.00 11.43 ? 1011 THR A N   1 
ATOM   821  C  CA  . THR A 1 112 ? 0.309   1.711   -14.664 1.00 10.65 ? 1011 THR A CA  1 
ATOM   822  C  C   . THR A 1 112 ? 1.339   0.859   -13.910 1.00 9.53  ? 1011 THR A C   1 
ATOM   823  O  O   . THR A 1 112 ? 1.004   0.138   -12.978 1.00 10.28 ? 1011 THR A O   1 
ATOM   824  C  CB  . THR A 1 112 ? -0.173  2.854   -13.753 1.00 10.36 ? 1011 THR A CB  1 
ATOM   825  O  OG1 . THR A 1 112 ? -1.202  3.606   -14.390 1.00 10.16 ? 1011 THR A OG1 1 
ATOM   826  C  CG2 . THR A 1 112 ? 1.015   3.769   -13.353 1.00 9.20  ? 1011 THR A CG2 1 
ATOM   827  N  N   . THR A 1 113 ? 2.603   0.942   -14.344 1.00 8.77  ? 1012 THR A N   1 
ATOM   828  C  CA  . THR A 1 113 ? 3.651   0.140   -13.747 1.00 9.48  ? 1012 THR A CA  1 
ATOM   829  C  C   . THR A 1 113 ? 3.757   0.455   -12.260 1.00 7.90  ? 1012 THR A C   1 
ATOM   830  O  O   . THR A 1 113 ? 3.667   1.640   -11.890 1.00 8.73  ? 1012 THR A O   1 
ATOM   831  C  CB  . THR A 1 113 ? 5.002   0.522   -14.402 1.00 10.20 ? 1012 THR A CB  1 
ATOM   832  O  OG1 . THR A 1 113 ? 4.926   0.214   -15.797 1.00 12.69 ? 1012 THR A OG1 1 
ATOM   833  C  CG2 . THR A 1 113 ? 6.162   -0.238  -13.757 1.00 12.23 ? 1012 THR A CG2 1 
ATOM   834  N  N   . GLN A 1 114 ? 3.943   -0.579  -11.453 1.00 8.43  ? 1013 GLN A N   1 
ATOM   835  C  CA  . GLN A 1 114 ? 4.089   -0.411  -10.027 1.00 8.72  ? 1013 GLN A CA  1 
ATOM   836  C  C   . GLN A 1 114 ? 5.181   0.638   -9.704  1.00 8.69  ? 1013 GLN A C   1 
ATOM   837  O  O   . GLN A 1 114 ? 6.149   0.821   -10.471 1.00 9.26  ? 1013 GLN A O   1 
ATOM   838  C  CB  . GLN A 1 114 ? 4.424   -1.752  -9.379  1.00 8.02  ? 1013 GLN A CB  1 
ATOM   839  C  CG  . GLN A 1 114 ? 5.820   -2.296  -9.801  1.00 8.70  ? 1013 GLN A CG  1 
ATOM   840  C  CD  . GLN A 1 114 ? 6.208   -3.587  -9.190  1.00 9.44  ? 1013 GLN A CD  1 
ATOM   841  O  OE1 . GLN A 1 114 ? 5.506   -4.134  -8.323  1.00 9.32  ? 1013 GLN A OE1 1 
ATOM   842  N  NE2 . GLN A 1 114 ? 7.385   -4.112  -9.633  1.00 11.71 ? 1013 GLN A NE2 1 
ATOM   843  N  N   . LYS A 1 115 ? 5.059   1.260   -8.546  1.00 7.88  ? 1014 LYS A N   1 
ATOM   844  C  CA  . LYS A 1 115 ? 6.033   2.213   -8.070  1.00 7.97  ? 1014 LYS A CA  1 
ATOM   845  C  C   . LYS A 1 115 ? 6.622   1.722   -6.748  1.00 9.07  ? 1014 LYS A C   1 
ATOM   846  O  O   . LYS A 1 115 ? 5.958   1.037   -5.970  1.00 9.78  ? 1014 LYS A O   1 
ATOM   847  C  CB  . LYS A 1 115 ? 5.436   3.581   -7.900  1.00 8.23  ? 1014 LYS A CB  1 
ATOM   848  C  CG  . LYS A 1 115 ? 4.892   4.207   -9.200  1.00 8.55  ? 1014 LYS A CG  1 
ATOM   849  C  CD  . LYS A 1 115 ? 4.248   5.526   -8.952  1.00 12.99 ? 1014 LYS A CD  1 
ATOM   850  C  CE  . LYS A 1 115 ? 3.581   6.050   -10.230 1.00 15.67 ? 1014 LYS A CE  1 
ATOM   851  N  NZ  . LYS A 1 115 ? 4.626   6.439   -11.195 1.00 17.50 ? 1014 LYS A NZ  1 
ATOM   852  N  N   . HIS A 1 116 ? 7.900   2.030   -6.540  1.00 8.38  ? 1015 HIS A N   1 
ATOM   853  C  CA  . HIS A 1 116 ? 8.601   1.667   -5.332  1.00 9.11  ? 1015 HIS A CA  1 
ATOM   854  C  C   . HIS A 1 116 ? 8.717   2.876   -4.419  1.00 9.31  ? 1015 HIS A C   1 
ATOM   855  O  O   . HIS A 1 116 ? 9.037   3.977   -4.871  1.00 11.74 ? 1015 HIS A O   1 
ATOM   856  C  CB  . HIS A 1 116 ? 10.015  1.192   -5.662  1.00 9.99  ? 1015 HIS A CB  1 
ATOM   857  C  CG  . HIS A 1 116 ? 10.759  0.733   -4.462  1.00 11.00 ? 1015 HIS A CG  1 
ATOM   858  N  ND1 . HIS A 1 116 ? 10.442  -0.424  -3.790  1.00 14.25 ? 1015 HIS A ND1 1 
ATOM   859  C  CD2 . HIS A 1 116 ? 11.836  1.253   -3.832  1.00 12.27 ? 1015 HIS A CD2 1 
ATOM   860  C  CE1 . HIS A 1 116 ? 11.293  -0.598  -2.792  1.00 12.77 ? 1015 HIS A CE1 1 
ATOM   861  N  NE2 . HIS A 1 116 ? 12.146  0.408   -2.794  1.00 18.39 ? 1015 HIS A NE2 1 
ATOM   862  N  N   . VAL A 1 117 ? 8.425   2.651   -3.142  1.00 8.59  ? 1016 VAL A N   1 
ATOM   863  C  CA  . VAL A 1 117 ? 8.474   3.620   -2.096  1.00 8.34  ? 1016 VAL A CA  1 
ATOM   864  C  C   . VAL A 1 117 ? 9.635   3.242   -1.147  1.00 7.63  ? 1016 VAL A C   1 
ATOM   865  O  O   . VAL A 1 117 ? 9.739   2.106   -0.707  1.00 8.34  ? 1016 VAL A O   1 
ATOM   866  C  CB  . VAL A 1 117 ? 7.176   3.558   -1.278  1.00 8.00  ? 1016 VAL A CB  1 
ATOM   867  C  CG1 . VAL A 1 117 ? 7.221   4.578   -0.104  1.00 10.86 ? 1016 VAL A CG1 1 
ATOM   868  C  CG2 . VAL A 1 117 ? 5.928   3.774   -2.208  1.00 9.26  ? 1016 VAL A CG2 1 
ATOM   869  N  N   . LYS A 1 118 ? 10.496  4.196   -0.815  1.00 8.20  ? 1017 LYS A N   1 
ATOM   870  C  CA  . LYS A 1 118 ? 11.531  4.001   0.195   1.00 8.24  ? 1017 LYS A CA  1 
ATOM   871  C  C   . LYS A 1 118 ? 11.661  5.348   0.848   1.00 9.11  ? 1017 LYS A C   1 
ATOM   872  O  O   . LYS A 1 118 ? 12.227  6.272   0.247   1.00 9.44  ? 1017 LYS A O   1 
ATOM   873  C  CB  . LYS A 1 118 ? 12.854  3.547   -0.458  1.00 8.92  ? 1017 LYS A CB  1 
ATOM   874  C  CG  . LYS A 1 118 ? 13.987  3.483   0.512   1.00 9.61  ? 1017 LYS A CG  1 
ATOM   875  C  CD  . LYS A 1 118 ? 15.272  2.945   -0.130  1.00 11.32 ? 1017 LYS A CD  1 
ATOM   876  C  CE  . LYS A 1 118 ? 16.412  3.052   0.857   1.00 15.91 ? 1017 LYS A CE  1 
ATOM   877  N  NZ  . LYS A 1 118 ? 17.745  2.597   0.251   1.00 21.38 ? 1017 LYS A NZ  1 
ATOM   878  N  N   . VAL A 1 119 ? 11.067  5.465   2.042   1.00 7.88  ? 1018 VAL A N   1 
ATOM   879  C  CA  . VAL A 1 119 ? 11.053  6.758   2.745   1.00 8.09  ? 1018 VAL A CA  1 
ATOM   880  C  C   . VAL A 1 119 ? 11.666  6.579   4.130   1.00 9.42  ? 1018 VAL A C   1 
ATOM   881  O  O   . VAL A 1 119 ? 11.501  5.537   4.803   1.00 8.42  ? 1018 VAL A O   1 
ATOM   882  C  CB  . VAL A 1 119 ? 9.643   7.358   2.766   1.00 7.98  ? 1018 VAL A CB  1 
ATOM   883  C  CG1 . VAL A 1 119 ? 9.112   7.737   1.309   1.00 8.01  ? 1018 VAL A CG1 1 
ATOM   884  C  CG2 . VAL A 1 119 ? 8.654   6.421   3.460   1.00 7.16  ? 1018 VAL A CG2 1 
ATOM   885  N  N   . PRO A 1 120 ? 12.402  7.586   4.571   1.00 11.14 ? 1019 PRO A N   1 
ATOM   886  C  CA  . PRO A 1 120 ? 13.129  7.470   5.854   1.00 12.20 ? 1019 PRO A CA  1 
ATOM   887  C  C   . PRO A 1 120 ? 12.206  7.685   7.038   1.00 13.21 ? 1019 PRO A C   1 
ATOM   888  O  O   . PRO A 1 120 ? 11.387  8.586   7.003   1.00 14.63 ? 1019 PRO A O   1 
ATOM   889  C  CB  . PRO A 1 120 ? 14.157  8.604   5.769   1.00 12.66 ? 1019 PRO A CB  1 
ATOM   890  C  CG  . PRO A 1 120 ? 13.471  9.659   4.917   1.00 13.54 ? 1019 PRO A CG  1 
ATOM   891  C  CD  . PRO A 1 120 ? 12.614  8.894   3.890   1.00 12.48 ? 1019 PRO A CD  1 
ATOM   892  N  N   . ILE A 1 121 ? 12.302  6.865   8.089   1.00 13.50 ? 1020 ILE A N   1 
ATOM   893  C  CA  . ILE A 1 121 ? 11.371  6.980   9.190   1.00 14.30 ? 1020 ILE A CA  1 
ATOM   894  C  C   . ILE A 1 121 ? 12.042  7.485   10.472  1.00 14.90 ? 1020 ILE A C   1 
ATOM   895  O  O   . ILE A 1 121 ? 11.388  7.627   11.470  1.00 15.16 ? 1020 ILE A O   1 
ATOM   896  C  CB  . ILE A 1 121 ? 10.551  5.685   9.422   1.00 14.75 ? 1020 ILE A CB  1 
ATOM   897  C  CG1 . ILE A 1 121 ? 11.414  4.502   9.837   1.00 17.89 ? 1020 ILE A CG1 1 
ATOM   898  C  CG2 . ILE A 1 121 ? 9.727   5.388   8.151   1.00 12.97 ? 1020 ILE A CG2 1 
ATOM   899  C  CD1 . ILE A 1 121 ? 10.621  3.112   9.598   1.00 16.58 ? 1020 ILE A CD1 1 
ATOM   900  N  N   . ALA A 1 122 ? 13.323  7.819   10.394  1.00 15.51 ? 1021 ALA A N   1 
ATOM   901  C  CA  . ALA A 1 122 ? 14.019  8.421   11.558  1.00 17.92 ? 1021 ALA A CA  1 
ATOM   902  C  C   . ALA A 1 122 ? 13.268  9.557   12.192  1.00 17.65 ? 1021 ALA A C   1 
ATOM   903  O  O   . ALA A 1 122 ? 12.857  10.510  11.516  1.00 19.18 ? 1021 ALA A O   1 
ATOM   904  C  CB  . ALA A 1 122 ? 15.439  8.868   11.186  1.00 18.82 ? 1021 ALA A CB  1 
ATOM   905  N  N   . GLY A 1 123 ? 13.063  9.445   13.506  1.00 18.89 ? 1022 GLY A N   1 
ATOM   906  C  CA  . GLY A 1 123 ? 12.463  10.494  14.313  1.00 18.83 ? 1022 GLY A CA  1 
ATOM   907  C  C   . GLY A 1 123 ? 10.954  10.636  14.171  1.00 18.75 ? 1022 GLY A C   1 
ATOM   908  O  O   . GLY A 1 123 ? 10.355  11.596  14.659  1.00 19.70 ? 1022 GLY A O   1 
ATOM   909  N  N   . LYS A 1 124 ? 10.330  9.692   13.463  1.00 17.48 ? 1023 LYS A N   1 
ATOM   910  C  CA  . LYS A 1 124 ? 8.901   9.764   13.225  1.00 16.28 ? 1023 LYS A CA  1 
ATOM   911  C  C   . LYS A 1 124 ? 8.167   8.763   14.119  1.00 15.21 ? 1023 LYS A C   1 
ATOM   912  O  O   . LYS A 1 124 ? 8.734   7.729   14.462  1.00 16.83 ? 1023 LYS A O   1 
ATOM   913  C  CB  . LYS A 1 124 ? 8.637   9.504   11.737  1.00 17.08 ? 1023 LYS A CB  1 
ATOM   914  C  CG  . LYS A 1 124 ? 9.496   10.430  10.774  1.00 17.28 ? 1023 LYS A CG  1 
ATOM   915  C  CD  . LYS A 1 124 ? 9.249   11.901  11.045  1.00 21.75 ? 1023 LYS A CD  1 
ATOM   916  C  CE  . LYS A 1 124 ? 10.248  12.828  10.292  1.00 23.42 ? 1023 LYS A CE  1 
ATOM   917  N  NZ  . LYS A 1 124 ? 10.046  14.220  10.740  1.00 27.45 ? 1023 LYS A NZ  1 
ATOM   918  N  N   . ASN A 1 125 ? 6.942   9.083   14.524  1.00 14.27 ? 1024 ASN A N   1 
ATOM   919  C  CA  . ASN A 1 125 ? 6.156   8.241   15.417  1.00 15.78 ? 1024 ASN A CA  1 
ATOM   920  C  C   . ASN A 1 125 ? 5.001   7.495   14.749  1.00 12.61 ? 1024 ASN A C   1 
ATOM   921  O  O   . ASN A 1 125 ? 4.523   6.516   15.283  1.00 11.17 ? 1024 ASN A O   1 
ATOM   922  C  CB  . ASN A 1 125 ? 5.556   9.078   16.548  1.00 17.37 ? 1024 ASN A CB  1 
ATOM   923  C  CG  . ASN A 1 125 ? 6.599   9.909   17.265  1.00 24.52 ? 1024 ASN A CG  1 
ATOM   924  O  OD1 . ASN A 1 125 ? 7.676   9.390   17.630  1.00 32.19 ? 1024 ASN A OD1 1 
ATOM   925  N  ND2 . ASN A 1 125 ? 6.325   11.217  17.421  1.00 30.64 ? 1024 ASN A ND2 1 
ATOM   926  N  N   . THR A 1 126 ? 4.558   7.966   13.583  1.00 11.17 ? 1025 THR A N   1 
ATOM   927  C  CA  . THR A 1 126 ? 3.337   7.443   12.970  1.00 10.62 ? 1025 THR A CA  1 
ATOM   928  C  C   . THR A 1 126 ? 3.499   7.321   11.465  1.00 10.37 ? 1025 THR A C   1 
ATOM   929  O  O   . THR A 1 126 ? 4.004   8.222   10.844  1.00 9.99  ? 1025 THR A O   1 
ATOM   930  C  CB  . THR A 1 126 ? 2.142   8.377   13.255  1.00 11.65 ? 1025 THR A CB  1 
ATOM   931  O  OG1 . THR A 1 126 ? 2.038   8.603   14.681  1.00 14.54 ? 1025 THR A OG1 1 
ATOM   932  C  CG2 . THR A 1 126 ? 0.822   7.764   12.744  1.00 9.16  ? 1025 THR A CG2 1 
ATOM   933  N  N   . LEU A 1 127 ? 3.108   6.173   10.898  1.00 8.91  ? 1026 LEU A N   1 
ATOM   934  C  CA  . LEU A 1 127 ? 3.136   5.937   9.459   1.00 8.28  ? 1026 LEU A CA  1 
ATOM   935  C  C   . LEU A 1 127 ? 1.692   5.789   9.014   1.00 7.52  ? 1026 LEU A C   1 
ATOM   936  O  O   . LEU A 1 127 ? 0.949   4.972   9.599   1.00 8.53  ? 1026 LEU A O   1 
ATOM   937  C  CB  . LEU A 1 127 ? 3.897   4.651   9.141   1.00 8.86  ? 1026 LEU A CB  1 
ATOM   938  C  CG  . LEU A 1 127 ? 3.814   4.072   7.747   1.00 6.66  ? 1026 LEU A CG  1 
ATOM   939  C  CD1 . LEU A 1 127 ? 4.563   5.011   6.763   1.00 10.95 ? 1026 LEU A CD1 1 
ATOM   940  C  CD2 . LEU A 1 127 ? 4.383   2.649   7.741   1.00 9.11  ? 1026 LEU A CD2 1 
ATOM   941  N  N   . LYS A 1 128 ? 1.294   6.577   8.019   1.00 8.08  ? 1027 LYS A N   1 
ATOM   942  C  CA  . LYS A 1 128 ? -0.077  6.515   7.503   1.00 9.24  ? 1027 LYS A CA  1 
ATOM   943  C  C   . LYS A 1 128 ? -0.073  6.231   5.999   1.00 7.73  ? 1027 LYS A C   1 
ATOM   944  O  O   . LYS A 1 128 ? 0.610   6.884   5.216   1.00 8.38  ? 1027 LYS A O   1 
ATOM   945  C  CB  . LYS A 1 128 ? -0.880  7.776   7.826   1.00 10.11 ? 1027 LYS A CB  1 
ATOM   946  C  CG  . LYS A 1 128 ? -2.271  7.849   7.184   1.00 11.52 ? 1027 LYS A CG  1 
ATOM   947  C  CD  . LYS A 1 128 ? -2.983  9.122   7.683   1.00 13.34 ? 1027 LYS A CD  1 
ATOM   948  C  CE  . LYS A 1 128 ? -4.435  9.078   7.442   1.00 20.80 ? 1027 LYS A CE  1 
ATOM   949  N  NZ  . LYS A 1 128 ? -5.196  10.311  7.975   1.00 23.11 ? 1027 LYS A NZ  1 
ATOM   950  N  N   . LEU A 1 129 ? -0.840  5.225   5.630   1.00 7.81  ? 1028 LEU A N   1 
ATOM   951  C  CA  . LEU A 1 129 ? -1.001  4.801   4.243   1.00 6.77  ? 1028 LEU A CA  1 
ATOM   952  C  C   . LEU A 1 129 ? -2.387  5.231   3.782   1.00 7.17  ? 1028 LEU A C   1 
ATOM   953  O  O   . LEU A 1 129 ? -3.380  5.012   4.492   1.00 7.67  ? 1028 LEU A O   1 
ATOM   954  C  CB  . LEU A 1 129 ? -0.900  3.281   4.099   1.00 7.12  ? 1028 LEU A CB  1 
ATOM   955  C  CG  . LEU A 1 129 ? 0.282   2.565   4.710   1.00 7.48  ? 1028 LEU A CG  1 
ATOM   956  C  CD1 . LEU A 1 129 ? 0.193   1.053   4.399   1.00 8.07  ? 1028 LEU A CD1 1 
ATOM   957  C  CD2 . LEU A 1 129 ? 1.604   3.149   4.240   1.00 10.48 ? 1028 LEU A CD2 1 
ATOM   958  N  N   . VAL A 1 130 ? -2.438  5.868   2.628   1.00 7.75  ? 1029 VAL A N   1 
ATOM   959  C  CA  . VAL A 1 130 ? -3.711  6.308   2.049   1.00 7.70  ? 1029 VAL A CA  1 
ATOM   960  C  C   . VAL A 1 130 ? -3.836  5.790   0.610   1.00 8.24  ? 1029 VAL A C   1 
ATOM   961  O  O   . VAL A 1 130 ? -2.907  5.898   -0.215  1.00 8.16  ? 1029 VAL A O   1 
ATOM   962  C  CB  . VAL A 1 130 ? -3.855  7.830   2.053   1.00 8.56  ? 1029 VAL A CB  1 
ATOM   963  C  CG1 . VAL A 1 130 ? -5.185  8.274   1.512   1.00 9.92  ? 1029 VAL A CG1 1 
ATOM   964  C  CG2 . VAL A 1 130 ? -3.601  8.371   3.478   1.00 9.26  ? 1029 VAL A CG2 1 
ATOM   965  N  N   . VAL A 1 131 ? -4.986  5.225   0.301   1.00 6.75  ? 1030 VAL A N   1 
ATOM   966  C  CA  . VAL A 1 131 ? -5.353  4.913   -1.064  1.00 6.28  ? 1030 VAL A CA  1 
ATOM   967  C  C   . VAL A 1 131 ? -6.617  5.723   -1.420  1.00 6.51  ? 1030 VAL A C   1 
ATOM   968  O  O   . VAL A 1 131 ? -7.691  5.555   -0.795  1.00 6.37  ? 1030 VAL A O   1 
ATOM   969  C  CB  . VAL A 1 131 ? -5.609  3.410   -1.296  1.00 7.11  ? 1030 VAL A CB  1 
ATOM   970  C  CG1 . VAL A 1 131 ? -5.828  3.171   -2.813  1.00 5.46  ? 1030 VAL A CG1 1 
ATOM   971  C  CG2 . VAL A 1 131 ? -4.467  2.510   -0.770  1.00 4.80  ? 1030 VAL A CG2 1 
ATOM   972  N  N   . LYS A 1 132 ? -6.451  6.628   -2.371  1.00 6.54  ? 1031 LYS A N   1 
ATOM   973  C  CA  . LYS A 1 132 ? -7.513  7.515   -2.823  1.00 8.22  ? 1031 LYS A CA  1 
ATOM   974  C  C   . LYS A 1 132 ? -8.112  6.960   -4.108  1.00 7.41  ? 1031 LYS A C   1 
ATOM   975  O  O   . LYS A 1 132 ? -7.501  6.115   -4.809  1.00 5.84  ? 1031 LYS A O   1 
ATOM   976  C  CB  . LYS A 1 132 ? -6.975  8.932   -3.054  1.00 7.92  ? 1031 LYS A CB  1 
ATOM   977  C  CG  . LYS A 1 132 ? -6.516  9.645   -1.750  1.00 11.82 ? 1031 LYS A CG  1 
ATOM   978  C  CD  . LYS A 1 132 ? -6.090  11.070  -2.073  1.00 14.11 ? 1031 LYS A CD  1 
ATOM   979  C  CE  . LYS A 1 132 ? -6.232  11.972  -0.863  1.00 21.47 ? 1031 LYS A CE  1 
ATOM   980  N  NZ  . LYS A 1 132 ? -5.396  13.203  -0.938  1.00 23.97 ? 1031 LYS A NZ  1 
ATOM   981  N  N   . ASP A 1 133 ? -9.256  7.518   -4.494  1.00 7.99  ? 1032 ASP A N   1 
ATOM   982  C  CA  . ASP A 1 133 ? -10.057 6.917   -5.559  1.00 8.43  ? 1032 ASP A CA  1 
ATOM   983  C  C   . ASP A 1 133 ? -9.860  7.443   -6.978  1.00 8.41  ? 1032 ASP A C   1 
ATOM   984  O  O   . ASP A 1 133 ? -10.669 7.207   -7.888  1.00 8.53  ? 1032 ASP A O   1 
ATOM   985  C  CB  . ASP A 1 133 ? -11.526 7.066   -5.122  1.00 9.28  ? 1032 ASP A CB  1 
ATOM   986  C  CG  . ASP A 1 133 ? -12.077 8.443   -5.401  1.00 11.99 ? 1032 ASP A CG  1 
ATOM   987  O  OD1 . ASP A 1 133 ? -11.318 9.409   -5.740  1.00 11.13 ? 1032 ASP A OD1 1 
ATOM   988  O  OD2 . ASP A 1 133 ? -13.322 8.556   -5.310  1.00 22.14 ? 1032 ASP A OD2 1 
ATOM   989  N  N   . GLY A 1 134 ? -8.750  8.111   -7.231  1.00 10.23 ? 1033 GLY A N   1 
ATOM   990  C  CA  . GLY A 1 134 ? -8.420  8.611   -8.575  1.00 11.98 ? 1033 GLY A CA  1 
ATOM   991  C  C   . GLY A 1 134 ? -9.299  9.705   -9.137  1.00 13.66 ? 1033 GLY A C   1 
ATOM   992  O  O   . GLY A 1 134 ? -9.180  10.022  -10.318 1.00 15.82 ? 1033 GLY A O   1 
ATOM   993  N  N   . GLY A 1 135 ? -10.197 10.236  -8.325  1.00 13.40 ? 1034 GLY A N   1 
ATOM   994  C  CA  . GLY A 1 135 ? -11.036 11.367  -8.729  1.00 15.65 ? 1034 GLY A CA  1 
ATOM   995  C  C   . GLY A 1 135 ? -12.330 10.999  -9.451  1.00 16.19 ? 1034 GLY A C   1 
ATOM   996  O  O   . GLY A 1 135 ? -13.060 11.879  -9.918  1.00 17.21 ? 1034 GLY A O   1 
ATOM   997  N  N   . ASP A 1 136 ? -12.643 9.708   -9.527  1.00 15.10 ? 1035 ASP A N   1 
ATOM   998  C  CA  . ASP A 1 136 ? -13.841 9.261   -10.225 1.00 14.94 ? 1035 ASP A CA  1 
ATOM   999  C  C   . ASP A 1 136 ? -14.863 8.578   -9.316  1.00 16.00 ? 1035 ASP A C   1 
ATOM   1000 O  O   . ASP A 1 136 ? -15.817 9.230   -8.871  1.00 18.70 ? 1035 ASP A O   1 
ATOM   1001 C  CB  . ASP A 1 136 ? -13.530 8.456   -11.491 1.00 13.71 ? 1035 ASP A CB  1 
ATOM   1002 C  CG  . ASP A 1 136 ? -12.457 7.428   -11.324 1.00 11.74 ? 1035 ASP A CG  1 
ATOM   1003 O  OD1 . ASP A 1 136 ? -12.289 6.945   -10.187 1.00 7.00  ? 1035 ASP A OD1 1 
ATOM   1004 O  OD2 . ASP A 1 136 ? -11.847 7.059   -12.355 1.00 14.03 ? 1035 ASP A OD2 1 
ATOM   1005 N  N   . SER A 1 137 ? -14.752 7.273   -9.130  1.00 13.56 ? 1036 SER A N   1 
ATOM   1006 C  CA  . SER A 1 137 ? -15.501 6.521   -8.115  1.00 12.30 ? 1036 SER A CA  1 
ATOM   1007 C  C   . SER A 1 137 ? -14.536 5.504   -7.528  1.00 9.40  ? 1036 SER A C   1 
ATOM   1008 O  O   . SER A 1 137 ? -13.437 5.306   -8.056  1.00 7.88  ? 1036 SER A O   1 
ATOM   1009 C  CB  . SER A 1 137 ? -16.705 5.740   -8.698  1.00 12.40 ? 1036 SER A CB  1 
ATOM   1010 O  OG  . SER A 1 137 ? -16.357 4.535   -9.367  1.00 12.80 ? 1036 SER A OG  1 
ATOM   1011 N  N   . ILE A 1 138 ? -14.979 4.796   -6.511  1.00 8.26  ? 1037 ILE A N   1 
ATOM   1012 C  CA  . ILE A 1 138 ? -14.157 3.701   -5.963  1.00 7.82  ? 1037 ILE A CA  1 
ATOM   1013 C  C   . ILE A 1 138 ? -14.195 2.382   -6.744  1.00 7.66  ? 1037 ILE A C   1 
ATOM   1014 O  O   . ILE A 1 138 ? -13.551 1.404   -6.356  1.00 7.44  ? 1037 ILE A O   1 
ATOM   1015 C  CB  . ILE A 1 138 ? -14.408 3.464   -4.442  1.00 8.94  ? 1037 ILE A CB  1 
ATOM   1016 C  CG1 . ILE A 1 138 ? -15.801 2.899   -4.152  1.00 9.09  ? 1037 ILE A CG1 1 
ATOM   1017 C  CG2 . ILE A 1 138 ? -14.107 4.762   -3.610  1.00 9.42  ? 1037 ILE A CG2 1 
ATOM   1018 C  CD1 . ILE A 1 138 ? -15.922 2.375   -2.712  1.00 8.68  ? 1037 ILE A CD1 1 
ATOM   1019 N  N   . GLY A 1 139 ? -14.905 2.335   -7.872  1.00 7.55  ? 1038 GLY A N   1 
ATOM   1020 C  CA  . GLY A 1 139 ? -15.093 1.123   -8.592  1.00 7.87  ? 1038 GLY A CA  1 
ATOM   1021 C  C   . GLY A 1 139 ? -13.769 0.525   -9.029  1.00 6.29  ? 1038 GLY A C   1 
ATOM   1022 O  O   . GLY A 1 139 ? -12.986 1.182   -9.698  1.00 7.50  ? 1038 GLY A O   1 
ATOM   1023 N  N   . SER A 1 140 ? -13.534 -0.737  -8.649  1.00 6.80  ? 1039 SER A N   1 
ATOM   1024 C  CA  . SER A 1 140 ? -12.349 -1.490  -9.007  1.00 7.22  ? 1039 SER A CA  1 
ATOM   1025 C  C   . SER A 1 140 ? -11.041 -0.991  -8.341  1.00 5.62  ? 1039 SER A C   1 
ATOM   1026 O  O   . SER A 1 140 ? -9.958  -1.444  -8.728  1.00 6.33  ? 1039 SER A O   1 
ATOM   1027 C  CB  . SER A 1 140 ? -12.191 -1.514  -10.537 1.00 8.34  ? 1039 SER A CB  1 
ATOM   1028 O  OG  . SER A 1 140 ? -13.313 -2.184  -11.058 1.00 9.68  ? 1039 SER A OG  1 
ATOM   1029 N  N   . ASP A 1 141 ? -11.171 -0.120  -7.331  1.00 5.52  ? 1040 ASP A N   1 
ATOM   1030 C  CA  . ASP A 1 141 ? -10.020 0.593   -6.750  1.00 5.08  ? 1040 ASP A CA  1 
ATOM   1031 C  C   . ASP A 1 141 ? -9.318  -0.314  -5.719  1.00 5.99  ? 1040 ASP A C   1 
ATOM   1032 O  O   . ASP A 1 141 ? -9.152  0.060   -4.538  1.00 5.82  ? 1040 ASP A O   1 
ATOM   1033 C  CB  . ASP A 1 141 ? -10.449 1.926   -6.143  1.00 5.05  ? 1040 ASP A CB  1 
ATOM   1034 C  CG  . ASP A 1 141 ? -10.671 3.021   -7.179  1.00 6.82  ? 1040 ASP A CG  1 
ATOM   1035 O  OD1 . ASP A 1 141 ? -10.484 2.763   -8.428  1.00 7.45  ? 1040 ASP A OD1 1 
ATOM   1036 O  OD2 . ASP A 1 141 ? -10.949 4.147   -6.729  1.00 8.36  ? 1040 ASP A OD2 1 
ATOM   1037 N  N   . HIS A 1 142 ? -8.854  -1.469  -6.181  1.00 7.48  ? 1041 HIS A N   1 
ATOM   1038 C  CA  . HIS A 1 142 ? -8.128  -2.423  -5.362  1.00 6.45  ? 1041 HIS A CA  1 
ATOM   1039 C  C   . HIS A 1 142 ? -6.679  -1.994  -5.413  1.00 7.29  ? 1041 HIS A C   1 
ATOM   1040 O  O   . HIS A 1 142 ? -6.022  -2.099  -6.460  1.00 6.31  ? 1041 HIS A O   1 
ATOM   1041 C  CB  . HIS A 1 142 ? -8.239  -3.834  -5.900  1.00 6.50  ? 1041 HIS A CB  1 
ATOM   1042 C  CG  . HIS A 1 142 ? -9.638  -4.371  -6.000  1.00 5.95  ? 1041 HIS A CG  1 
ATOM   1043 N  ND1 . HIS A 1 142 ? -9.894  -5.728  -5.990  1.00 8.13  ? 1041 HIS A ND1 1 
ATOM   1044 C  CD2 . HIS A 1 142 ? -10.847 -3.762  -6.120  1.00 8.59  ? 1041 HIS A CD2 1 
ATOM   1045 C  CE1 . HIS A 1 142 ? -11.208 -5.923  -6.066  1.00 9.42  ? 1041 HIS A CE1 1 
ATOM   1046 N  NE2 . HIS A 1 142 ? -11.812 -4.753  -6.128  1.00 8.67  ? 1041 HIS A NE2 1 
ATOM   1047 N  N   . GLY A 1 143 ? -6.190  -1.520  -4.272  1.00 7.05  ? 1042 GLY A N   1 
ATOM   1048 C  CA  . GLY A 1 143 ? -4.797  -1.032  -4.159  1.00 5.96  ? 1042 GLY A CA  1 
ATOM   1049 C  C   . GLY A 1 143 ? -4.012  -1.931  -3.225  1.00 6.99  ? 1042 GLY A C   1 
ATOM   1050 O  O   . GLY A 1 143 ? -4.468  -2.247  -2.113  1.00 6.92  ? 1042 GLY A O   1 
ATOM   1051 N  N   . SER A 1 144 ? -2.834  -2.374  -3.666  1.00 5.75  ? 1043 SER A N   1 
ATOM   1052 C  CA  . SER A 1 144 ? -2.033  -3.272  -2.866  1.00 6.28  ? 1043 SER A CA  1 
ATOM   1053 C  C   . SER A 1 144 ? -0.638  -2.700  -2.615  1.00 6.69  ? 1043 SER A C   1 
ATOM   1054 O  O   . SER A 1 144 ? -0.101  -1.985  -3.455  1.00 6.42  ? 1043 SER A O   1 
ATOM   1055 C  CB  . SER A 1 144 ? -1.947  -4.667  -3.509  1.00 8.73  ? 1043 SER A CB  1 
ATOM   1056 O  OG  . SER A 1 144 ? -3.214  -5.296  -3.474  1.00 7.38  ? 1043 SER A OG  1 
ATOM   1057 N  N   . PHE A 1 145 ? -0.145  -2.926  -1.403  1.00 5.55  ? 1044 PHE A N   1 
ATOM   1058 C  CA  . PHE A 1 145 ? 1.191   -2.557  -0.968  1.00 6.71  ? 1044 PHE A CA  1 
ATOM   1059 C  C   . PHE A 1 145 ? 2.006   -3.844  -0.925  1.00 6.66  ? 1044 PHE A C   1 
ATOM   1060 O  O   . PHE A 1 145 ? 1.885   -4.630  0.018   1.00 7.37  ? 1044 PHE A O   1 
ATOM   1061 C  CB  . PHE A 1 145 ? 1.159   -1.899  0.435   1.00 6.92  ? 1044 PHE A CB  1 
ATOM   1062 C  CG  . PHE A 1 145 ? 0.337   -0.618  0.527   1.00 5.94  ? 1044 PHE A CG  1 
ATOM   1063 C  CD1 . PHE A 1 145 ? 0.959   0.614   0.425   1.00 5.70  ? 1044 PHE A CD1 1 
ATOM   1064 C  CD2 . PHE A 1 145 ? -1.047  -0.667  0.752   1.00 6.34  ? 1044 PHE A CD2 1 
ATOM   1065 C  CE1 . PHE A 1 145 ? 0.246   1.787   0.492   1.00 5.22  ? 1044 PHE A CE1 1 
ATOM   1066 C  CE2 . PHE A 1 145 ? -1.761  0.526   0.841   1.00 7.23  ? 1044 PHE A CE2 1 
ATOM   1067 C  CZ  . PHE A 1 145 ? -1.113  1.736   0.728   1.00 5.36  ? 1044 PHE A CZ  1 
ATOM   1068 N  N   . GLY A 1 146 ? 2.792   -4.089  -1.959  1.00 6.63  ? 1045 GLY A N   1 
ATOM   1069 C  CA  . GLY A 1 146 ? 3.573   -5.291  -2.063  1.00 7.87  ? 1045 GLY A CA  1 
ATOM   1070 C  C   . GLY A 1 146 ? 4.890   -5.200  -1.284  1.00 6.78  ? 1045 GLY A C   1 
ATOM   1071 O  O   . GLY A 1 146 ? 5.635   -4.223  -1.442  1.00 7.01  ? 1045 GLY A O   1 
ATOM   1072 N  N   . ASP A 1 147 ? 5.135   -6.200  -0.446  1.00 6.51  ? 1046 ASP A N   1 
ATOM   1073 C  CA  . ASP A 1 147 ? 6.339   -6.321  0.343   1.00 7.89  ? 1046 ASP A CA  1 
ATOM   1074 C  C   . ASP A 1 147 ? 6.469   -5.177  1.372   1.00 7.49  ? 1046 ASP A C   1 
ATOM   1075 O  O   . ASP A 1 147 ? 7.552   -4.870  1.807   1.00 8.74  ? 1046 ASP A O   1 
ATOM   1076 C  CB  . ASP A 1 147 ? 7.575   -6.295  -0.557  1.00 9.01  ? 1046 ASP A CB  1 
ATOM   1077 C  CG  . ASP A 1 147 ? 8.801   -6.944  0.083   1.00 12.86 ? 1046 ASP A CG  1 
ATOM   1078 O  OD1 . ASP A 1 147 ? 8.713   -8.153  0.493   1.00 15.96 ? 1046 ASP A OD1 1 
ATOM   1079 O  OD2 . ASP A 1 147 ? 9.897   -6.278  0.100   1.00 16.42 ? 1046 ASP A OD2 1 
ATOM   1080 N  N   . ALA A 1 148 ? 5.346   -4.574  1.768   1.00 6.09  ? 1047 ALA A N   1 
ATOM   1081 C  CA  . ALA A 1 148 ? 5.357   -3.417  2.662   1.00 6.63  ? 1047 ALA A CA  1 
ATOM   1082 C  C   . ALA A 1 148 ? 6.024   -3.803  3.991   1.00 6.56  ? 1047 ALA A C   1 
ATOM   1083 O  O   . ALA A 1 148 ? 5.637   -4.786  4.669   1.00 7.77  ? 1047 ALA A O   1 
ATOM   1084 C  CB  . ALA A 1 148 ? 3.927   -2.925  2.919   1.00 5.81  ? 1047 ALA A CB  1 
ATOM   1085 N  N   . LYS A 1 149 ? 7.038   -3.043  4.367   1.00 6.23  ? 1048 LYS A N   1 
ATOM   1086 C  CA  . LYS A 1 149 ? 7.851   -3.422  5.526   1.00 6.40  ? 1048 LYS A CA  1 
ATOM   1087 C  C   . LYS A 1 149 ? 8.661   -2.230  6.046   1.00 6.78  ? 1048 LYS A C   1 
ATOM   1088 O  O   . LYS A 1 149 ? 8.924   -1.303  5.305   1.00 5.75  ? 1048 LYS A O   1 
ATOM   1089 C  CB  . LYS A 1 149 ? 8.807   -4.531  5.130   1.00 6.04  ? 1048 LYS A CB  1 
ATOM   1090 C  CG  . LYS A 1 149 ? 9.906   -4.127  4.229   1.00 6.66  ? 1048 LYS A CG  1 
ATOM   1091 C  CD  . LYS A 1 149 ? 10.558  -5.325  3.584   1.00 7.59  ? 1048 LYS A CD  1 
ATOM   1092 C  CE  . LYS A 1 149 ? 11.719  -4.989  2.698   1.00 11.51 ? 1048 LYS A CE  1 
ATOM   1093 N  NZ  . LYS A 1 149 ? 12.187  -6.261  1.991   1.00 8.56  ? 1048 LYS A NZ  1 
ATOM   1094 N  N   . LEU A 1 150 ? 9.045   -2.317  7.310   1.00 6.71  ? 1049 LEU A N   1 
ATOM   1095 C  CA  . LEU A 1 150 ? 10.070  -1.494  7.938   1.00 7.49  ? 1049 LEU A CA  1 
ATOM   1096 C  C   . LEU A 1 150 ? 11.397  -2.280  7.815   1.00 7.68  ? 1049 LEU A C   1 
ATOM   1097 O  O   . LEU A 1 150 ? 11.449  -3.499  8.053   1.00 7.69  ? 1049 LEU A O   1 
ATOM   1098 C  CB  . LEU A 1 150 ? 9.731   -1.208  9.391   1.00 7.54  ? 1049 LEU A CB  1 
ATOM   1099 C  CG  . LEU A 1 150 ? 8.337   -0.680  9.710   1.00 10.63 ? 1049 LEU A CG  1 
ATOM   1100 C  CD1 . LEU A 1 150 ? 8.162   -0.378  11.225  1.00 11.20 ? 1049 LEU A CD1 1 
ATOM   1101 C  CD2 . LEU A 1 150 ? 8.005   0.503   8.817   1.00 10.97 ? 1049 LEU A CD2 1 
ATOM   1102 N  N   . THR A 1 151 ? 12.454  -1.573  7.467   1.00 9.07  ? 1050 THR A N   1 
ATOM   1103 C  CA  . THR A 1 151 ? 13.752  -2.206  7.227   1.00 10.33 ? 1050 THR A CA  1 
ATOM   1104 C  C   . THR A 1 151 ? 14.878  -1.175  7.362   1.00 12.08 ? 1050 THR A C   1 
ATOM   1105 O  O   . THR A 1 151 ? 14.652  0.037   7.638   1.00 11.24 ? 1050 THR A O   1 
ATOM   1106 C  CB  . THR A 1 151 ? 13.783  -2.907  5.830   1.00 9.67  ? 1050 THR A CB  1 
ATOM   1107 O  OG1 . THR A 1 151 ? 14.996  -3.673  5.689   1.00 10.42 ? 1050 THR A OG1 1 
ATOM   1108 C  CG2 . THR A 1 151 ? 13.697  -1.833  4.720   1.00 9.16  ? 1050 THR A CG2 1 
ATOM   1109 O  OXT . THR A 1 151 ? 16.038  -1.612  7.222   1.00 12.70 ? 1050 THR A OXT 1 
HETATM 1110 CA CA  . CA  B 2 .   ? -11.211 5.159   -9.004  1.00 7.46  ? 3050 CA  A CA  1 
HETATM 1111 O  O   . HOH C 3 .   ? -4.766  -12.215 -9.000  1.00 21.96 ? 2001 HOH A O   1 
HETATM 1112 O  O   . HOH C 3 .   ? -8.659  3.207   -16.742 1.00 23.47 ? 2002 HOH A O   1 
HETATM 1113 O  O   . HOH C 3 .   ? -5.097  10.796  -8.684  1.00 18.70 ? 2003 HOH A O   1 
HETATM 1114 O  O   . HOH C 3 .   ? -8.076  11.756  -5.523  1.00 23.74 ? 2004 HOH A O   1 
HETATM 1115 O  O   . HOH C 3 .   ? -3.213  12.239  -7.687  1.00 31.39 ? 2005 HOH A O   1 
HETATM 1116 O  O   . HOH C 3 .   ? -10.125 5.350   9.886   1.00 19.78 ? 2006 HOH A O   1 
HETATM 1117 O  O   . HOH C 3 .   ? 4.392   4.695   -15.328 1.00 24.14 ? 2007 HOH A O   1 
HETATM 1118 O  O   . HOH C 3 .   ? -0.846  10.609  11.140  1.00 24.60 ? 2008 HOH A O   1 
HETATM 1119 O  O   . HOH C 3 .   ? 1.843   6.940   -15.535 1.00 34.20 ? 2009 HOH A O   1 
HETATM 1120 O  O   . HOH C 3 .   ? -8.743  6.912   -14.760 1.00 29.43 ? 2010 HOH A O   1 
HETATM 1121 O  O   . HOH C 3 .   ? 13.240  3.445   -4.889  1.00 24.37 ? 2011 HOH A O   1 
HETATM 1122 O  O   . HOH C 3 .   ? -0.664  2.849   19.431  1.00 26.16 ? 2012 HOH A O   1 
HETATM 1123 O  O   . HOH C 3 .   ? 3.761   -13.623 -14.822 1.00 31.33 ? 2013 HOH A O   1 
HETATM 1124 O  O   . HOH C 3 .   ? 15.682  6.446   -2.123  1.00 33.23 ? 2014 HOH A O   1 
HETATM 1125 O  O   . HOH C 3 .   ? 14.960  -10.221 17.494  1.00 38.16 ? 2015 HOH A O   1 
HETATM 1126 O  O   . HOH C 3 .   ? 14.849  -7.352  16.832  1.00 43.43 ? 2016 HOH A O   1 
HETATM 1127 O  O   . HOH C 3 .   ? 16.968  -3.376  9.397   1.00 12.69 ? 2017 HOH A O   1 
HETATM 1128 O  O   . HOH C 3 .   ? 17.729  -11.196 12.299  1.00 30.81 ? 2018 HOH A O   1 
HETATM 1129 O  O   . HOH C 3 .   ? 14.057  -10.981 10.318  1.00 21.85 ? 2019 HOH A O   1 
HETATM 1130 O  O   . HOH C 3 .   ? 10.087  -10.321 9.423   1.00 21.19 ? 2020 HOH A O   1 
HETATM 1131 O  O   . HOH C 3 .   ? 8.432   -11.880 1.362   1.00 22.24 ? 2021 HOH A O   1 
HETATM 1132 O  O   . HOH C 3 .   ? 11.971  -11.443 5.420   1.00 30.84 ? 2022 HOH A O   1 
HETATM 1133 O  O   . HOH C 3 .   ? -1.068  -4.816  9.492   1.00 11.13 ? 2023 HOH A O   1 
HETATM 1134 O  O   . HOH C 3 .   ? 0.115   0.540   15.332  1.00 12.24 ? 2024 HOH A O   1 
HETATM 1135 O  O   . HOH C 3 .   ? 1.910   -3.330  16.035  1.00 21.82 ? 2025 HOH A O   1 
HETATM 1136 O  O   . HOH C 3 .   ? -7.437  -4.766  13.705  1.00 28.17 ? 2026 HOH A O   1 
HETATM 1137 O  O   . HOH C 3 .   ? -2.560  9.128   14.715  1.00 39.01 ? 2027 HOH A O   1 
HETATM 1138 O  O   . HOH C 3 .   ? -7.438  5.145   9.685   1.00 11.44 ? 2028 HOH A O   1 
HETATM 1139 O  O   . HOH C 3 .   ? -5.543  6.661   14.050  1.00 26.56 ? 2029 HOH A O   1 
HETATM 1140 O  O   . HOH C 3 .   ? -10.165 6.552   13.462  1.00 32.14 ? 2030 HOH A O   1 
HETATM 1141 O  O   . HOH C 3 .   ? -10.732 -1.734  10.510  1.00 22.72 ? 2031 HOH A O   1 
HETATM 1142 O  O   . HOH C 3 .   ? -10.938 6.937   5.824   1.00 25.02 ? 2032 HOH A O   1 
HETATM 1143 O  O   . HOH C 3 .   ? -17.676 1.556   0.509   1.00 16.76 ? 2033 HOH A O   1 
HETATM 1144 O  O   . HOH C 3 .   ? -17.550 -9.275  0.261   1.00 30.83 ? 2034 HOH A O   1 
HETATM 1145 O  O   . HOH C 3 .   ? -10.133 -3.787  1.506   1.00 10.60 ? 2035 HOH A O   1 
HETATM 1146 O  O   . HOH C 3 .   ? -8.712  -6.760  8.901   1.00 22.56 ? 2036 HOH A O   1 
HETATM 1147 O  O   . HOH C 3 .   ? -10.140 -4.642  8.240   1.00 30.43 ? 2037 HOH A O   1 
HETATM 1148 O  O   . HOH C 3 .   ? -6.150  -10.670 6.468   1.00 21.46 ? 2038 HOH A O   1 
HETATM 1149 O  O   . HOH C 3 .   ? -11.330 -7.795  1.806   1.00 21.72 ? 2039 HOH A O   1 
HETATM 1150 O  O   . HOH C 3 .   ? -10.696 -10.584 -7.538  1.00 25.24 ? 2040 HOH A O   1 
HETATM 1151 O  O   . HOH C 3 .   ? -9.801  -15.325 -2.940  1.00 35.34 ? 2041 HOH A O   1 
HETATM 1152 O  O   . HOH C 3 .   ? -7.357  -17.053 -3.854  1.00 39.68 ? 2042 HOH A O   1 
HETATM 1153 O  O   . HOH C 3 .   ? -4.024  -15.934 -5.622  1.00 24.61 ? 2043 HOH A O   1 
HETATM 1154 O  O   . HOH C 3 .   ? -2.636  -13.805 -7.721  1.00 26.46 ? 2044 HOH A O   1 
HETATM 1155 O  O   . HOH C 3 .   ? 7.855   -11.714 -15.717 1.00 15.38 ? 2045 HOH A O   1 
HETATM 1156 O  O   . HOH C 3 .   ? 1.753   -11.772 -16.158 1.00 22.42 ? 2046 HOH A O   1 
HETATM 1157 O  O   . HOH C 3 .   ? 7.127   -9.710  -13.817 1.00 15.25 ? 2047 HOH A O   1 
HETATM 1158 O  O   . HOH C 3 .   ? 0.173   -14.521 -8.365  1.00 23.04 ? 2048 HOH A O   1 
HETATM 1159 O  O   . HOH C 3 .   ? 4.069   -13.763 -10.626 1.00 23.85 ? 2049 HOH A O   1 
HETATM 1160 O  O   . HOH C 3 .   ? 7.824   -9.922  -5.155  1.00 13.29 ? 2050 HOH A O   1 
HETATM 1161 O  O   . HOH C 3 .   ? 9.193   -6.691  -6.525  1.00 19.47 ? 2051 HOH A O   1 
HETATM 1162 O  O   . HOH C 3 .   ? 0.052   -11.778 -1.238  1.00 12.78 ? 2052 HOH A O   1 
HETATM 1163 O  O   . HOH C 3 .   ? 8.136   -13.875 2.238   1.00 31.11 ? 2053 HOH A O   1 
HETATM 1164 O  O   . HOH C 3 .   ? 1.176   -14.863 0.830   1.00 33.21 ? 2054 HOH A O   1 
HETATM 1165 O  O   . HOH C 3 .   ? 7.370   -11.651 -2.552  1.00 14.08 ? 2055 HOH A O   1 
HETATM 1166 O  O   . HOH C 3 .   ? -13.471 4.591   3.061   1.00 22.20 ? 2056 HOH A O   1 
HETATM 1167 O  O   . HOH C 3 .   ? -14.545 4.721   0.136   1.00 10.92 ? 2057 HOH A O   1 
HETATM 1168 O  O   . HOH C 3 .   ? -6.985  8.080   9.235   1.00 17.40 ? 2058 HOH A O   1 
HETATM 1169 O  O   . HOH C 3 .   ? 2.066   2.608   20.114  1.00 36.58 ? 2059 HOH A O   1 
HETATM 1170 O  O   . HOH C 3 .   ? 2.733   -0.680  14.767  1.00 20.20 ? 2060 HOH A O   1 
HETATM 1171 O  O   . HOH C 3 .   ? 18.751  0.616   11.353  1.00 33.50 ? 2061 HOH A O   1 
HETATM 1172 O  O   . HOH C 3 .   ? 10.925  -5.731  15.916  1.00 38.33 ? 2062 HOH A O   1 
HETATM 1173 O  O   . HOH C 3 .   ? 15.667  7.026   8.632   1.00 17.20 ? 2063 HOH A O   1 
HETATM 1174 O  O   . HOH C 3 .   ? 11.824  -2.631  -0.933  1.00 13.10 ? 2064 HOH A O   1 
HETATM 1175 O  O   . HOH C 3 .   ? 16.931  -0.799  1.738   1.00 31.07 ? 2065 HOH A O   1 
HETATM 1176 O  O   . HOH C 3 .   ? 0.010   -2.397  -10.338 1.00 8.06  ? 2066 HOH A O   1 
HETATM 1177 O  O   . HOH C 3 .   ? -3.831  -10.288 -7.260  1.00 12.10 ? 2067 HOH A O   1 
HETATM 1178 O  O   . HOH C 3 .   ? -2.581  -4.685  -16.588 1.00 12.92 ? 2068 HOH A O   1 
HETATM 1179 O  O   . HOH C 3 .   ? -10.243 -10.694 -10.453 1.00 18.68 ? 2069 HOH A O   1 
HETATM 1180 O  O   . HOH C 3 .   ? -11.929 -3.918  -20.212 1.00 16.53 ? 2070 HOH A O   1 
HETATM 1181 O  O   . HOH C 3 .   ? -11.731 -0.682  -18.490 1.00 26.15 ? 2071 HOH A O   1 
HETATM 1182 O  O   . HOH C 3 .   ? -7.942  -1.055  -17.798 1.00 27.25 ? 2072 HOH A O   1 
HETATM 1183 O  O   . HOH C 3 .   ? -10.306 4.742   -14.865 1.00 17.59 ? 2073 HOH A O   1 
HETATM 1184 O  O   . HOH C 3 .   ? -7.820  1.141   -15.028 1.00 10.29 ? 2074 HOH A O   1 
HETATM 1185 O  O   . HOH C 3 .   ? -2.650  11.396  -4.489  1.00 11.56 ? 2075 HOH A O   1 
HETATM 1186 O  O   . HOH C 3 .   ? -4.726  12.072  4.605   1.00 31.12 ? 2076 HOH A O   1 
HETATM 1187 O  O   . HOH C 3 .   ? 1.348   9.806   9.696   1.00 18.12 ? 2077 HOH A O   1 
HETATM 1188 O  O   . HOH C 3 .   ? -1.382  13.073  9.892   1.00 29.75 ? 2078 HOH A O   1 
HETATM 1189 O  O   . HOH C 3 .   ? -0.684  15.783  6.634   1.00 27.66 ? 2079 HOH A O   1 
HETATM 1190 O  O   . HOH C 3 .   ? 4.990   16.005  11.365  1.00 17.19 ? 2080 HOH A O   1 
HETATM 1191 O  O   . HOH C 3 .   ? 0.650   12.134  13.176  1.00 24.93 ? 2081 HOH A O   1 
HETATM 1192 O  O   . HOH C 3 .   ? 7.977   13.494  8.283   1.00 22.69 ? 2082 HOH A O   1 
HETATM 1193 O  O   . HOH C 3 .   ? -0.056  17.575  -3.209  1.00 24.51 ? 2083 HOH A O   1 
HETATM 1194 O  O   . HOH C 3 .   ? 1.666   17.085  3.735   1.00 16.21 ? 2084 HOH A O   1 
HETATM 1195 O  O   . HOH C 3 .   ? 6.067   12.326  -6.601  1.00 28.44 ? 2085 HOH A O   1 
HETATM 1196 O  O   . HOH C 3 .   ? 5.403   9.305   -7.532  1.00 33.70 ? 2086 HOH A O   1 
HETATM 1197 O  O   . HOH C 3 .   ? -1.484  14.677  -5.577  1.00 32.14 ? 2087 HOH A O   1 
HETATM 1198 O  O   . HOH C 3 .   ? 2.926   12.549  -7.591  1.00 34.76 ? 2088 HOH A O   1 
HETATM 1199 O  O   . HOH C 3 .   ? 2.301   15.686  -4.204  1.00 15.80 ? 2089 HOH A O   1 
HETATM 1200 O  O   . HOH C 3 .   ? 6.393   10.742  -4.162  1.00 12.48 ? 2090 HOH A O   1 
HETATM 1201 O  O   . HOH C 3 .   ? 1.093   8.505   -11.530 1.00 23.68 ? 2091 HOH A O   1 
HETATM 1202 O  O   . HOH C 3 .   ? -1.493  7.695   -14.766 1.00 22.17 ? 2092 HOH A O   1 
HETATM 1203 O  O   . HOH C 3 .   ? -1.629  12.166  -11.328 1.00 20.35 ? 2093 HOH A O   1 
HETATM 1204 O  O   . HOH C 3 .   ? -4.258  1.611   -17.544 1.00 24.32 ? 2094 HOH A O   1 
HETATM 1205 O  O   . HOH C 3 .   ? -5.600  -2.725  -16.810 1.00 18.75 ? 2095 HOH A O   1 
HETATM 1206 O  O   . HOH C 3 .   ? -1.155  0.148   -11.353 1.00 8.55  ? 2096 HOH A O   1 
HETATM 1207 O  O   . HOH C 3 .   ? -0.317  4.694   -16.689 1.00 25.14 ? 2097 HOH A O   1 
HETATM 1208 O  O   . HOH C 3 .   ? 6.983   1.568   -16.872 1.00 30.87 ? 2098 HOH A O   1 
HETATM 1209 O  O   . HOH C 3 .   ? 4.800   3.848   -12.783 1.00 14.77 ? 2099 HOH A O   1 
HETATM 1210 O  O   . HOH C 3 .   ? 3.018   2.745   -16.676 1.00 18.18 ? 2100 HOH A O   1 
HETATM 1211 O  O   . HOH C 3 .   ? 7.284   2.648   -12.146 1.00 22.58 ? 2101 HOH A O   1 
HETATM 1212 O  O   . HOH C 3 .   ? 3.074   7.590   -13.196 1.00 26.30 ? 2102 HOH A O   1 
HETATM 1213 O  O   . HOH C 3 .   ? 8.400   5.873   -7.087  1.00 30.97 ? 2103 HOH A O   1 
HETATM 1214 O  O   . HOH C 3 .   ? 9.634   6.752   -4.612  1.00 34.64 ? 2104 HOH A O   1 
HETATM 1215 O  O   . HOH C 3 .   ? 9.464   3.344   -8.622  1.00 20.11 ? 2105 HOH A O   1 
HETATM 1216 O  O   . HOH C 3 .   ? 13.321  6.219   -2.567  1.00 30.96 ? 2106 HOH A O   1 
HETATM 1217 O  O   . HOH C 3 .   ? 14.570  7.374   1.109   1.00 26.75 ? 2107 HOH A O   1 
HETATM 1218 O  O   . HOH C 3 .   ? 10.994  5.726   13.787  1.00 31.28 ? 2108 HOH A O   1 
HETATM 1219 O  O   . HOH C 3 .   ? 15.014  12.836  12.027  1.00 29.29 ? 2109 HOH A O   1 
HETATM 1220 O  O   . HOH C 3 .   ? 12.419  10.967  8.637   1.00 19.41 ? 2110 HOH A O   1 
HETATM 1221 O  O   . HOH C 3 .   ? 10.476  14.378  13.845  1.00 31.73 ? 2111 HOH A O   1 
HETATM 1222 O  O   . HOH C 3 .   ? 7.396   15.737  10.120  1.00 31.03 ? 2112 HOH A O   1 
HETATM 1223 O  O   . HOH C 3 .   ? 1.734   6.815   16.908  1.00 21.97 ? 2113 HOH A O   1 
HETATM 1224 O  O   . HOH C 3 .   ? -5.590  9.572   10.890  1.00 32.59 ? 2114 HOH A O   1 
HETATM 1225 O  O   . HOH C 3 .   ? -14.039 11.184  -6.230  1.00 34.73 ? 2115 HOH A O   1 
HETATM 1226 O  O   . HOH C 3 .   ? -10.625 9.016   -2.227  1.00 8.18  ? 2116 HOH A O   1 
HETATM 1227 O  O   . HOH C 3 .   ? -13.455 8.440   -1.962  1.00 29.27 ? 2117 HOH A O   1 
HETATM 1228 O  O   . HOH C 3 .   ? -9.460  9.056   -13.122 1.00 34.15 ? 2118 HOH A O   1 
HETATM 1229 O  O   . HOH C 3 .   ? -6.871  11.896  -10.470 1.00 24.47 ? 2119 HOH A O   1 
HETATM 1230 O  O   . HOH C 3 .   ? -6.677  9.851   -6.379  1.00 9.71  ? 2120 HOH A O   1 
HETATM 1231 O  O   . HOH C 3 .   ? -19.282 3.641   -9.344  1.00 25.50 ? 2121 HOH A O   1 
HETATM 1232 O  O   . HOH C 3 .   ? -14.748 4.947   -11.449 1.00 12.16 ? 2122 HOH A O   1 
HETATM 1233 O  O   . HOH C 3 .   ? -17.247 6.210   -5.231  1.00 16.92 ? 2123 HOH A O   1 
HETATM 1234 O  O   . HOH C 3 .   ? -12.420 3.682   -10.594 1.00 5.84  ? 2124 HOH A O   1 
HETATM 1235 O  O   . HOH C 3 .   ? -5.978  -4.900  -2.957  1.00 10.00 ? 2125 HOH A O   1 
HETATM 1236 O  O   . HOH C 3 .   ? 11.601  -5.898  -2.171  1.00 35.48 ? 2126 HOH A O   1 
HETATM 1237 O  O   . HOH C 3 .   ? 6.938   -10.112 -0.281  1.00 16.55 ? 2127 HOH A O   1 
HETATM 1238 O  O   . HOH C 3 .   ? 9.571   -3.587  0.168   1.00 17.48 ? 2128 HOH A O   1 
HETATM 1239 O  O   . HOH C 3 .   ? 10.947  -9.507  1.059   1.00 16.31 ? 2129 HOH A O   1 
HETATM 1240 O  O   . HOH C 3 .   ? 3.277   -6.296  4.745   1.00 9.82  ? 2130 HOH A O   1 
HETATM 1241 O  O   . HOH C 3 .   ? 12.889  -7.891  4.045   1.00 10.93 ? 2131 HOH A O   1 
HETATM 1242 O  O   . HOH C 3 .   ? 17.407  -0.251  9.338   1.00 30.99 ? 2132 HOH A O   1 
# 
